data_8TP4
#
_entry.id   8TP4
#
_cell.length_a   1.00
_cell.length_b   1.00
_cell.length_c   1.00
_cell.angle_alpha   90.00
_cell.angle_beta   90.00
_cell.angle_gamma   90.00
#
_symmetry.space_group_name_H-M   'P 1'
#
loop_
_entity.id
_entity.type
_entity.pdbx_description
1 polymer Hemagglutinin
2 polymer 'Heavy chain of Fab 1-1-1E04'
3 polymer 'Light chain of Fab 1-1-1E04'
4 branched 2-acetamido-2-deoxy-beta-D-glucopyranose-(1-4)-2-acetamido-2-deoxy-beta-D-glucopyranose
5 non-polymer 2-acetamido-2-deoxy-beta-D-glucopyranose
#
loop_
_entity_poly.entity_id
_entity_poly.type
_entity_poly.pdbx_seq_one_letter_code
_entity_poly.pdbx_strand_id
1 'polypeptide(L)'
;MAIIYLILLFTAVRGDQICIGYHANNSTEKVDTILERNVTVTHAKDILEKTHNGKLCKLNGIPPLELGDCSIAGWLLGNP
ECDRLLSVPEWSYIMEKENPRDGLCYPGSFNDYEELKHLLSSVKHFEKVKILPKDRWTQHTTTGGSRACAVSGNPSFFRN
MVWLTKKGSNYPVAKGSYNNTSGEQMLIIWGVHHPNDETEQRTLYQNVGTYVSVGTSTLNKRSTPDIATRPKVNGQGGRM
EFSWTLLDMWDTINFESTGNLIAPEYGFKISKRGSSGIMKTEGTLENCETKCQTPLGAINTTLPFHNVHPLTIGECPKYV
KSEKLVLATGLRNVPQIESRGLFGAIAGFIEGGWQGMVDGWYGYHHSNDQGSGYAADKESTQKAFDGITNKVNSVIEKMN
TQFEAVGKEFSNLERRLENLNKKMEDGFLDVWTYNAELLVLMENERTLDFHDSNVKNLYDKVRMQLRDNVKELGNGCFEF
YHKCDDECMNSVKNGTYDYPKYEEES
;
C,A,B
2 'polypeptide(L)'
;QVQLVQSGAQLRKPGSSVTVSCKASGDTFNSYSIHWVRQAPGQGLEWMGRIIPVFGMTHYAQRFRGRITVSADKSTRTAY
MELTSLTSADTAMYYCARDGGDKFHSSGHFETNQGYFDHWGQGALVTVSS
;
H
3 'polypeptide(L)'
;QSVLTQPPSVSGAPGQRVTVSCTGSSSNLGATYEVHWYQQFPGTAPKLLIYGSTNRPSGVPERFSGSKSGTSASLTITGL
QAEDEADYYCQSYDTSLRGFYVFGTGTKVTVLGQPKANPTVTLFP
;
L
#
loop_
_chem_comp.id
_chem_comp.type
_chem_comp.name
_chem_comp.formula
NAG D-saccharide, beta linking 2-acetamido-2-deoxy-beta-D-glucopyranose 'C8 H15 N O6'
#
# COMPACT_ATOMS: atom_id res chain seq x y z
N ASP A 16 57.60 -45.37 -4.83
CA ASP A 16 57.24 -43.96 -4.65
C ASP A 16 55.70 -43.88 -4.62
N GLN A 17 55.12 -42.67 -4.39
CA GLN A 17 53.63 -42.52 -4.42
C GLN A 17 53.14 -41.12 -4.68
N ILE A 18 51.91 -40.99 -5.21
CA ILE A 18 51.23 -39.67 -5.38
C ILE A 18 49.91 -39.84 -4.65
N CYS A 19 49.35 -38.81 -4.02
CA CYS A 19 48.02 -38.89 -3.36
C CYS A 19 47.20 -37.68 -3.82
N ILE A 20 45.87 -37.74 -3.90
CA ILE A 20 44.99 -36.63 -4.37
C ILE A 20 44.22 -36.09 -3.17
N GLY A 21 44.18 -34.76 -2.98
CA GLY A 21 43.66 -34.18 -1.72
C GLY A 21 42.94 -32.87 -1.81
N TYR A 22 42.23 -32.47 -0.77
CA TYR A 22 41.51 -31.18 -0.71
C TYR A 22 42.17 -30.23 0.29
N HIS A 23 42.22 -28.95 0.01
CA HIS A 23 42.78 -27.94 0.94
C HIS A 23 41.98 -27.89 2.21
N ALA A 24 42.63 -27.78 3.34
CA ALA A 24 41.85 -27.59 4.57
C ALA A 24 42.42 -26.35 5.20
N ASN A 25 41.76 -25.90 6.23
CA ASN A 25 42.12 -24.54 6.72
C ASN A 25 41.86 -24.36 8.22
N ASN A 26 42.01 -23.13 8.68
CA ASN A 26 41.79 -22.79 10.12
C ASN A 26 40.53 -21.97 10.24
N SER A 27 39.52 -22.27 9.43
CA SER A 27 38.26 -21.50 9.41
C SER A 27 37.23 -22.06 10.38
N THR A 28 36.49 -21.20 11.05
CA THR A 28 35.42 -21.50 11.99
C THR A 28 34.10 -20.99 11.44
N GLU A 29 34.10 -20.67 10.15
CA GLU A 29 32.93 -20.15 9.45
C GLU A 29 31.92 -21.26 9.25
N LYS A 30 30.66 -21.06 9.66
CA LYS A 30 29.69 -22.13 9.48
C LYS A 30 28.53 -21.80 8.57
N VAL A 31 28.14 -22.79 7.80
CA VAL A 31 27.07 -22.72 6.82
C VAL A 31 26.02 -23.83 6.98
N ASP A 32 24.73 -23.47 6.89
CA ASP A 32 23.66 -24.45 6.97
C ASP A 32 23.22 -24.95 5.60
N THR A 33 22.82 -26.21 5.52
CA THR A 33 22.30 -26.80 4.28
C THR A 33 20.97 -27.49 4.56
N ILE A 34 20.35 -28.02 3.52
CA ILE A 34 19.09 -28.73 3.73
C ILE A 34 19.28 -29.99 4.56
N LEU A 35 20.32 -30.77 4.27
CA LEU A 35 20.55 -32.03 4.99
C LEU A 35 21.28 -31.92 6.33
N GLU A 36 22.15 -30.92 6.47
CA GLU A 36 22.96 -30.83 7.71
C GLU A 36 23.20 -29.36 8.10
N ARG A 37 23.49 -29.11 9.38
CA ARG A 37 23.71 -27.72 9.87
C ARG A 37 25.11 -27.60 10.47
N ASN A 38 25.61 -26.37 10.67
CA ASN A 38 26.93 -26.14 11.31
C ASN A 38 28.05 -26.80 10.51
N VAL A 39 27.94 -26.82 9.18
CA VAL A 39 29.04 -27.38 8.35
C VAL A 39 30.15 -26.32 8.30
N THR A 40 31.27 -26.54 9.02
CA THR A 40 32.35 -25.59 8.94
C THR A 40 32.87 -25.64 7.53
N VAL A 41 33.11 -24.49 6.93
CA VAL A 41 33.64 -24.44 5.57
C VAL A 41 34.89 -23.60 5.52
N THR A 42 35.71 -23.81 4.50
CA THR A 42 36.93 -23.02 4.39
C THR A 42 36.67 -21.58 3.97
N HIS A 43 35.63 -21.37 3.17
CA HIS A 43 35.27 -20.05 2.68
C HIS A 43 33.76 -19.89 2.59
N ALA A 44 33.25 -18.69 2.85
CA ALA A 44 31.83 -18.41 2.69
C ALA A 44 31.59 -16.94 2.43
N LYS A 45 30.44 -16.63 1.87
CA LYS A 45 30.05 -15.26 1.64
C LYS A 45 28.71 -14.94 2.28
N ASP A 46 28.70 -13.91 3.10
CA ASP A 46 27.49 -13.43 3.76
C ASP A 46 26.82 -12.46 2.81
N ILE A 47 25.58 -12.76 2.40
CA ILE A 47 24.91 -11.91 1.41
C ILE A 47 23.79 -11.05 2.01
N LEU A 48 23.72 -11.01 3.35
CA LEU A 48 22.71 -10.21 4.04
C LEU A 48 23.38 -9.06 4.82
N GLU A 49 22.98 -7.84 4.53
CA GLU A 49 23.53 -6.67 5.20
C GLU A 49 22.83 -6.37 6.50
N LYS A 50 23.59 -6.39 7.58
CA LYS A 50 23.07 -6.18 8.92
C LYS A 50 23.46 -4.85 9.57
N THR A 51 24.29 -4.04 8.91
CA THR A 51 24.78 -2.80 9.52
C THR A 51 24.30 -1.53 8.85
N HIS A 52 24.00 -0.54 9.68
CA HIS A 52 23.62 0.79 9.25
C HIS A 52 24.38 1.81 10.10
N ASN A 53 24.50 3.03 9.59
CA ASN A 53 25.26 4.10 10.24
C ASN A 53 24.71 4.65 11.54
N GLY A 54 23.41 4.59 11.71
CA GLY A 54 22.78 5.18 12.89
C GLY A 54 22.51 6.66 12.64
N LYS A 55 22.82 7.12 11.44
CA LYS A 55 22.68 8.50 11.07
C LYS A 55 21.76 8.73 9.91
N LEU A 56 21.07 9.85 9.97
CA LEU A 56 20.24 10.34 8.87
C LEU A 56 21.21 11.16 8.01
N CYS A 57 21.34 10.79 6.72
CA CYS A 57 22.30 11.34 5.76
C CYS A 57 21.63 12.05 4.60
N LYS A 58 22.45 12.66 3.75
CA LYS A 58 21.98 13.35 2.58
C LYS A 58 21.89 12.35 1.43
N LEU A 59 20.68 12.05 1.01
CA LEU A 59 20.49 11.05 -0.02
C LEU A 59 20.89 11.66 -1.34
N ASN A 60 21.84 11.00 -1.99
CA ASN A 60 22.43 11.41 -3.24
C ASN A 60 23.15 12.76 -3.10
N GLY A 61 23.55 13.11 -1.87
CA GLY A 61 24.28 14.33 -1.58
C GLY A 61 23.39 15.54 -1.34
N ILE A 62 22.09 15.36 -1.45
CA ILE A 62 21.13 16.44 -1.29
C ILE A 62 20.43 16.24 0.06
N PRO A 63 20.40 17.22 0.95
CA PRO A 63 19.82 17.09 2.25
C PRO A 63 18.31 16.99 2.14
N PRO A 64 17.65 16.44 3.14
CA PRO A 64 16.22 16.35 3.34
C PRO A 64 15.56 17.64 3.75
N LEU A 65 14.25 17.67 3.67
CA LEU A 65 13.49 18.76 4.23
C LEU A 65 13.29 18.40 5.67
N GLU A 66 13.78 19.21 6.58
CA GLU A 66 13.67 18.85 7.97
C GLU A 66 12.56 19.63 8.64
N LEU A 67 11.41 18.99 8.78
CA LEU A 67 10.25 19.70 9.28
C LEU A 67 10.30 19.83 10.78
N GLY A 68 11.03 18.96 11.44
CA GLY A 68 11.05 19.05 12.88
C GLY A 68 9.65 18.81 13.37
N ASP A 69 9.13 19.74 14.14
CA ASP A 69 7.79 19.58 14.70
C ASP A 69 6.63 20.01 13.81
N CYS A 70 6.88 20.49 12.55
CA CYS A 70 5.87 20.91 11.59
C CYS A 70 5.28 19.73 10.83
N SER A 71 4.00 19.80 10.60
CA SER A 71 3.34 18.80 9.79
C SER A 71 3.36 19.34 8.39
N ILE A 72 2.97 18.54 7.42
CA ILE A 72 2.91 19.04 6.07
C ILE A 72 1.89 20.15 5.96
N ALA A 73 0.73 20.00 6.59
CA ALA A 73 -0.25 21.07 6.51
C ALA A 73 0.30 22.33 7.16
N GLY A 74 1.01 22.20 8.27
CA GLY A 74 1.54 23.38 8.93
C GLY A 74 2.52 24.09 8.03
N TRP A 75 3.36 23.33 7.37
CA TRP A 75 4.34 23.87 6.47
C TRP A 75 3.73 24.63 5.32
N LEU A 76 2.78 24.02 4.63
CA LEU A 76 2.21 24.62 3.44
C LEU A 76 1.20 25.74 3.73
N LEU A 77 0.53 25.68 4.88
CA LEU A 77 -0.42 26.72 5.21
C LEU A 77 0.33 27.91 5.78
N GLY A 78 1.48 27.67 6.41
CA GLY A 78 2.20 28.75 7.01
C GLY A 78 1.96 28.88 8.50
N ASN A 79 1.90 27.79 9.21
CA ASN A 79 1.76 27.87 10.65
C ASN A 79 2.86 28.82 11.11
N PRO A 80 2.59 29.85 11.91
CA PRO A 80 3.55 30.84 12.39
C PRO A 80 4.75 30.24 13.11
N GLU A 81 4.65 29.01 13.57
CA GLU A 81 5.80 28.39 14.23
C GLU A 81 6.78 27.67 13.24
N CYS A 82 6.46 27.68 11.92
CA CYS A 82 7.14 27.06 10.80
C CYS A 82 7.70 28.19 9.92
N ASP A 83 8.12 29.29 10.55
CA ASP A 83 8.65 30.45 9.82
C ASP A 83 9.98 30.18 9.16
N ARG A 84 10.64 29.13 9.58
CA ARG A 84 11.93 28.75 9.04
C ARG A 84 11.77 27.86 7.82
N LEU A 85 10.52 27.51 7.48
CA LEU A 85 10.22 26.66 6.35
C LEU A 85 9.56 27.44 5.22
N LEU A 86 9.70 28.76 5.26
CA LEU A 86 9.09 29.64 4.26
C LEU A 86 9.99 29.89 3.05
N SER A 87 11.08 29.16 2.88
CA SER A 87 11.84 29.35 1.62
C SER A 87 12.68 28.11 1.39
N VAL A 88 12.21 26.97 1.90
CA VAL A 88 12.96 25.68 1.83
C VAL A 88 13.61 25.44 0.47
N PRO A 89 14.90 25.03 0.43
CA PRO A 89 15.56 24.70 -0.82
C PRO A 89 15.32 23.22 -1.14
N GLU A 90 15.68 22.80 -2.34
CA GLU A 90 15.53 21.39 -2.80
C GLU A 90 15.90 20.35 -1.76
N TRP A 91 14.99 19.41 -1.56
CA TRP A 91 15.19 18.30 -0.65
C TRP A 91 15.29 16.98 -1.37
N SER A 92 16.00 16.04 -0.78
CA SER A 92 16.07 14.69 -1.31
C SER A 92 14.98 13.77 -0.83
N TYR A 93 14.51 14.02 0.39
CA TYR A 93 13.44 13.29 1.05
C TYR A 93 12.86 14.20 2.11
N ILE A 94 11.67 13.92 2.57
CA ILE A 94 11.09 14.73 3.63
C ILE A 94 11.18 14.01 4.93
N MET A 95 11.72 14.69 5.91
CA MET A 95 11.89 14.12 7.22
C MET A 95 10.84 14.72 8.15
N GLU A 96 9.95 13.88 8.66
CA GLU A 96 8.83 14.34 9.47
C GLU A 96 8.73 13.57 10.78
N LYS A 97 8.47 14.26 11.89
CA LYS A 97 8.30 13.58 13.16
C LYS A 97 6.92 12.98 13.25
N GLU A 98 6.77 11.90 13.99
CA GLU A 98 5.45 11.36 14.17
C GLU A 98 4.74 12.19 15.22
N ASN A 99 3.47 12.46 15.02
CA ASN A 99 2.71 13.29 15.94
C ASN A 99 3.35 14.66 16.16
N PRO A 100 3.50 15.46 15.08
CA PRO A 100 4.09 16.78 15.06
C PRO A 100 3.16 17.72 15.79
N ARG A 101 3.68 18.86 16.24
CA ARG A 101 2.83 19.80 16.96
C ARG A 101 2.38 20.97 16.12
N ASP A 102 3.22 21.41 15.22
CA ASP A 102 2.97 22.60 14.45
C ASP A 102 2.19 22.27 13.19
N GLY A 103 0.95 21.92 13.41
CA GLY A 103 0.04 21.50 12.36
C GLY A 103 -0.90 22.62 12.06
N LEU A 104 -2.15 22.44 12.42
CA LEU A 104 -3.09 23.50 12.20
C LEU A 104 -3.24 24.22 13.53
N CYS A 105 -2.73 25.49 13.61
CA CYS A 105 -2.76 26.31 14.82
C CYS A 105 -4.19 26.73 15.13
N TYR A 106 -4.99 26.81 14.09
CA TYR A 106 -6.38 27.12 14.22
C TYR A 106 -6.97 25.74 14.01
N PRO A 107 -7.81 25.21 14.88
CA PRO A 107 -8.31 23.86 14.79
C PRO A 107 -9.04 23.68 13.51
N GLY A 108 -8.96 22.49 12.97
CA GLY A 108 -9.61 22.25 11.71
C GLY A 108 -9.22 20.91 11.16
N SER A 109 -9.44 20.76 9.88
CA SER A 109 -9.16 19.53 9.17
C SER A 109 -8.69 19.84 7.78
N PHE A 110 -8.07 18.88 7.14
CA PHE A 110 -7.56 19.11 5.81
C PHE A 110 -8.06 17.95 4.96
N ASN A 111 -8.76 18.27 3.89
CA ASN A 111 -9.34 17.28 3.02
C ASN A 111 -8.31 16.68 2.12
N ASP A 112 -8.43 15.38 1.83
CA ASP A 112 -7.52 14.70 0.94
C ASP A 112 -6.09 14.96 1.39
N TYR A 113 -5.87 14.89 2.69
CA TYR A 113 -4.57 15.18 3.23
C TYR A 113 -3.57 14.11 2.96
N GLU A 114 -3.98 12.86 3.09
CA GLU A 114 -3.08 11.76 2.85
C GLU A 114 -2.70 11.72 1.39
N GLU A 115 -3.63 12.10 0.54
CA GLU A 115 -3.42 12.13 -0.89
C GLU A 115 -2.41 13.24 -1.22
N LEU A 116 -2.48 14.36 -0.50
CA LEU A 116 -1.48 15.41 -0.70
C LEU A 116 -0.11 14.94 -0.24
N LYS A 117 -0.03 14.27 0.91
CA LYS A 117 1.27 13.80 1.37
C LYS A 117 1.85 12.83 0.35
N HIS A 118 0.99 12.03 -0.29
CA HIS A 118 1.43 11.14 -1.34
C HIS A 118 1.98 11.95 -2.50
N LEU A 119 1.30 13.02 -2.89
CA LEU A 119 1.79 13.87 -3.98
C LEU A 119 3.19 14.34 -3.73
N LEU A 120 3.50 14.67 -2.49
CA LEU A 120 4.81 15.20 -2.17
C LEU A 120 5.93 14.18 -2.30
N SER A 121 5.63 12.90 -2.48
CA SER A 121 6.67 11.90 -2.66
C SER A 121 7.32 12.07 -4.04
N SER A 122 6.69 12.88 -4.90
CA SER A 122 7.21 13.16 -6.24
C SER A 122 7.74 14.58 -6.32
N VAL A 123 7.85 15.27 -5.19
CA VAL A 123 8.27 16.65 -5.23
C VAL A 123 9.52 16.85 -4.42
N LYS A 124 10.51 17.49 -5.03
CA LYS A 124 11.77 17.82 -4.38
C LYS A 124 11.90 19.31 -4.12
N HIS A 125 11.12 20.13 -4.80
CA HIS A 125 11.22 21.57 -4.59
C HIS A 125 9.98 22.28 -5.06
N PHE A 126 9.59 23.34 -4.35
CA PHE A 126 8.50 24.19 -4.76
C PHE A 126 8.93 25.62 -4.84
N GLU A 127 8.36 26.35 -5.77
CA GLU A 127 8.57 27.78 -5.82
C GLU A 127 7.32 28.46 -5.33
N LYS A 128 7.43 29.23 -4.26
CA LYS A 128 6.22 29.83 -3.75
C LYS A 128 5.91 31.11 -4.54
N VAL A 129 4.70 31.18 -5.09
CA VAL A 129 4.26 32.27 -5.95
C VAL A 129 3.10 33.06 -5.38
N LYS A 130 3.24 34.37 -5.34
CA LYS A 130 2.17 35.18 -4.79
C LYS A 130 1.04 35.44 -5.80
N ILE A 131 0.12 34.48 -5.86
CA ILE A 131 -0.99 34.48 -6.80
C ILE A 131 -2.10 35.50 -6.50
N LEU A 132 -2.36 35.77 -5.23
CA LEU A 132 -3.43 36.70 -4.85
C LEU A 132 -3.00 37.61 -3.71
N PRO A 133 -2.22 38.66 -3.96
CA PRO A 133 -1.61 39.48 -2.95
C PRO A 133 -2.68 39.94 -1.99
N LYS A 134 -2.40 39.91 -0.70
CA LYS A 134 -3.43 40.24 0.29
C LYS A 134 -3.94 41.65 0.26
N ASP A 135 -3.25 42.55 -0.42
CA ASP A 135 -3.69 43.92 -0.49
C ASP A 135 -4.62 44.18 -1.65
N ARG A 136 -5.02 43.13 -2.38
CA ARG A 136 -5.96 43.30 -3.48
C ARG A 136 -7.36 43.35 -2.95
N TRP A 137 -7.55 42.86 -1.73
CA TRP A 137 -8.87 42.75 -1.16
C TRP A 137 -9.24 44.07 -0.51
N THR A 138 -9.50 45.05 -1.33
CA THR A 138 -9.69 46.43 -0.88
C THR A 138 -11.01 46.68 -0.20
N GLN A 139 -11.92 45.74 -0.33
CA GLN A 139 -13.23 45.85 0.27
C GLN A 139 -13.43 44.93 1.47
N HIS A 140 -12.36 44.29 1.96
CA HIS A 140 -12.52 43.35 3.06
C HIS A 140 -11.45 43.57 4.11
N THR A 141 -11.69 43.12 5.32
CA THR A 141 -10.64 43.23 6.31
C THR A 141 -9.73 42.04 6.14
N THR A 142 -8.43 42.29 6.03
CA THR A 142 -7.40 41.28 5.84
C THR A 142 -6.39 41.21 6.99
N THR A 143 -6.70 41.89 8.09
CA THR A 143 -5.79 41.98 9.23
C THR A 143 -6.22 41.09 10.38
N GLY A 144 -7.18 40.24 10.13
CA GLY A 144 -7.73 39.36 11.13
C GLY A 144 -6.79 38.25 11.56
N GLY A 145 -6.93 37.84 12.81
CA GLY A 145 -6.16 36.74 13.36
C GLY A 145 -6.67 36.37 14.75
N SER A 146 -6.07 35.36 15.35
CA SER A 146 -6.54 34.90 16.66
C SER A 146 -5.42 34.46 17.57
N ARG A 147 -5.74 34.36 18.86
CA ARG A 147 -4.71 33.98 19.83
C ARG A 147 -4.18 32.58 19.58
N ALA A 148 -4.99 31.74 18.95
CA ALA A 148 -4.57 30.36 18.67
C ALA A 148 -3.29 30.24 17.82
N CYS A 149 -3.03 31.21 16.91
CA CYS A 149 -1.89 31.23 15.99
C CYS A 149 -0.93 32.33 16.44
N ALA A 150 -1.06 32.79 17.68
CA ALA A 150 -0.25 33.88 18.16
C ALA A 150 1.23 33.59 18.21
N VAL A 151 2.00 34.64 17.95
CA VAL A 151 3.44 34.56 18.02
C VAL A 151 3.90 35.44 19.16
N SER A 152 4.54 34.85 20.15
CA SER A 152 4.99 35.59 21.33
C SER A 152 3.84 36.38 21.96
N GLY A 153 2.67 35.76 22.00
CA GLY A 153 1.47 36.34 22.59
C GLY A 153 0.68 37.27 21.68
N ASN A 154 1.20 37.56 20.49
CA ASN A 154 0.55 38.47 19.56
C ASN A 154 -0.32 37.69 18.54
N PRO A 155 -1.67 37.79 18.56
CA PRO A 155 -2.58 37.05 17.72
C PRO A 155 -2.21 37.17 16.27
N SER A 156 -2.38 36.08 15.55
CA SER A 156 -1.99 36.04 14.14
C SER A 156 -2.75 34.98 13.37
N PHE A 157 -2.23 34.62 12.21
CA PHE A 157 -2.89 33.64 11.38
C PHE A 157 -1.85 32.98 10.49
N PHE A 158 -2.27 32.05 9.67
CA PHE A 158 -1.36 31.34 8.82
C PHE A 158 -0.71 32.31 7.86
N ARG A 159 0.58 32.17 7.68
CA ARG A 159 1.36 33.08 6.86
C ARG A 159 1.00 33.11 5.40
N ASN A 160 0.53 32.00 4.83
CA ASN A 160 0.27 32.00 3.41
C ASN A 160 -1.18 32.24 3.02
N MET A 161 -2.02 32.66 3.98
CA MET A 161 -3.45 32.84 3.72
C MET A 161 -4.08 34.09 4.31
N VAL A 162 -5.17 34.52 3.71
CA VAL A 162 -5.88 35.71 4.13
C VAL A 162 -7.27 35.41 4.66
N TRP A 163 -7.50 35.76 5.91
CA TRP A 163 -8.80 35.53 6.50
C TRP A 163 -9.67 36.73 6.18
N LEU A 164 -10.63 36.59 5.27
CA LEU A 164 -11.39 37.77 4.87
C LEU A 164 -12.63 37.95 5.69
N THR A 165 -12.75 39.08 6.36
CA THR A 165 -13.91 39.40 7.20
C THR A 165 -14.53 40.73 6.76
N LYS A 166 -15.59 41.14 7.45
CA LYS A 166 -16.33 42.37 7.06
C LYS A 166 -15.47 43.63 7.14
N LYS A 167 -15.69 44.58 6.24
CA LYS A 167 -15.03 45.87 6.30
C LYS A 167 -16.08 46.86 6.74
N GLY A 168 -15.88 47.53 7.86
CA GLY A 168 -16.97 48.35 8.31
C GLY A 168 -18.08 47.36 8.60
N SER A 169 -19.25 47.55 8.02
CA SER A 169 -20.37 46.63 8.23
C SER A 169 -20.71 45.81 6.99
N ASN A 170 -19.87 45.87 5.96
CA ASN A 170 -20.20 45.14 4.74
C ASN A 170 -19.27 44.03 4.34
N TYR A 171 -19.84 43.02 3.70
CA TYR A 171 -19.06 41.93 3.13
C TYR A 171 -19.50 41.71 1.69
N PRO A 172 -18.96 42.48 0.74
CA PRO A 172 -19.24 42.42 -0.67
C PRO A 172 -18.82 41.07 -1.16
N VAL A 173 -19.38 40.60 -2.24
CA VAL A 173 -18.93 39.31 -2.70
C VAL A 173 -17.46 39.44 -3.01
N ALA A 174 -16.69 38.53 -2.47
CA ALA A 174 -15.26 38.50 -2.63
C ALA A 174 -14.93 37.73 -3.85
N LYS A 175 -14.18 38.31 -4.75
CA LYS A 175 -13.81 37.58 -5.95
C LYS A 175 -12.37 37.78 -6.28
N GLY A 176 -11.81 36.78 -6.96
CA GLY A 176 -10.46 36.88 -7.47
C GLY A 176 -10.11 35.64 -8.25
N SER A 177 -9.05 35.71 -9.01
CA SER A 177 -8.67 34.58 -9.81
C SER A 177 -7.22 34.60 -10.14
N TYR A 178 -6.73 33.46 -10.57
CA TYR A 178 -5.37 33.37 -11.03
C TYR A 178 -5.19 32.45 -12.23
N ASN A 179 -4.54 32.92 -13.30
CA ASN A 179 -4.26 32.14 -14.55
C ASN A 179 -2.84 31.63 -14.53
N ASN A 180 -2.60 30.35 -14.39
CA ASN A 180 -1.31 29.72 -14.14
C ASN A 180 -0.39 29.81 -15.32
N THR A 181 0.40 30.87 -15.30
CA THR A 181 1.36 31.19 -16.31
C THR A 181 2.74 31.06 -15.70
N SER A 182 2.83 30.39 -14.54
CA SER A 182 4.06 30.23 -13.77
C SER A 182 5.08 29.32 -14.41
N GLY A 183 4.66 28.54 -15.38
CA GLY A 183 5.49 27.60 -16.11
C GLY A 183 5.29 26.14 -15.76
N GLU A 184 4.61 25.84 -14.65
CA GLU A 184 4.36 24.46 -14.27
C GLU A 184 3.12 24.33 -13.37
N GLN A 185 2.57 23.13 -13.31
CA GLN A 185 1.43 22.80 -12.47
C GLN A 185 1.66 23.29 -11.04
N MET A 186 0.64 23.97 -10.50
CA MET A 186 0.71 24.60 -9.18
C MET A 186 -0.27 24.09 -8.13
N LEU A 187 0.19 23.99 -6.90
CA LEU A 187 -0.64 23.60 -5.76
C LEU A 187 -1.26 24.76 -5.03
N ILE A 188 -2.58 24.78 -4.98
CA ILE A 188 -3.30 25.85 -4.32
C ILE A 188 -4.14 25.31 -3.18
N ILE A 189 -4.00 25.92 -2.01
CA ILE A 189 -4.70 25.50 -0.80
C ILE A 189 -5.58 26.62 -0.28
N TRP A 190 -6.83 26.34 0.04
CA TRP A 190 -7.74 27.38 0.54
C TRP A 190 -8.68 26.78 1.52
N GLY A 191 -9.45 27.58 2.24
CA GLY A 191 -10.38 26.93 3.15
C GLY A 191 -11.64 27.68 3.50
N VAL A 192 -12.43 27.03 4.35
CA VAL A 192 -13.73 27.50 4.81
C VAL A 192 -13.82 27.54 6.32
N HIS A 193 -14.28 28.65 6.84
CA HIS A 193 -14.45 28.79 8.28
C HIS A 193 -15.84 28.40 8.71
N HIS A 194 -15.92 27.50 9.68
CA HIS A 194 -17.16 26.99 10.26
C HIS A 194 -17.31 27.47 11.73
N PRO A 195 -18.04 28.58 11.99
CA PRO A 195 -18.25 29.27 13.26
C PRO A 195 -18.94 28.43 14.30
N ASN A 196 -18.78 28.80 15.55
CA ASN A 196 -19.40 28.10 16.66
C ASN A 196 -20.80 28.62 16.96
N ASP A 197 -21.22 29.70 16.28
CA ASP A 197 -22.54 30.30 16.54
C ASP A 197 -23.01 31.22 15.40
N GLU A 198 -24.22 31.73 15.50
CA GLU A 198 -24.74 32.68 14.53
C GLU A 198 -24.24 34.05 14.82
N THR A 199 -24.05 34.36 16.09
CA THR A 199 -23.60 35.67 16.48
C THR A 199 -22.19 35.87 15.99
N GLU A 200 -21.42 34.78 15.98
CA GLU A 200 -20.06 34.81 15.48
C GLU A 200 -20.13 34.99 13.98
N GLN A 201 -21.01 34.25 13.30
CA GLN A 201 -21.13 34.42 11.86
C GLN A 201 -21.45 35.83 11.47
N ARG A 202 -22.35 36.48 12.19
CA ARG A 202 -22.67 37.84 11.85
C ARG A 202 -21.54 38.80 12.19
N THR A 203 -20.88 38.61 13.32
CA THR A 203 -19.79 39.48 13.72
C THR A 203 -18.67 39.48 12.72
N LEU A 204 -18.34 38.31 12.19
CA LEU A 204 -17.26 38.22 11.26
C LEU A 204 -17.63 38.49 9.82
N TYR A 205 -18.80 38.03 9.36
CA TYR A 205 -19.08 38.17 7.94
C TYR A 205 -20.31 38.97 7.55
N GLN A 206 -21.16 39.39 8.51
CA GLN A 206 -22.45 40.07 8.28
C GLN A 206 -23.54 39.18 7.66
N ASN A 207 -23.22 38.58 6.54
CA ASN A 207 -24.12 37.72 5.81
C ASN A 207 -24.18 36.39 6.53
N VAL A 208 -25.35 35.77 6.63
CA VAL A 208 -25.42 34.44 7.25
C VAL A 208 -25.56 33.30 6.25
N GLY A 209 -26.39 33.45 5.24
CA GLY A 209 -26.58 32.38 4.26
C GLY A 209 -25.46 32.40 3.22
N THR A 210 -24.25 32.16 3.69
CA THR A 210 -23.05 32.27 2.89
C THR A 210 -22.62 31.01 2.21
N TYR A 211 -21.72 31.19 1.26
CA TYR A 211 -21.08 30.11 0.56
C TYR A 211 -19.71 30.51 0.08
N VAL A 212 -18.91 29.49 -0.20
CA VAL A 212 -17.61 29.62 -0.81
C VAL A 212 -17.62 28.78 -2.08
N SER A 213 -17.29 29.39 -3.21
CA SER A 213 -17.30 28.73 -4.51
C SER A 213 -15.96 28.80 -5.21
N VAL A 214 -15.46 27.64 -5.58
CA VAL A 214 -14.17 27.54 -6.23
C VAL A 214 -14.21 26.67 -7.46
N GLY A 215 -13.53 27.09 -8.52
CA GLY A 215 -13.44 26.18 -9.65
C GLY A 215 -12.37 26.50 -10.65
N THR A 216 -12.06 25.48 -11.41
CA THR A 216 -11.02 25.43 -12.44
C THR A 216 -11.67 24.71 -13.60
N SER A 217 -10.91 24.37 -14.64
CA SER A 217 -11.54 23.66 -15.74
C SER A 217 -11.95 22.24 -15.33
N THR A 218 -11.40 21.72 -14.23
CA THR A 218 -11.72 20.37 -13.76
C THR A 218 -12.41 20.32 -12.40
N LEU A 219 -12.22 21.35 -11.58
CA LEU A 219 -12.77 21.37 -10.24
C LEU A 219 -14.00 22.22 -10.17
N ASN A 220 -15.01 21.73 -9.49
CA ASN A 220 -16.24 22.46 -9.33
C ASN A 220 -16.79 22.25 -7.94
N LYS A 221 -16.51 23.16 -7.01
CA LYS A 221 -16.98 22.97 -5.65
C LYS A 221 -17.68 24.17 -5.10
N ARG A 222 -18.71 23.92 -4.31
CA ARG A 222 -19.39 24.96 -3.58
C ARG A 222 -19.63 24.41 -2.20
N SER A 223 -19.38 25.21 -1.20
CA SER A 223 -19.56 24.77 0.17
C SER A 223 -20.08 25.85 1.05
N THR A 224 -20.94 25.48 1.97
CA THR A 224 -21.49 26.43 2.90
C THR A 224 -20.95 26.06 4.24
N PRO A 225 -20.78 27.00 5.17
CA PRO A 225 -20.32 26.73 6.49
C PRO A 225 -21.38 26.05 7.30
N ASP A 226 -20.95 25.22 8.24
CA ASP A 226 -21.80 24.61 9.23
C ASP A 226 -21.65 25.31 10.55
N ILE A 227 -22.69 25.96 10.99
CA ILE A 227 -22.60 26.68 12.23
C ILE A 227 -23.17 25.82 13.31
N ALA A 228 -22.34 25.44 14.27
CA ALA A 228 -22.78 24.53 15.31
C ALA A 228 -21.87 24.56 16.51
N THR A 229 -22.38 24.10 17.65
CA THR A 229 -21.53 23.99 18.82
C THR A 229 -20.61 22.79 18.77
N ARG A 230 -19.33 23.06 18.98
CA ARG A 230 -18.30 22.03 18.97
C ARG A 230 -17.43 22.17 20.23
N PRO A 231 -16.74 21.12 20.70
CA PRO A 231 -15.77 21.15 21.79
C PRO A 231 -14.64 22.09 21.44
N LYS A 232 -14.06 22.76 22.42
CA LYS A 232 -12.97 23.65 22.07
C LYS A 232 -11.67 22.92 21.84
N VAL A 233 -10.96 23.33 20.81
CA VAL A 233 -9.63 22.84 20.47
C VAL A 233 -8.71 24.03 20.34
N ASN A 234 -7.61 24.03 21.06
CA ASN A 234 -6.67 25.15 21.07
C ASN A 234 -7.40 26.41 21.52
N GLY A 235 -8.40 26.24 22.38
CA GLY A 235 -9.17 27.35 22.91
C GLY A 235 -10.32 27.84 22.04
N GLN A 236 -10.48 27.31 20.82
CA GLN A 236 -11.54 27.81 19.95
C GLN A 236 -12.61 26.77 19.64
N GLY A 237 -13.89 27.18 19.59
CA GLY A 237 -14.95 26.24 19.25
C GLY A 237 -15.12 26.01 17.76
N GLY A 238 -14.76 26.99 16.94
CA GLY A 238 -14.93 26.89 15.51
C GLY A 238 -13.83 26.08 14.86
N ARG A 239 -14.03 25.73 13.60
CA ARG A 239 -13.01 25.00 12.85
C ARG A 239 -12.82 25.50 11.44
N MET A 240 -11.65 25.28 10.88
CA MET A 240 -11.46 25.58 9.47
C MET A 240 -11.18 24.32 8.66
N GLU A 241 -11.78 24.23 7.49
CA GLU A 241 -11.46 23.12 6.62
C GLU A 241 -10.61 23.60 5.50
N PHE A 242 -9.59 22.83 5.16
CA PHE A 242 -8.78 23.21 4.04
C PHE A 242 -8.92 22.19 2.93
N SER A 243 -8.86 22.68 1.71
CA SER A 243 -8.96 21.86 0.53
C SER A 243 -7.85 22.24 -0.40
N TRP A 244 -7.53 21.38 -1.34
CA TRP A 244 -6.50 21.75 -2.26
C TRP A 244 -6.73 21.23 -3.63
N THR A 245 -6.09 21.87 -4.59
CA THR A 245 -6.18 21.40 -5.94
C THR A 245 -4.93 21.71 -6.70
N LEU A 246 -4.69 20.98 -7.77
CA LEU A 246 -3.59 21.34 -8.62
C LEU A 246 -4.16 22.05 -9.81
N LEU A 247 -3.67 23.23 -10.03
CA LEU A 247 -4.11 24.03 -11.13
C LEU A 247 -3.15 23.72 -12.26
N ASP A 248 -3.70 23.31 -13.39
CA ASP A 248 -2.82 22.91 -14.46
C ASP A 248 -2.24 24.09 -15.17
N MET A 249 -1.40 23.82 -16.13
CA MET A 249 -0.75 24.91 -16.78
C MET A 249 -1.73 25.59 -17.71
N TRP A 250 -1.74 26.91 -17.67
CA TRP A 250 -2.57 27.82 -18.46
C TRP A 250 -4.03 27.82 -18.05
N ASP A 251 -4.35 27.11 -16.97
CA ASP A 251 -5.72 27.10 -16.48
C ASP A 251 -5.93 28.23 -15.47
N THR A 252 -7.18 28.61 -15.27
CA THR A 252 -7.52 29.66 -14.31
C THR A 252 -8.37 29.20 -13.15
N ILE A 253 -7.96 29.57 -11.95
CA ILE A 253 -8.74 29.24 -10.77
C ILE A 253 -9.55 30.44 -10.37
N ASN A 254 -10.82 30.22 -10.12
CA ASN A 254 -11.71 31.30 -9.75
C ASN A 254 -12.32 31.10 -8.38
N PHE A 255 -12.17 32.11 -7.53
CA PHE A 255 -12.73 32.09 -6.20
C PHE A 255 -13.86 33.10 -6.12
N GLU A 256 -14.92 32.72 -5.41
CA GLU A 256 -16.04 33.59 -5.10
C GLU A 256 -16.60 33.33 -3.71
N SER A 257 -16.84 34.37 -2.94
CA SER A 257 -17.39 34.14 -1.61
C SER A 257 -18.27 35.23 -1.02
N THR A 258 -19.25 34.80 -0.25
CA THR A 258 -20.12 35.71 0.48
C THR A 258 -19.83 35.68 1.95
N GLY A 259 -18.78 34.98 2.31
CA GLY A 259 -18.34 34.88 3.67
C GLY A 259 -17.67 33.56 3.90
N ASN A 260 -16.96 33.47 5.01
CA ASN A 260 -16.29 32.27 5.45
C ASN A 260 -15.15 31.79 4.57
N LEU A 261 -14.59 32.66 3.73
CA LEU A 261 -13.45 32.29 2.90
C LEU A 261 -12.11 32.68 3.46
N ILE A 262 -11.23 31.69 3.48
CA ILE A 262 -9.83 31.87 3.82
C ILE A 262 -9.13 31.73 2.48
N ALA A 263 -8.67 32.85 1.94
CA ALA A 263 -8.14 32.87 0.60
C ALA A 263 -6.67 32.55 0.63
N PRO A 264 -6.10 31.91 -0.37
CA PRO A 264 -4.69 31.74 -0.45
C PRO A 264 -4.09 33.04 -0.82
N GLU A 265 -2.87 33.31 -0.39
CA GLU A 265 -2.12 34.42 -0.91
C GLU A 265 -1.11 33.83 -1.87
N TYR A 266 -0.59 32.65 -1.50
CA TYR A 266 0.43 32.01 -2.30
C TYR A 266 0.04 30.64 -2.83
N GLY A 267 0.58 30.29 -3.99
CA GLY A 267 0.43 28.94 -4.53
C GLY A 267 1.83 28.35 -4.59
N PHE A 268 1.93 27.04 -4.79
CA PHE A 268 3.26 26.45 -4.85
C PHE A 268 3.54 25.77 -6.18
N LYS A 269 4.46 26.30 -6.95
CA LYS A 269 4.75 25.71 -8.25
C LYS A 269 5.59 24.48 -8.03
N ILE A 270 5.26 23.38 -8.66
CA ILE A 270 6.10 22.20 -8.46
C ILE A 270 7.28 22.33 -9.41
N SER A 271 8.49 22.45 -8.89
CA SER A 271 9.63 22.74 -9.75
C SER A 271 10.51 21.58 -10.21
N LYS A 272 10.43 20.41 -9.56
CA LYS A 272 11.34 19.31 -9.95
C LYS A 272 10.62 18.07 -10.47
N ARG A 273 9.59 17.66 -9.75
CA ARG A 273 8.79 16.47 -10.03
C ARG A 273 9.62 15.18 -10.10
N GLY A 274 10.63 15.05 -9.24
CA GLY A 274 11.47 13.86 -9.21
C GLY A 274 11.02 12.84 -8.17
N SER A 275 11.71 11.72 -8.07
CA SER A 275 11.33 10.69 -7.10
C SER A 275 11.95 10.91 -5.73
N SER A 276 11.09 10.95 -4.71
CA SER A 276 11.44 11.17 -3.32
C SER A 276 10.52 10.34 -2.42
N GLY A 277 10.30 10.79 -1.20
CA GLY A 277 9.45 10.08 -0.25
C GLY A 277 9.42 10.75 1.12
N ILE A 278 8.50 10.31 1.99
CA ILE A 278 8.39 10.90 3.33
C ILE A 278 8.76 9.88 4.36
N MET A 279 9.75 10.19 5.16
CA MET A 279 10.24 9.30 6.19
C MET A 279 9.85 9.77 7.57
N LYS A 280 9.36 8.84 8.38
CA LYS A 280 9.03 9.20 9.74
C LYS A 280 10.17 8.86 10.66
N THR A 281 10.67 9.88 11.31
CA THR A 281 11.79 9.74 12.24
C THR A 281 11.86 10.87 13.20
N GLU A 282 12.39 10.59 14.37
CA GLU A 282 12.49 11.59 15.41
C GLU A 282 13.85 12.27 15.46
N GLY A 283 14.73 11.90 14.54
CA GLY A 283 16.08 12.45 14.54
C GLY A 283 16.25 13.69 13.68
N THR A 284 17.52 14.05 13.45
CA THR A 284 17.89 15.23 12.68
C THR A 284 18.96 14.87 11.67
N LEU A 285 19.19 15.72 10.68
CA LEU A 285 20.24 15.43 9.71
C LEU A 285 21.64 15.55 10.26
N GLU A 286 22.47 14.55 9.94
CA GLU A 286 23.87 14.49 10.30
C GLU A 286 24.73 14.83 9.07
N ASN A 287 25.97 15.22 9.28
CA ASN A 287 26.79 15.53 8.11
C ASN A 287 27.44 14.29 7.49
N CYS A 288 26.67 13.55 6.67
CA CYS A 288 27.02 12.29 5.99
C CYS A 288 26.24 12.14 4.69
N GLU A 289 26.64 11.18 3.87
CA GLU A 289 25.98 10.95 2.56
C GLU A 289 25.60 9.50 2.38
N THR A 290 24.57 9.27 1.57
CA THR A 290 24.14 7.92 1.25
C THR A 290 23.41 7.73 -0.06
N LYS A 291 23.39 6.49 -0.53
CA LYS A 291 22.59 6.05 -1.68
C LYS A 291 21.25 5.29 -1.29
N CYS A 292 21.10 4.96 0.03
CA CYS A 292 20.04 4.21 0.69
C CYS A 292 19.90 4.67 2.14
N GLN A 293 18.74 5.24 2.47
CA GLN A 293 18.50 5.74 3.81
C GLN A 293 17.36 5.00 4.50
N THR A 294 17.56 4.48 5.71
CA THR A 294 16.42 3.89 6.37
C THR A 294 16.16 4.81 7.55
N PRO A 295 15.02 4.74 8.25
CA PRO A 295 14.73 5.50 9.45
C PRO A 295 15.71 5.26 10.59
N LEU A 296 16.46 4.17 10.55
CA LEU A 296 17.39 3.87 11.63
C LEU A 296 18.78 4.34 11.29
N GLY A 297 18.93 4.87 10.09
CA GLY A 297 20.21 5.30 9.59
C GLY A 297 20.51 4.77 8.19
N ALA A 298 21.49 5.36 7.56
CA ALA A 298 21.90 4.99 6.20
C ALA A 298 22.60 3.65 6.08
N ILE A 299 22.55 3.03 4.88
CA ILE A 299 23.19 1.70 4.64
C ILE A 299 24.14 1.76 3.45
N ASN A 300 25.46 1.64 3.67
CA ASN A 300 26.48 1.61 2.57
C ASN A 300 26.84 0.17 2.27
N THR A 301 26.25 -0.45 1.25
CA THR A 301 26.49 -1.90 1.06
C THR A 301 26.45 -2.34 -0.40
N THR A 302 26.89 -3.57 -0.68
CA THR A 302 26.90 -4.16 -2.01
C THR A 302 26.08 -5.45 -2.07
N LEU A 303 25.54 -5.86 -0.94
CA LEU A 303 24.88 -7.15 -0.85
C LEU A 303 23.43 -7.05 -1.34
N PRO A 304 22.85 -8.13 -1.90
CA PRO A 304 21.47 -8.22 -2.36
C PRO A 304 20.35 -8.15 -1.34
N PHE A 305 20.64 -8.46 -0.07
CA PHE A 305 19.60 -8.41 0.92
C PHE A 305 20.04 -7.65 2.14
N HIS A 306 19.12 -7.12 2.92
CA HIS A 306 19.42 -6.50 4.20
C HIS A 306 18.30 -6.82 5.17
N ASN A 307 18.59 -6.69 6.46
CA ASN A 307 17.57 -6.90 7.46
C ASN A 307 17.48 -5.74 8.43
N VAL A 308 17.70 -4.51 7.95
CA VAL A 308 17.73 -3.36 8.85
C VAL A 308 16.35 -2.79 9.18
N HIS A 309 15.56 -2.47 8.18
CA HIS A 309 14.25 -1.90 8.45
C HIS A 309 13.36 -2.07 7.23
N PRO A 310 12.07 -2.44 7.38
CA PRO A 310 11.12 -2.59 6.31
C PRO A 310 10.85 -1.38 5.41
N LEU A 311 11.05 -0.15 5.91
CA LEU A 311 10.72 1.00 5.08
C LEU A 311 11.95 1.79 4.76
N THR A 312 12.30 1.92 3.50
CA THR A 312 13.51 2.64 3.19
C THR A 312 13.26 3.61 2.06
N ILE A 313 14.11 4.63 1.91
CA ILE A 313 14.03 5.51 0.76
C ILE A 313 15.35 5.51 0.04
N GLY A 314 15.33 5.20 -1.24
CA GLY A 314 16.56 5.14 -2.02
C GLY A 314 16.54 3.86 -2.80
N GLU A 315 17.69 3.49 -3.35
CA GLU A 315 17.75 2.24 -4.10
C GLU A 315 18.50 1.29 -3.17
N CYS A 316 17.74 0.41 -2.50
CA CYS A 316 18.19 -0.45 -1.40
C CYS A 316 18.15 -1.94 -1.76
N PRO A 317 18.90 -2.79 -1.03
CA PRO A 317 18.88 -4.23 -1.11
C PRO A 317 17.50 -4.65 -0.69
N LYS A 318 17.10 -5.85 -1.02
CA LYS A 318 15.77 -6.24 -0.61
C LYS A 318 15.74 -6.55 0.87
N TYR A 319 14.66 -6.17 1.54
CA TYR A 319 14.52 -6.47 2.95
C TYR A 319 13.93 -7.85 3.17
N VAL A 320 14.57 -8.64 4.03
CA VAL A 320 14.07 -9.97 4.40
C VAL A 320 14.03 -10.20 5.88
N LYS A 321 13.11 -11.02 6.33
CA LYS A 321 13.03 -11.33 7.75
C LYS A 321 13.89 -12.51 8.11
N SER A 322 15.18 -12.32 8.10
CA SER A 322 16.11 -13.39 8.40
C SER A 322 17.32 -12.87 9.12
N GLU A 323 17.98 -13.73 9.87
CA GLU A 323 19.20 -13.37 10.59
C GLU A 323 20.46 -13.52 9.76
N LYS A 324 20.50 -14.54 8.92
CA LYS A 324 21.70 -14.79 8.14
C LYS A 324 21.39 -15.44 6.80
N LEU A 325 22.14 -15.08 5.80
CA LEU A 325 22.08 -15.73 4.50
C LEU A 325 23.50 -15.97 4.08
N VAL A 326 24.01 -17.15 4.30
CA VAL A 326 25.41 -17.37 3.99
C VAL A 326 25.59 -18.47 2.99
N LEU A 327 26.32 -18.15 1.93
CA LEU A 327 26.61 -19.11 0.89
C LEU A 327 27.97 -19.73 1.11
N ALA A 328 28.05 -21.05 1.11
CA ALA A 328 29.36 -21.66 1.20
C ALA A 328 30.00 -21.38 -0.12
N THR A 329 31.30 -21.14 -0.16
CA THR A 329 31.93 -20.99 -1.44
C THR A 329 33.03 -22.00 -1.47
N GLY A 330 33.46 -22.36 -0.26
CA GLY A 330 34.58 -23.24 -0.05
C GLY A 330 34.21 -24.68 0.17
N LEU A 331 35.14 -25.41 0.75
CA LEU A 331 35.06 -26.84 0.95
C LEU A 331 34.69 -27.18 2.38
N ARG A 332 34.14 -28.36 2.64
CA ARG A 332 33.91 -28.63 4.04
C ARG A 332 35.26 -28.57 4.69
N ASN A 333 35.37 -27.88 5.81
CA ASN A 333 36.68 -27.75 6.40
C ASN A 333 36.94 -28.92 7.31
N VAL A 334 37.61 -29.90 6.76
CA VAL A 334 37.92 -31.10 7.52
C VAL A 334 39.42 -31.21 7.77
N PRO A 335 39.92 -30.86 8.96
CA PRO A 335 41.32 -30.80 9.35
C PRO A 335 41.88 -32.17 9.66
N ALA A 345 50.13 -35.27 3.34
CA ALA A 345 51.17 -35.89 2.49
C ALA A 345 50.88 -37.40 2.38
N ILE A 346 50.94 -38.09 3.49
CA ILE A 346 50.66 -39.52 3.31
C ILE A 346 49.23 -39.80 2.88
N ALA A 347 48.23 -39.37 3.64
CA ALA A 347 46.84 -39.82 3.33
C ALA A 347 46.19 -38.80 2.40
N GLY A 348 45.36 -39.25 1.48
CA GLY A 348 44.65 -38.44 0.48
C GLY A 348 43.29 -38.03 0.94
N PHE A 349 42.40 -37.74 0.02
CA PHE A 349 41.10 -37.13 0.37
C PHE A 349 40.33 -38.00 1.31
N ILE A 350 40.40 -39.28 1.19
CA ILE A 350 39.43 -40.06 1.99
C ILE A 350 39.68 -39.74 3.43
N GLU A 351 40.91 -39.69 3.89
CA GLU A 351 41.07 -39.40 5.35
C GLU A 351 40.64 -37.99 5.77
N GLY A 352 40.95 -36.95 5.00
CA GLY A 352 40.69 -35.56 5.44
C GLY A 352 41.23 -34.50 4.51
N GLY A 353 41.82 -33.45 5.03
CA GLY A 353 42.07 -32.26 4.18
C GLY A 353 43.45 -31.74 4.54
N TRP A 354 44.35 -31.58 3.56
CA TRP A 354 45.75 -31.19 3.90
C TRP A 354 45.81 -29.73 4.34
N GLN A 355 46.29 -29.45 5.56
CA GLN A 355 46.49 -28.02 5.93
C GLN A 355 47.50 -27.44 4.95
N GLY A 356 48.46 -28.24 4.56
CA GLY A 356 49.58 -27.76 3.74
C GLY A 356 49.29 -27.22 2.36
N MET A 357 48.36 -27.75 1.59
CA MET A 357 48.22 -27.24 0.21
C MET A 357 47.48 -25.92 0.26
N VAL A 358 48.18 -24.78 0.26
CA VAL A 358 47.54 -23.44 0.37
C VAL A 358 47.63 -22.72 -0.99
N ASP A 359 47.89 -23.44 -2.08
CA ASP A 359 47.97 -22.87 -3.41
C ASP A 359 46.81 -23.26 -4.34
N GLY A 360 45.71 -23.74 -3.76
CA GLY A 360 44.56 -24.16 -4.54
C GLY A 360 43.58 -24.93 -3.68
N TRP A 361 42.61 -25.56 -4.30
CA TRP A 361 41.58 -26.31 -3.60
C TRP A 361 41.78 -27.79 -3.74
N TYR A 362 42.22 -28.20 -4.90
CA TYR A 362 42.40 -29.61 -5.18
C TYR A 362 43.82 -29.79 -5.54
N GLY A 363 44.39 -30.93 -5.23
CA GLY A 363 45.79 -31.11 -5.59
C GLY A 363 46.41 -32.41 -5.25
N TYR A 364 47.71 -32.43 -5.43
CA TYR A 364 48.51 -33.61 -5.26
C TYR A 364 49.46 -33.48 -4.11
N HIS A 365 49.78 -34.57 -3.53
CA HIS A 365 50.86 -34.52 -2.56
C HIS A 365 51.63 -35.74 -2.89
N HIS A 366 52.91 -35.62 -2.91
CA HIS A 366 53.69 -36.77 -3.37
C HIS A 366 55.09 -36.89 -2.87
N SER A 367 55.64 -38.09 -2.98
CA SER A 367 57.01 -38.31 -2.58
C SER A 367 57.74 -39.36 -3.37
N ASN A 368 59.02 -39.13 -3.49
CA ASN A 368 59.98 -39.99 -4.17
C ASN A 368 61.37 -39.77 -3.57
N ASP A 369 62.40 -40.15 -4.32
CA ASP A 369 63.78 -40.00 -3.88
C ASP A 369 64.27 -38.56 -3.84
N GLN A 370 63.67 -37.68 -4.63
CA GLN A 370 64.11 -36.32 -4.73
C GLN A 370 63.53 -35.45 -3.64
N GLY A 371 62.22 -35.57 -3.33
CA GLY A 371 61.61 -34.63 -2.35
C GLY A 371 60.13 -34.83 -1.96
N SER A 372 59.75 -34.57 -0.69
CA SER A 372 58.37 -34.76 -0.14
C SER A 372 57.24 -33.87 -0.74
N GLY A 373 57.45 -32.59 -1.01
CA GLY A 373 56.46 -31.71 -1.69
C GLY A 373 54.99 -31.61 -1.26
N TYR A 374 54.12 -31.00 -2.09
CA TYR A 374 52.68 -30.74 -1.91
C TYR A 374 52.41 -29.94 -3.16
N ALA A 375 51.24 -29.95 -3.72
CA ALA A 375 51.05 -29.23 -5.00
C ALA A 375 49.56 -28.96 -5.17
N ALA A 376 49.16 -28.12 -6.10
CA ALA A 376 47.72 -27.94 -6.30
C ALA A 376 47.37 -28.16 -7.75
N ASP A 377 46.32 -28.91 -8.05
CA ASP A 377 46.00 -28.98 -9.49
C ASP A 377 45.44 -27.62 -9.77
N LYS A 378 46.08 -26.90 -10.66
CA LYS A 378 45.56 -25.62 -11.07
C LYS A 378 44.39 -25.74 -12.02
N GLU A 379 44.37 -26.76 -12.86
CA GLU A 379 43.27 -26.88 -13.80
C GLU A 379 41.98 -27.14 -13.05
N SER A 380 42.04 -28.07 -12.09
CA SER A 380 40.84 -28.41 -11.34
C SER A 380 40.38 -27.27 -10.47
N THR A 381 41.31 -26.62 -9.79
CA THR A 381 40.93 -25.53 -8.91
C THR A 381 40.34 -24.40 -9.71
N GLN A 382 40.94 -24.05 -10.84
CA GLN A 382 40.40 -22.93 -11.57
C GLN A 382 39.01 -23.21 -12.09
N LYS A 383 38.74 -24.42 -12.55
CA LYS A 383 37.40 -24.65 -13.03
C LYS A 383 36.40 -24.61 -11.88
N ALA A 384 36.78 -25.18 -10.73
CA ALA A 384 35.88 -25.18 -9.61
C ALA A 384 35.63 -23.78 -9.13
N PHE A 385 36.67 -22.97 -9.15
CA PHE A 385 36.63 -21.59 -8.71
C PHE A 385 35.66 -20.80 -9.53
N ASP A 386 35.74 -20.91 -10.85
CA ASP A 386 34.85 -20.17 -11.71
C ASP A 386 33.43 -20.66 -11.56
N GLY A 387 33.25 -21.95 -11.31
CA GLY A 387 31.91 -22.45 -11.10
C GLY A 387 31.31 -21.75 -9.90
N ILE A 388 32.05 -21.68 -8.81
CA ILE A 388 31.56 -21.03 -7.61
C ILE A 388 31.35 -19.54 -7.77
N THR A 389 32.25 -18.81 -8.45
CA THR A 389 31.99 -17.39 -8.57
C THR A 389 30.78 -17.14 -9.44
N ASN A 390 30.53 -18.00 -10.46
CA ASN A 390 29.34 -17.82 -11.26
C ASN A 390 28.13 -18.13 -10.41
N LYS A 391 28.23 -19.11 -9.51
CA LYS A 391 27.10 -19.45 -8.65
C LYS A 391 26.70 -18.27 -7.80
N VAL A 392 27.68 -17.61 -7.22
CA VAL A 392 27.37 -16.48 -6.38
C VAL A 392 26.74 -15.39 -7.20
N ASN A 393 27.28 -15.09 -8.37
CA ASN A 393 26.69 -14.02 -9.16
C ASN A 393 25.30 -14.39 -9.65
N SER A 394 25.04 -15.66 -9.93
CA SER A 394 23.71 -16.06 -10.35
C SER A 394 22.70 -15.82 -9.25
N VAL A 395 23.13 -15.89 -8.00
CA VAL A 395 22.21 -15.60 -6.93
C VAL A 395 22.07 -14.09 -6.71
N ILE A 396 23.18 -13.38 -6.58
CA ILE A 396 23.07 -12.00 -6.15
C ILE A 396 22.65 -11.03 -7.27
N GLU A 397 23.01 -11.32 -8.50
CA GLU A 397 22.69 -10.44 -9.60
C GLU A 397 21.28 -10.64 -10.11
N LYS A 398 20.53 -11.57 -9.53
CA LYS A 398 19.17 -11.74 -9.98
C LYS A 398 18.22 -10.91 -9.17
N MET A 399 18.71 -10.17 -8.19
CA MET A 399 17.80 -9.35 -7.45
C MET A 399 17.64 -8.02 -8.16
N ASN A 400 16.39 -7.64 -8.35
CA ASN A 400 16.07 -6.39 -9.02
C ASN A 400 15.79 -5.26 -8.06
N THR A 401 16.66 -4.28 -8.03
CA THR A 401 16.50 -3.15 -7.16
C THR A 401 15.94 -1.99 -7.96
N GLN A 402 15.44 -0.99 -7.27
CA GLN A 402 14.91 0.20 -7.90
C GLN A 402 14.69 1.26 -6.84
N PHE A 403 14.52 2.51 -7.23
CA PHE A 403 14.14 3.48 -6.23
C PHE A 403 12.72 3.21 -5.78
N GLU A 404 12.51 3.18 -4.48
CA GLU A 404 11.16 3.01 -3.98
C GLU A 404 11.01 3.79 -2.67
N ALA A 405 9.90 4.51 -2.50
CA ALA A 405 9.67 5.29 -1.26
C ALA A 405 9.12 4.44 -0.11
N VAL A 406 8.61 3.27 -0.45
CA VAL A 406 8.03 2.28 0.46
C VAL A 406 7.15 2.84 1.59
N GLY A 407 6.08 3.54 1.27
CA GLY A 407 5.23 3.98 2.38
C GLY A 407 4.10 4.89 1.95
N LYS A 408 2.94 4.63 2.54
CA LYS A 408 1.70 5.36 2.28
C LYS A 408 0.99 5.65 3.57
N GLU A 409 0.21 6.71 3.57
CA GLU A 409 -0.58 7.05 4.73
C GLU A 409 -2.04 6.95 4.39
N PHE A 410 -2.82 6.55 5.39
CA PHE A 410 -4.26 6.36 5.24
C PHE A 410 -5.00 7.08 6.35
N SER A 411 -6.24 7.46 6.08
CA SER A 411 -7.07 8.15 7.05
C SER A 411 -7.70 7.14 7.97
N ASN A 412 -8.39 7.61 8.99
CA ASN A 412 -9.01 6.70 9.95
C ASN A 412 -10.29 6.04 9.44
N LEU A 413 -10.70 6.38 8.23
CA LEU A 413 -11.86 5.76 7.62
C LEU A 413 -11.44 4.84 6.49
N GLU A 414 -10.15 4.57 6.39
CA GLU A 414 -9.60 3.75 5.35
C GLU A 414 -8.93 2.51 5.90
N ARG A 415 -9.44 1.94 6.98
CA ARG A 415 -8.79 0.80 7.60
C ARG A 415 -8.76 -0.40 6.67
N ARG A 416 -9.75 -0.52 5.81
CA ARG A 416 -9.83 -1.64 4.89
C ARG A 416 -8.84 -1.49 3.75
N LEU A 417 -8.30 -0.29 3.57
CA LEU A 417 -7.32 -0.09 2.52
C LEU A 417 -5.95 -0.15 3.15
N GLU A 418 -5.81 0.37 4.37
CA GLU A 418 -4.52 0.34 5.03
C GLU A 418 -4.13 -1.08 5.29
N ASN A 419 -5.09 -1.90 5.73
CA ASN A 419 -4.82 -3.28 6.02
C ASN A 419 -4.52 -4.04 4.75
N LEU A 420 -5.13 -3.63 3.64
CA LEU A 420 -4.87 -4.27 2.36
C LEU A 420 -3.45 -3.99 1.95
N ASN A 421 -3.03 -2.73 2.10
CA ASN A 421 -1.67 -2.36 1.75
C ASN A 421 -0.69 -3.10 2.61
N LYS A 422 -0.98 -3.21 3.91
CA LYS A 422 -0.11 -3.93 4.80
C LYS A 422 -0.02 -5.37 4.40
N LYS A 423 -1.15 -6.01 4.13
CA LYS A 423 -1.12 -7.40 3.76
C LYS A 423 -0.27 -7.61 2.54
N MET A 424 -0.39 -6.74 1.55
CA MET A 424 0.39 -6.88 0.36
C MET A 424 1.86 -6.86 0.67
N GLU A 425 2.30 -5.90 1.46
CA GLU A 425 3.71 -5.79 1.78
C GLU A 425 4.20 -6.97 2.61
N ASP A 426 3.39 -7.45 3.55
CA ASP A 426 3.79 -8.56 4.38
C ASP A 426 3.85 -9.83 3.55
N GLY A 427 2.93 -9.95 2.62
CA GLY A 427 2.86 -11.08 1.74
C GLY A 427 4.11 -11.18 0.90
N PHE A 428 4.52 -10.08 0.30
CA PHE A 428 5.71 -10.14 -0.53
C PHE A 428 6.92 -10.37 0.30
N LEU A 429 6.95 -9.84 1.52
CA LEU A 429 8.09 -10.06 2.36
C LEU A 429 8.20 -11.54 2.69
N ASP A 430 7.10 -12.21 3.02
CA ASP A 430 7.21 -13.63 3.33
C ASP A 430 7.68 -14.43 2.14
N VAL A 431 7.24 -14.04 0.94
CA VAL A 431 7.67 -14.76 -0.24
C VAL A 431 9.15 -14.60 -0.48
N TRP A 432 9.66 -13.38 -0.36
CA TRP A 432 11.07 -13.17 -0.61
C TRP A 432 11.96 -13.68 0.49
N THR A 433 11.48 -13.67 1.73
CA THR A 433 12.30 -14.17 2.81
C THR A 433 12.46 -15.65 2.61
N TYR A 434 11.35 -16.32 2.31
CA TYR A 434 11.33 -17.74 2.09
C TYR A 434 12.21 -18.12 0.93
N ASN A 435 12.08 -17.41 -0.20
CA ASN A 435 12.88 -17.76 -1.32
C ASN A 435 14.35 -17.56 -1.04
N ALA A 436 14.73 -16.49 -0.33
CA ALA A 436 16.13 -16.29 -0.05
C ALA A 436 16.70 -17.39 0.80
N GLU A 437 15.95 -17.83 1.82
CA GLU A 437 16.45 -18.89 2.68
C GLU A 437 16.51 -20.23 2.01
N LEU A 438 15.53 -20.57 1.18
CA LEU A 438 15.57 -21.88 0.58
C LEU A 438 16.61 -21.90 -0.51
N LEU A 439 16.81 -20.79 -1.22
CA LEU A 439 17.82 -20.82 -2.25
C LEU A 439 19.16 -20.98 -1.61
N VAL A 440 19.43 -20.29 -0.50
CA VAL A 440 20.71 -20.43 0.12
C VAL A 440 20.90 -21.85 0.64
N LEU A 441 19.92 -22.45 1.28
CA LEU A 441 20.13 -23.80 1.78
C LEU A 441 20.32 -24.80 0.66
N MET A 442 19.57 -24.68 -0.44
CA MET A 442 19.73 -25.62 -1.53
C MET A 442 21.07 -25.45 -2.22
N GLU A 443 21.51 -24.21 -2.38
CA GLU A 443 22.76 -23.99 -3.02
C GLU A 443 23.93 -24.40 -2.16
N ASN A 444 23.84 -24.24 -0.85
CA ASN A 444 24.95 -24.64 -0.03
C ASN A 444 25.13 -26.13 -0.09
N GLU A 445 24.03 -26.87 -0.16
CA GLU A 445 24.18 -28.30 -0.28
C GLU A 445 24.85 -28.67 -1.58
N ARG A 446 24.44 -28.03 -2.66
CA ARG A 446 25.04 -28.37 -3.93
C ARG A 446 26.51 -27.99 -3.97
N THR A 447 26.87 -26.87 -3.34
CA THR A 447 28.25 -26.43 -3.32
C THR A 447 29.14 -27.42 -2.66
N LEU A 448 28.72 -27.91 -1.52
CA LEU A 448 29.58 -28.82 -0.83
C LEU A 448 29.69 -30.15 -1.57
N ASP A 449 28.60 -30.60 -2.19
CA ASP A 449 28.65 -31.86 -2.93
C ASP A 449 29.46 -31.69 -4.21
N PHE A 450 29.43 -30.49 -4.79
CA PHE A 450 30.20 -30.15 -5.97
C PHE A 450 31.66 -30.33 -5.70
N HIS A 451 32.12 -29.79 -4.59
CA HIS A 451 33.53 -29.92 -4.28
C HIS A 451 33.90 -31.37 -3.99
N ASP A 452 33.00 -32.11 -3.35
CA ASP A 452 33.30 -33.50 -3.05
C ASP A 452 33.42 -34.31 -4.34
N SER A 453 32.56 -34.02 -5.33
CA SER A 453 32.63 -34.72 -6.59
C SER A 453 33.90 -34.35 -7.32
N ASN A 454 34.33 -33.09 -7.25
CA ASN A 454 35.53 -32.72 -7.97
C ASN A 454 36.77 -33.45 -7.46
N VAL A 455 36.89 -33.67 -6.16
CA VAL A 455 38.09 -34.38 -5.74
C VAL A 455 38.00 -35.86 -6.13
N LYS A 456 36.80 -36.44 -6.07
CA LYS A 456 36.68 -37.83 -6.49
C LYS A 456 36.95 -37.98 -7.97
N ASN A 457 36.54 -37.01 -8.78
CA ASN A 457 36.76 -37.09 -10.20
C ASN A 457 38.23 -36.97 -10.50
N LEU A 458 38.96 -36.20 -9.70
CA LEU A 458 40.38 -36.05 -9.90
C LEU A 458 41.07 -37.37 -9.62
N TYR A 459 40.63 -38.06 -8.58
CA TYR A 459 41.18 -39.35 -8.26
C TYR A 459 41.01 -40.30 -9.43
N ASP A 460 39.80 -40.35 -10.01
CA ASP A 460 39.58 -41.23 -11.15
C ASP A 460 40.34 -40.81 -12.39
N LYS A 461 40.49 -39.51 -12.64
CA LYS A 461 41.24 -39.08 -13.81
C LYS A 461 42.64 -39.66 -13.75
N VAL A 462 43.24 -39.57 -12.58
CA VAL A 462 44.57 -40.07 -12.36
C VAL A 462 44.63 -41.58 -12.35
N ARG A 463 43.67 -42.23 -11.71
CA ARG A 463 43.67 -43.67 -11.66
C ARG A 463 43.63 -44.26 -13.05
N MET A 464 42.82 -43.69 -13.94
CA MET A 464 42.73 -44.18 -15.29
C MET A 464 44.00 -43.95 -16.08
N GLN A 465 44.68 -42.84 -15.86
CA GLN A 465 45.91 -42.58 -16.56
C GLN A 465 47.03 -43.54 -16.13
N LEU A 466 47.05 -43.87 -14.84
CA LEU A 466 48.07 -44.73 -14.27
C LEU A 466 47.82 -46.22 -14.52
N ARG A 467 46.57 -46.60 -14.67
CA ARG A 467 46.17 -47.98 -14.94
C ARG A 467 46.76 -48.96 -13.94
N ASP A 468 47.53 -49.93 -14.44
CA ASP A 468 48.11 -50.99 -13.63
C ASP A 468 49.55 -50.76 -13.28
N ASN A 469 50.03 -49.56 -13.49
CA ASN A 469 51.42 -49.31 -13.19
C ASN A 469 51.56 -48.87 -11.75
N VAL A 470 50.42 -48.80 -11.06
CA VAL A 470 50.31 -48.44 -9.67
C VAL A 470 49.40 -49.36 -8.87
N LYS A 471 49.58 -49.31 -7.57
CA LYS A 471 48.78 -49.99 -6.58
C LYS A 471 47.88 -49.01 -5.84
N GLU A 472 46.58 -49.25 -5.81
CA GLU A 472 45.75 -48.34 -5.03
C GLU A 472 45.86 -48.75 -3.59
N LEU A 473 46.11 -47.80 -2.70
CA LEU A 473 46.29 -48.13 -1.29
C LEU A 473 45.03 -48.06 -0.44
N GLY A 474 43.93 -47.59 -1.04
CA GLY A 474 42.64 -47.51 -0.35
C GLY A 474 42.37 -46.22 0.45
N ASN A 475 43.31 -45.29 0.46
CA ASN A 475 43.17 -44.04 1.19
C ASN A 475 43.43 -42.85 0.31
N GLY A 476 43.12 -42.98 -0.98
CA GLY A 476 43.32 -41.90 -1.94
C GLY A 476 44.75 -41.71 -2.48
N CYS A 477 45.62 -42.76 -2.41
CA CYS A 477 47.03 -42.76 -2.83
C CYS A 477 47.34 -43.91 -3.76
N PHE A 478 48.20 -43.62 -4.72
CA PHE A 478 48.68 -44.59 -5.69
C PHE A 478 50.16 -44.87 -5.50
N GLU A 479 50.51 -46.11 -5.20
CA GLU A 479 51.91 -46.50 -5.03
C GLU A 479 52.45 -47.00 -6.34
N PHE A 480 53.63 -46.58 -6.72
CA PHE A 480 54.17 -46.99 -8.00
C PHE A 480 54.88 -48.31 -7.98
N TYR A 481 54.84 -49.03 -9.11
CA TYR A 481 55.58 -50.27 -9.26
C TYR A 481 56.88 -50.03 -9.99
N HIS A 482 57.24 -48.79 -10.17
CA HIS A 482 58.48 -48.44 -10.79
C HIS A 482 58.96 -47.13 -10.23
N LYS A 483 60.24 -46.88 -10.33
CA LYS A 483 60.79 -45.63 -9.86
C LYS A 483 60.12 -44.48 -10.61
N CYS A 484 59.59 -43.44 -9.90
CA CYS A 484 58.89 -42.30 -10.51
C CYS A 484 59.35 -40.99 -9.86
N ASP A 485 60.32 -40.35 -10.53
CA ASP A 485 60.95 -39.11 -9.97
C ASP A 485 60.08 -37.87 -10.19
N ASP A 486 60.63 -36.68 -9.87
CA ASP A 486 59.85 -35.41 -9.99
C ASP A 486 59.37 -35.22 -11.42
N GLU A 487 60.21 -35.51 -12.42
CA GLU A 487 59.78 -35.40 -13.85
C GLU A 487 58.62 -36.35 -14.09
N CYS A 488 58.72 -37.59 -13.61
CA CYS A 488 57.63 -38.60 -13.77
C CYS A 488 56.38 -38.12 -13.02
N MET A 489 56.54 -37.63 -11.79
CA MET A 489 55.39 -37.15 -10.96
C MET A 489 54.75 -35.92 -11.61
N ASN A 490 55.56 -34.92 -11.98
CA ASN A 490 55.01 -33.67 -12.56
C ASN A 490 54.10 -34.02 -13.74
N SER A 491 54.57 -34.89 -14.65
CA SER A 491 53.79 -35.26 -15.85
C SER A 491 52.45 -35.87 -15.43
N VAL A 492 52.46 -36.76 -14.43
CA VAL A 492 51.19 -37.38 -13.92
C VAL A 492 50.25 -36.26 -13.45
N LYS A 493 50.77 -35.31 -12.69
CA LYS A 493 49.93 -34.22 -12.12
C LYS A 493 49.50 -33.24 -13.22
N ASN A 494 49.80 -33.57 -14.49
CA ASN A 494 49.54 -32.67 -15.65
C ASN A 494 48.77 -33.41 -16.75
N GLY A 495 48.48 -34.71 -16.58
CA GLY A 495 47.85 -35.48 -17.66
C GLY A 495 48.84 -36.04 -18.64
N THR A 496 49.95 -36.63 -18.15
CA THR A 496 50.81 -37.29 -19.12
C THR A 496 51.59 -38.41 -18.44
N TYR A 497 51.40 -39.66 -18.87
CA TYR A 497 52.08 -40.80 -18.25
C TYR A 497 51.90 -42.13 -18.99
N ASP A 498 53.00 -42.84 -19.31
CA ASP A 498 52.88 -44.18 -19.94
C ASP A 498 54.13 -45.09 -19.71
N TYR A 499 54.00 -46.11 -18.86
CA TYR A 499 55.11 -47.02 -18.51
C TYR A 499 54.78 -48.50 -18.59
N PRO A 500 54.61 -49.10 -19.77
CA PRO A 500 54.23 -50.51 -19.97
C PRO A 500 55.47 -51.40 -19.80
N LYS A 501 56.01 -51.36 -18.60
CA LYS A 501 57.29 -51.98 -18.29
C LYS A 501 57.56 -52.02 -16.80
N TYR A 502 58.67 -52.65 -16.41
CA TYR A 502 59.03 -52.73 -14.99
C TYR A 502 57.96 -53.42 -14.19
N GLU A 503 57.57 -54.62 -14.59
CA GLU A 503 56.52 -55.32 -13.86
C GLU A 503 57.03 -55.98 -12.59
N GLU A 504 57.33 -55.12 -11.59
CA GLU A 504 57.82 -55.52 -10.27
C GLU A 504 56.69 -56.19 -9.54
N GLU A 505 55.50 -55.93 -10.05
CA GLU A 505 54.24 -56.49 -9.64
C GLU A 505 54.27 -58.03 -9.64
N SER A 506 54.96 -58.68 -10.64
CA SER A 506 55.07 -60.13 -10.84
C SER A 506 53.69 -60.76 -10.99
N GLN B 1 -25.99 55.60 25.10
CA GLN B 1 -24.56 55.62 25.40
C GLN B 1 -24.27 54.39 26.29
N VAL B 2 -22.98 54.22 26.66
CA VAL B 2 -22.50 53.17 27.58
C VAL B 2 -21.74 53.86 28.67
N GLN B 3 -22.14 53.64 29.90
CA GLN B 3 -21.43 54.28 30.97
C GLN B 3 -20.20 53.49 31.36
N LEU B 4 -19.12 54.23 31.57
CA LEU B 4 -17.87 53.72 32.06
C LEU B 4 -17.51 54.71 33.17
N VAL B 5 -17.35 54.23 34.39
CA VAL B 5 -17.13 55.13 35.51
C VAL B 5 -15.74 55.04 36.03
N GLN B 6 -15.00 56.11 35.87
CA GLN B 6 -13.63 56.16 36.25
C GLN B 6 -13.42 56.72 37.64
N SER B 7 -12.41 56.20 38.31
CA SER B 7 -11.99 56.65 39.63
C SER B 7 -11.43 58.06 39.56
N GLY B 8 -11.27 58.69 40.71
CA GLY B 8 -10.79 60.06 40.71
C GLY B 8 -9.28 60.22 40.64
N ALA B 9 -8.87 61.47 40.82
CA ALA B 9 -7.50 61.93 40.77
C ALA B 9 -6.73 61.50 42.00
N GLN B 10 -5.42 61.44 41.85
CA GLN B 10 -4.53 61.09 42.95
C GLN B 10 -3.21 61.81 42.85
N LEU B 11 -2.58 62.00 43.99
CA LEU B 11 -1.24 62.58 44.08
C LEU B 11 -0.28 61.56 44.62
N ARG B 12 0.79 61.35 43.86
CA ARG B 12 1.78 60.36 44.20
C ARG B 12 3.19 60.94 44.17
N LYS B 13 4.10 60.27 44.85
CA LYS B 13 5.48 60.70 44.85
C LYS B 13 6.27 59.91 43.82
N PRO B 14 7.32 60.47 43.21
CA PRO B 14 8.21 59.77 42.31
C PRO B 14 8.77 58.59 43.07
N GLY B 15 8.95 57.48 42.37
CA GLY B 15 9.48 56.26 42.95
C GLY B 15 8.35 55.35 43.43
N SER B 16 7.12 55.83 43.41
CA SER B 16 5.98 55.06 43.87
C SER B 16 5.19 54.46 42.70
N SER B 17 3.88 54.39 42.88
CA SER B 17 2.98 53.79 41.91
C SER B 17 1.64 54.52 41.85
N VAL B 18 0.93 54.25 40.77
CA VAL B 18 -0.40 54.81 40.47
C VAL B 18 -1.44 53.76 40.22
N THR B 19 -2.62 53.91 40.84
CA THR B 19 -3.69 52.95 40.55
C THR B 19 -4.93 53.67 40.06
N VAL B 20 -5.39 53.34 38.87
CA VAL B 20 -6.57 53.95 38.29
C VAL B 20 -7.51 52.83 37.88
N SER B 21 -8.80 53.01 38.09
CA SER B 21 -9.71 51.95 37.68
C SER B 21 -11.02 52.49 37.13
N CYS B 22 -11.74 51.65 36.31
CA CYS B 22 -13.03 51.99 35.71
C CYS B 22 -14.02 50.84 35.80
N LYS B 23 -15.24 51.17 36.22
CA LYS B 23 -16.31 50.20 36.24
C LYS B 23 -17.09 50.29 34.95
N ALA B 24 -17.23 49.18 34.29
CA ALA B 24 -17.92 49.19 33.01
C ALA B 24 -19.33 48.71 33.16
N SER B 25 -20.23 49.24 32.34
CA SER B 25 -21.61 48.79 32.34
C SER B 25 -21.82 47.49 31.57
N GLY B 26 -21.24 46.43 32.12
CA GLY B 26 -21.30 45.10 31.57
C GLY B 26 -20.23 44.78 30.54
N ASP B 27 -19.19 45.60 30.39
CA ASP B 27 -18.18 45.31 29.35
C ASP B 27 -17.22 44.23 29.74
N THR B 28 -17.28 43.80 30.99
CA THR B 28 -16.39 42.76 31.41
C THR B 28 -17.05 41.40 31.18
N PHE B 29 -18.34 41.42 30.84
CA PHE B 29 -19.09 40.20 30.55
C PHE B 29 -19.47 40.15 29.09
N ASN B 30 -19.73 41.32 28.53
CA ASN B 30 -20.08 41.38 27.14
C ASN B 30 -18.72 41.34 26.53
N SER B 31 -18.64 41.50 25.24
CA SER B 31 -17.38 41.28 24.64
C SER B 31 -16.59 42.43 24.07
N TYR B 32 -16.76 43.61 24.61
CA TYR B 32 -15.94 44.71 24.11
C TYR B 32 -14.75 44.90 25.04
N SER B 33 -13.55 45.14 24.49
CA SER B 33 -12.37 45.29 25.34
C SER B 33 -12.20 46.68 25.97
N ILE B 34 -11.36 46.73 27.01
CA ILE B 34 -11.08 47.97 27.74
C ILE B 34 -9.64 48.41 27.60
N HIS B 35 -9.47 49.63 27.14
CA HIS B 35 -8.17 50.22 26.87
C HIS B 35 -7.83 51.38 27.76
N TRP B 36 -6.54 51.60 27.95
CA TRP B 36 -6.03 52.73 28.67
C TRP B 36 -5.28 53.69 27.75
N VAL B 37 -5.62 54.97 27.87
CA VAL B 37 -5.06 56.09 27.11
C VAL B 37 -4.60 57.22 28.03
N ARG B 38 -3.42 57.77 27.77
CA ARG B 38 -2.88 58.84 28.59
C ARG B 38 -2.81 60.19 27.87
N GLN B 39 -2.99 61.30 28.59
CA GLN B 39 -2.81 62.61 27.97
C GLN B 39 -2.15 63.64 28.89
N ALA B 40 -0.89 63.98 28.61
CA ALA B 40 -0.16 64.96 29.42
C ALA B 40 -0.81 66.30 29.17
N PRO B 41 -0.84 67.25 30.11
CA PRO B 41 -1.45 68.52 29.89
C PRO B 41 -0.82 69.19 28.69
N GLY B 42 -1.65 69.68 27.79
CA GLY B 42 -1.20 70.37 26.58
C GLY B 42 -0.75 69.44 25.46
N GLN B 43 -0.81 68.13 25.69
CA GLN B 43 -0.34 67.15 24.73
C GLN B 43 -1.48 66.34 24.12
N GLY B 44 -1.12 65.47 23.18
CA GLY B 44 -2.10 64.62 22.54
C GLY B 44 -2.30 63.33 23.30
N LEU B 45 -2.99 62.38 22.70
CA LEU B 45 -3.33 61.13 23.34
C LEU B 45 -2.25 60.08 23.12
N GLU B 46 -1.98 59.27 24.12
CA GLU B 46 -1.03 58.17 24.04
C GLU B 46 -1.66 56.84 24.41
N TRP B 47 -1.54 55.82 23.57
CA TRP B 47 -2.13 54.55 23.96
C TRP B 47 -1.20 53.83 24.94
N MET B 48 -1.74 53.25 26.01
CA MET B 48 -0.87 52.56 26.95
C MET B 48 -1.04 51.04 26.96
N GLY B 49 -2.27 50.58 26.77
CA GLY B 49 -2.50 49.14 26.87
C GLY B 49 -3.96 48.74 26.90
N ARG B 50 -4.23 47.44 26.89
CA ARG B 50 -5.60 46.94 26.94
C ARG B 50 -5.76 45.60 27.62
N ILE B 51 -6.98 45.34 28.05
CA ILE B 51 -7.41 44.05 28.56
C ILE B 51 -8.70 43.57 27.93
N ILE B 52 -8.78 42.26 27.70
CA ILE B 52 -10.01 41.68 27.21
C ILE B 52 -10.44 40.68 28.29
N PRO B 53 -11.30 41.06 29.27
CA PRO B 53 -11.69 40.29 30.45
C PRO B 53 -12.32 38.95 30.12
N VAL B 54 -12.83 38.85 28.91
CA VAL B 54 -13.47 37.64 28.42
C VAL B 54 -12.46 36.52 28.31
N PHE B 55 -11.25 36.85 27.89
CA PHE B 55 -10.21 35.86 27.67
C PHE B 55 -9.06 35.97 28.65
N GLY B 56 -8.98 37.09 29.37
CA GLY B 56 -7.89 37.33 30.30
C GLY B 56 -6.64 37.74 29.55
N MET B 57 -6.82 38.36 28.40
CA MET B 57 -5.68 38.76 27.60
C MET B 57 -5.32 40.20 27.78
N THR B 58 -4.03 40.48 27.75
CA THR B 58 -3.57 41.85 27.83
C THR B 58 -2.55 42.15 26.77
N HIS B 59 -2.36 43.44 26.50
CA HIS B 59 -1.36 43.90 25.56
C HIS B 59 -0.92 45.29 25.96
N TYR B 60 0.38 45.56 25.89
CA TYR B 60 0.86 46.88 26.31
C TYR B 60 1.70 47.59 25.28
N ALA B 61 1.67 48.92 25.33
CA ALA B 61 2.50 49.75 24.48
C ALA B 61 3.93 49.51 24.87
N GLN B 62 4.83 49.59 23.89
CA GLN B 62 6.25 49.33 24.13
C GLN B 62 6.88 50.17 25.23
N ARG B 63 6.45 51.41 25.36
CA ARG B 63 6.99 52.34 26.33
C ARG B 63 6.79 51.94 27.77
N PHE B 64 5.79 51.12 28.03
CA PHE B 64 5.50 50.76 29.39
C PHE B 64 5.72 49.28 29.61
N ARG B 65 6.44 48.59 28.75
CA ARG B 65 6.56 47.19 29.09
C ARG B 65 7.39 47.12 30.35
N GLY B 66 6.91 46.38 31.33
CA GLY B 66 7.60 46.25 32.60
C GLY B 66 7.15 47.30 33.63
N ARG B 67 6.39 48.30 33.18
CA ARG B 67 5.91 49.35 34.06
C ARG B 67 4.41 49.30 34.25
N ILE B 68 3.69 48.82 33.24
CA ILE B 68 2.24 48.80 33.31
C ILE B 68 1.67 47.41 33.47
N THR B 69 0.74 47.29 34.40
CA THR B 69 -0.01 46.07 34.60
C THR B 69 -1.48 46.37 34.49
N VAL B 70 -2.19 45.58 33.71
CA VAL B 70 -3.62 45.75 33.58
C VAL B 70 -4.28 44.44 33.94
N SER B 71 -5.33 44.54 34.71
CA SER B 71 -6.07 43.39 35.17
C SER B 71 -7.53 43.76 35.31
N ALA B 72 -8.39 42.79 35.47
CA ALA B 72 -9.79 43.09 35.66
C ALA B 72 -10.45 42.00 36.47
N ASP B 73 -11.53 42.35 37.13
CA ASP B 73 -12.30 41.38 37.87
C ASP B 73 -13.76 41.59 37.52
N LYS B 74 -14.25 40.70 36.68
CA LYS B 74 -15.58 40.82 36.13
C LYS B 74 -16.64 40.74 37.20
N SER B 75 -16.35 40.21 38.39
CA SER B 75 -17.38 40.12 39.40
C SER B 75 -17.79 41.49 39.94
N THR B 76 -16.93 42.51 39.76
CA THR B 76 -17.26 43.86 40.20
C THR B 76 -17.36 44.74 38.97
N ARG B 77 -17.07 44.12 37.82
CA ARG B 77 -17.03 44.71 36.50
C ARG B 77 -16.06 45.85 36.41
N THR B 78 -14.91 45.67 37.03
CA THR B 78 -13.93 46.74 37.04
C THR B 78 -12.58 46.37 36.48
N ALA B 79 -12.08 47.25 35.62
CA ALA B 79 -10.75 47.12 35.04
C ALA B 79 -9.82 48.02 35.82
N TYR B 80 -8.61 47.55 36.05
CA TYR B 80 -7.63 48.28 36.81
C TYR B 80 -6.32 48.43 36.06
N MET B 81 -5.66 49.55 36.28
CA MET B 81 -4.32 49.77 35.79
C MET B 81 -3.40 50.16 36.91
N GLU B 82 -2.25 49.54 36.93
CA GLU B 82 -1.23 49.84 37.90
C GLU B 82 0.05 50.25 37.21
N LEU B 83 0.58 51.40 37.61
CA LEU B 83 1.84 51.82 37.03
C LEU B 83 2.90 51.83 38.08
N THR B 84 4.09 51.36 37.75
CA THR B 84 5.18 51.42 38.71
C THR B 84 6.35 52.23 38.20
N SER B 85 7.36 52.34 39.07
CA SER B 85 8.58 53.11 38.82
C SER B 85 8.17 54.48 38.35
N LEU B 86 7.26 55.07 39.10
CA LEU B 86 6.65 56.33 38.78
C LEU B 86 7.62 57.50 38.73
N THR B 87 7.47 58.34 37.72
CA THR B 87 8.33 59.50 37.66
C THR B 87 7.56 60.81 37.57
N SER B 88 8.28 61.91 37.57
CA SER B 88 7.67 63.25 37.55
C SER B 88 7.01 63.57 36.23
N ALA B 89 7.33 62.80 35.20
CA ALA B 89 6.74 62.97 33.89
C ALA B 89 5.36 62.34 33.80
N ASP B 90 5.00 61.49 34.75
CA ASP B 90 3.73 60.78 34.67
C ASP B 90 2.62 61.59 35.35
N THR B 91 2.39 62.79 34.81
CA THR B 91 1.45 63.78 35.37
C THR B 91 0.22 63.97 34.51
N ALA B 92 0.10 63.07 33.57
CA ALA B 92 -0.95 63.02 32.61
C ALA B 92 -2.24 62.57 33.19
N MET B 93 -3.30 62.91 32.49
CA MET B 93 -4.60 62.40 32.84
C MET B 93 -4.75 61.03 32.20
N TYR B 94 -5.33 60.11 32.93
CA TYR B 94 -5.53 58.78 32.39
C TYR B 94 -6.99 58.53 32.10
N TYR B 95 -7.26 57.93 30.96
CA TYR B 95 -8.61 57.61 30.55
C TYR B 95 -8.77 56.12 30.27
N CYS B 96 -9.99 55.61 30.50
CA CYS B 96 -10.40 54.27 30.09
C CYS B 96 -11.23 54.45 28.84
N ALA B 97 -11.18 53.48 27.96
CA ALA B 97 -12.05 53.55 26.82
C ALA B 97 -12.52 52.18 26.37
N ARG B 98 -13.72 52.16 25.85
CA ARG B 98 -14.37 50.99 25.31
C ARG B 98 -14.14 50.89 23.85
N ASP B 99 -13.59 49.76 23.46
CA ASP B 99 -13.31 49.43 22.07
C ASP B 99 -14.58 48.89 21.47
N GLY B 100 -15.18 49.70 20.63
CA GLY B 100 -16.48 49.41 20.03
C GLY B 100 -16.31 48.74 18.69
N GLY B 101 -15.06 48.45 18.36
CA GLY B 101 -14.70 47.88 17.09
C GLY B 101 -14.66 46.38 17.16
N ASP B 102 -13.68 45.86 17.87
CA ASP B 102 -13.56 44.41 17.91
C ASP B 102 -14.45 43.81 18.96
N LYS B 103 -15.45 43.08 18.49
CA LYS B 103 -16.40 42.41 19.35
C LYS B 103 -15.92 40.99 19.47
N PHE B 104 -15.78 40.50 20.67
CA PHE B 104 -15.31 39.15 20.91
C PHE B 104 -16.41 38.16 21.24
N HIS B 105 -16.12 36.89 21.14
CA HIS B 105 -17.09 35.89 21.52
C HIS B 105 -16.44 34.89 22.42
N SER B 106 -17.21 34.24 23.26
CA SER B 106 -16.64 33.19 24.07
C SER B 106 -16.44 32.02 23.15
N SER B 107 -15.65 31.04 23.57
CA SER B 107 -15.37 29.86 22.78
C SER B 107 -14.89 30.23 21.39
N GLY B 108 -14.00 31.19 21.33
CA GLY B 108 -13.42 31.67 20.10
C GLY B 108 -12.58 32.88 20.42
N HIS B 109 -11.88 33.41 19.44
CA HIS B 109 -11.09 34.61 19.62
C HIS B 109 -10.81 35.18 18.26
N PHE B 110 -10.95 36.48 18.11
CA PHE B 110 -10.68 37.10 16.85
C PHE B 110 -10.52 38.58 16.96
N GLU B 111 -9.40 39.08 16.48
CA GLU B 111 -9.06 40.50 16.47
C GLU B 111 -8.76 40.92 15.08
N THR B 112 -9.02 42.18 14.75
CA THR B 112 -8.58 42.68 13.46
C THR B 112 -7.73 43.85 13.76
N ASN B 113 -7.90 44.33 15.00
CA ASN B 113 -7.22 45.50 15.51
C ASN B 113 -7.50 46.72 14.67
N GLN B 114 -8.73 46.85 14.20
CA GLN B 114 -9.13 48.02 13.44
C GLN B 114 -10.20 48.75 14.18
N GLY B 115 -10.24 48.55 15.49
CA GLY B 115 -11.26 49.17 16.29
C GLY B 115 -10.99 50.60 16.68
N TYR B 116 -11.92 51.13 17.43
CA TYR B 116 -11.98 52.52 17.87
C TYR B 116 -12.67 52.65 19.19
N PHE B 117 -12.52 53.80 19.81
CA PHE B 117 -13.13 54.01 21.08
C PHE B 117 -14.43 54.74 20.99
N ASP B 118 -15.51 54.04 21.29
CA ASP B 118 -16.80 54.65 21.16
C ASP B 118 -17.22 55.29 22.47
N HIS B 119 -16.68 54.79 23.57
CA HIS B 119 -17.04 55.36 24.84
C HIS B 119 -15.84 55.57 25.72
N TRP B 120 -15.73 56.77 26.24
CA TRP B 120 -14.61 57.18 27.07
C TRP B 120 -15.03 57.42 28.50
N GLY B 121 -14.10 57.21 29.42
CA GLY B 121 -14.31 57.50 30.83
C GLY B 121 -14.11 59.00 30.98
N GLN B 122 -14.13 59.50 32.20
CA GLN B 122 -14.05 60.93 32.42
C GLN B 122 -12.65 61.50 32.42
N GLY B 123 -11.68 60.70 32.85
CA GLY B 123 -10.31 61.11 32.96
C GLY B 123 -9.90 61.35 34.41
N ALA B 124 -8.93 60.59 34.88
CA ALA B 124 -8.43 60.67 36.23
C ALA B 124 -7.08 61.36 36.22
N LEU B 125 -6.99 62.54 36.79
CA LEU B 125 -5.71 63.21 36.75
C LEU B 125 -4.75 62.66 37.78
N VAL B 126 -3.54 62.35 37.36
CA VAL B 126 -2.58 61.92 38.33
C VAL B 126 -1.46 62.93 38.36
N THR B 127 -1.15 63.42 39.53
CA THR B 127 -0.08 64.38 39.70
C THR B 127 1.07 63.70 40.40
N VAL B 128 2.28 63.91 39.92
CA VAL B 128 3.41 63.32 40.57
C VAL B 128 4.36 64.43 40.97
N SER B 129 4.68 64.49 42.24
CA SER B 129 5.54 65.56 42.76
C SER B 129 6.19 65.16 44.08
N SER B 130 7.20 65.95 44.52
CA SER B 130 7.92 65.77 45.80
C SER B 130 7.19 66.52 46.96
N GLN C 1 6.02 55.49 17.14
CA GLN C 1 5.24 55.55 18.39
C GLN C 1 4.17 56.68 18.36
N SER C 2 4.45 57.78 17.63
CA SER C 2 3.61 58.97 17.39
C SER C 2 3.71 59.26 15.92
N VAL C 3 3.58 58.21 15.14
CA VAL C 3 3.78 58.20 13.72
C VAL C 3 2.79 59.07 12.96
N LEU C 4 1.54 59.09 13.39
CA LEU C 4 0.57 59.80 12.61
C LEU C 4 0.69 61.32 12.80
N THR C 5 1.33 61.92 11.82
CA THR C 5 1.64 63.34 11.84
C THR C 5 0.44 64.17 11.40
N GLN C 6 0.13 65.19 12.17
CA GLN C 6 -0.97 66.09 11.87
C GLN C 6 -0.44 67.52 11.88
N PRO C 7 -1.03 68.48 11.17
CA PRO C 7 -0.64 69.88 11.22
C PRO C 7 -0.91 70.40 12.62
N PRO C 8 -0.05 71.20 13.25
CA PRO C 8 -0.27 71.77 14.57
C PRO C 8 -1.62 72.46 14.70
N SER C 9 -2.02 73.15 13.65
CA SER C 9 -3.29 73.82 13.63
C SER C 9 -3.74 74.12 12.23
N VAL C 10 -5.04 74.28 12.09
CA VAL C 10 -5.67 74.72 10.87
C VAL C 10 -6.67 75.79 11.25
N SER C 11 -7.10 76.59 10.29
CA SER C 11 -8.08 77.59 10.62
C SER C 11 -8.93 78.02 9.44
N GLY C 12 -10.01 78.70 9.76
CA GLY C 12 -10.86 79.29 8.76
C GLY C 12 -12.04 80.01 9.37
N ALA C 13 -12.72 80.80 8.57
CA ALA C 13 -13.88 81.57 8.97
C ALA C 13 -15.09 80.67 9.01
N PRO C 14 -16.13 80.99 9.79
CA PRO C 14 -17.36 80.26 9.76
C PRO C 14 -17.85 80.25 8.33
N GLY C 15 -18.31 79.09 7.91
CA GLY C 15 -18.84 78.86 6.57
C GLY C 15 -17.78 78.29 5.61
N GLN C 16 -16.52 78.31 6.00
CA GLN C 16 -15.45 77.80 5.17
C GLN C 16 -15.18 76.33 5.39
N ARG C 17 -14.52 75.71 4.42
CA ARG C 17 -14.09 74.33 4.54
C ARG C 17 -12.72 74.27 5.17
N VAL C 18 -12.60 73.50 6.22
CA VAL C 18 -11.34 73.32 6.90
C VAL C 18 -11.00 71.85 6.94
N THR C 19 -9.78 71.51 6.55
CA THR C 19 -9.42 70.11 6.58
C THR C 19 -8.22 69.88 7.47
N VAL C 20 -8.17 68.68 8.03
CA VAL C 20 -7.07 68.25 8.86
C VAL C 20 -6.44 67.03 8.24
N SER C 21 -5.15 67.08 7.97
CA SER C 21 -4.50 65.92 7.39
C SER C 21 -3.96 65.01 8.50
N CYS C 22 -3.63 63.76 8.14
CA CYS C 22 -3.02 62.71 8.96
C CYS C 22 -2.10 61.87 8.08
N THR C 23 -0.80 61.92 8.34
CA THR C 23 0.08 61.15 7.48
C THR C 23 0.74 60.07 8.29
N GLY C 24 0.63 58.85 7.82
CA GLY C 24 1.20 57.73 8.54
C GLY C 24 2.23 57.05 7.69
N SER C 25 2.42 55.77 7.94
CA SER C 25 3.39 55.01 7.20
C SER C 25 2.90 53.60 6.87
N SER C 26 3.83 52.80 6.36
CA SER C 26 3.57 51.44 5.89
C SER C 26 3.21 50.48 6.99
N SER C 27 3.52 50.86 8.22
CA SER C 27 3.24 50.06 9.39
C SER C 27 1.90 50.35 10.04
N ASN C 28 1.21 51.43 9.65
CA ASN C 28 0.01 51.74 10.42
C ASN C 28 -1.14 52.45 9.74
N LEU C 29 -0.93 53.09 8.60
CA LEU C 29 -2.05 53.75 8.01
C LEU C 29 -2.15 52.97 6.74
N GLY C 30 -1.00 52.43 6.38
CA GLY C 30 -0.87 51.56 5.27
C GLY C 30 -1.12 50.21 5.91
N ALA C 31 -0.75 49.14 5.23
CA ALA C 31 -1.01 47.81 5.78
C ALA C 31 -2.50 47.58 6.05
N THR C 32 -3.35 48.27 5.29
CA THR C 32 -4.82 48.19 5.28
C THR C 32 -5.55 48.73 6.52
N TYR C 33 -4.86 49.25 7.52
CA TYR C 33 -5.56 49.67 8.73
C TYR C 33 -6.35 50.94 8.50
N GLU C 34 -7.48 51.07 9.19
CA GLU C 34 -8.36 52.22 9.05
C GLU C 34 -8.00 53.26 10.08
N VAL C 35 -8.41 54.50 9.83
CA VAL C 35 -8.11 55.57 10.76
C VAL C 35 -9.35 56.16 11.36
N HIS C 36 -9.31 56.32 12.65
CA HIS C 36 -10.42 56.87 13.36
C HIS C 36 -10.11 58.29 13.75
N TRP C 37 -11.13 59.13 13.96
CA TRP C 37 -10.88 60.50 14.40
C TRP C 37 -11.67 60.82 15.65
N TYR C 38 -11.07 61.62 16.52
CA TYR C 38 -11.70 62.07 17.76
C TYR C 38 -11.74 63.58 17.87
N GLN C 39 -12.76 64.10 18.56
CA GLN C 39 -12.93 65.53 18.82
C GLN C 39 -12.82 65.82 20.31
N GLN C 40 -11.91 66.72 20.70
CA GLN C 40 -11.74 67.00 22.12
C GLN C 40 -11.84 68.46 22.52
N PHE C 41 -12.68 68.73 23.50
CA PHE C 41 -12.83 70.07 24.00
C PHE C 41 -12.00 70.15 25.27
N PRO C 42 -11.39 71.28 25.63
CA PRO C 42 -10.57 71.40 26.80
C PRO C 42 -11.30 70.97 28.04
N GLY C 43 -10.63 70.18 28.86
CA GLY C 43 -11.19 69.71 30.13
C GLY C 43 -12.12 68.51 30.00
N THR C 44 -12.32 68.03 28.77
CA THR C 44 -13.26 66.94 28.54
C THR C 44 -12.57 65.76 27.85
N ALA C 45 -13.04 64.54 28.16
CA ALA C 45 -12.55 63.35 27.48
C ALA C 45 -12.89 63.49 26.01
N PRO C 46 -12.08 62.98 25.08
CA PRO C 46 -12.31 63.04 23.66
C PRO C 46 -13.48 62.17 23.31
N LYS C 47 -14.18 62.48 22.23
CA LYS C 47 -15.23 61.61 21.78
C LYS C 47 -15.01 61.20 20.35
N LEU C 48 -15.55 60.07 19.97
CA LEU C 48 -15.41 59.61 18.60
C LEU C 48 -16.15 60.52 17.66
N LEU C 49 -15.49 60.93 16.59
CA LEU C 49 -16.10 61.79 15.61
C LEU C 49 -16.36 61.04 14.30
N ILE C 50 -15.34 60.30 13.85
CA ILE C 50 -15.36 59.51 12.61
C ILE C 50 -14.75 58.14 12.88
N TYR C 51 -15.31 57.10 12.28
CA TYR C 51 -14.70 55.79 12.43
C TYR C 51 -14.68 55.01 11.14
N GLY C 52 -13.72 54.12 11.03
CA GLY C 52 -13.65 53.26 9.86
C GLY C 52 -13.15 54.07 8.67
N SER C 53 -12.63 55.24 9.00
CA SER C 53 -12.11 56.28 8.13
C SER C 53 -13.19 57.07 7.42
N THR C 54 -14.46 56.68 7.53
CA THR C 54 -15.51 57.41 6.80
C THR C 54 -16.83 57.64 7.53
N ASN C 55 -17.17 56.81 8.50
CA ASN C 55 -18.50 56.80 9.08
C ASN C 55 -18.59 57.72 10.24
N ARG C 56 -19.77 58.19 10.56
CA ARG C 56 -19.84 59.00 11.75
C ARG C 56 -20.77 58.30 12.74
N PRO C 57 -20.55 58.43 14.05
CA PRO C 57 -21.41 57.98 15.11
C PRO C 57 -22.69 58.76 15.09
N SER C 58 -23.76 58.17 15.58
CA SER C 58 -24.99 58.93 15.66
C SER C 58 -24.74 60.12 16.56
N GLY C 59 -25.28 61.26 16.18
CA GLY C 59 -25.13 62.50 16.93
C GLY C 59 -24.06 63.41 16.32
N VAL C 60 -23.23 62.87 15.44
CA VAL C 60 -22.21 63.66 14.78
C VAL C 60 -22.81 64.27 13.52
N PRO C 61 -22.69 65.60 13.31
CA PRO C 61 -23.17 66.32 12.15
C PRO C 61 -22.56 65.86 10.86
N GLU C 62 -23.34 66.01 9.78
CA GLU C 62 -23.01 65.65 8.39
C GLU C 62 -21.84 66.47 7.87
N ARG C 63 -21.55 67.53 8.59
CA ARG C 63 -20.49 68.45 8.29
C ARG C 63 -19.13 67.78 8.47
N PHE C 64 -19.09 66.68 9.23
CA PHE C 64 -17.86 65.97 9.49
C PHE C 64 -17.79 64.70 8.62
N SER C 65 -16.74 64.61 7.82
CA SER C 65 -16.56 63.47 6.92
C SER C 65 -15.11 63.04 6.74
N GLY C 66 -14.82 61.75 6.90
CA GLY C 66 -13.46 61.26 6.73
C GLY C 66 -13.15 60.79 5.31
N SER C 67 -11.85 60.72 5.00
CA SER C 67 -11.37 60.20 3.72
C SER C 67 -9.98 59.55 3.87
N LYS C 68 -9.72 58.48 3.12
CA LYS C 68 -8.44 57.80 3.20
C LYS C 68 -7.91 57.26 1.87
N SER C 69 -6.59 57.33 1.68
CA SER C 69 -5.92 56.76 0.51
C SER C 69 -4.46 56.44 0.79
N GLY C 70 -3.98 55.28 0.37
CA GLY C 70 -2.57 54.97 0.59
C GLY C 70 -2.25 54.92 2.08
N THR C 71 -1.27 55.73 2.49
CA THR C 71 -0.80 55.84 3.87
C THR C 71 -1.13 57.21 4.41
N SER C 72 -2.05 57.91 3.75
CA SER C 72 -2.46 59.24 4.15
C SER C 72 -3.96 59.28 4.40
N ALA C 73 -4.40 60.20 5.24
CA ALA C 73 -5.81 60.36 5.53
C ALA C 73 -6.14 61.79 5.91
N SER C 74 -7.42 62.12 5.83
CA SER C 74 -7.86 63.43 6.25
C SER C 74 -9.28 63.48 6.79
N LEU C 75 -9.53 64.53 7.54
CA LEU C 75 -10.84 64.88 8.07
C LEU C 75 -11.31 66.19 7.50
N THR C 76 -12.51 66.20 6.93
CA THR C 76 -13.05 67.43 6.41
C THR C 76 -14.20 67.93 7.23
N ILE C 77 -14.13 69.21 7.60
CA ILE C 77 -15.22 69.86 8.28
C ILE C 77 -15.79 70.89 7.32
N THR C 78 -17.03 70.73 6.88
CA THR C 78 -17.54 71.74 5.96
C THR C 78 -18.46 72.63 6.73
N GLY C 79 -18.74 73.84 6.24
CA GLY C 79 -19.71 74.62 6.95
C GLY C 79 -19.17 74.94 8.34
N LEU C 80 -17.89 75.29 8.45
CA LEU C 80 -17.31 75.49 9.78
C LEU C 80 -18.17 76.37 10.64
N GLN C 81 -18.43 75.90 11.86
CA GLN C 81 -19.26 76.63 12.82
C GLN C 81 -18.46 77.22 13.95
N ALA C 82 -19.05 78.20 14.63
CA ALA C 82 -18.39 78.84 15.77
C ALA C 82 -18.03 77.86 16.87
N GLU C 83 -18.84 76.83 17.06
CA GLU C 83 -18.61 75.84 18.09
C GLU C 83 -17.55 74.79 17.73
N ASP C 84 -17.03 74.76 16.50
CA ASP C 84 -16.10 73.71 16.11
C ASP C 84 -14.68 74.07 16.47
N GLU C 85 -14.47 74.40 17.74
CA GLU C 85 -13.16 74.74 18.24
C GLU C 85 -12.76 73.65 19.19
N ALA C 86 -11.94 72.76 18.69
CA ALA C 86 -11.54 71.56 19.40
C ALA C 86 -10.24 71.04 18.85
N ASP C 87 -9.60 70.19 19.62
CA ASP C 87 -8.44 69.51 19.11
C ASP C 87 -8.95 68.27 18.40
N TYR C 88 -8.37 67.93 17.28
CA TYR C 88 -8.80 66.72 16.61
C TYR C 88 -7.63 65.77 16.51
N TYR C 89 -7.91 64.49 16.68
CA TYR C 89 -6.86 63.49 16.63
C TYR C 89 -7.20 62.38 15.69
N CYS C 90 -6.18 61.80 15.01
CA CYS C 90 -6.34 60.60 14.18
C CYS C 90 -5.75 59.39 14.93
N GLN C 91 -6.31 58.22 14.69
CA GLN C 91 -5.82 56.97 15.30
C GLN C 91 -5.81 55.78 14.39
N SER C 92 -4.77 54.97 14.47
CA SER C 92 -4.75 53.73 13.70
C SER C 92 -3.93 52.71 14.45
N TYR C 93 -3.89 51.48 13.96
CA TYR C 93 -3.08 50.46 14.63
C TYR C 93 -1.77 50.23 13.90
N ASP C 94 -0.69 50.29 14.66
CA ASP C 94 0.67 50.15 14.21
C ASP C 94 1.20 48.75 14.49
N THR C 95 1.64 48.06 13.46
CA THR C 95 2.07 46.68 13.60
C THR C 95 3.49 46.49 14.16
N SER C 96 4.26 47.57 14.27
CA SER C 96 5.64 47.49 14.76
C SER C 96 5.69 47.41 16.27
N LEU C 97 6.86 47.06 16.82
CA LEU C 97 7.05 46.99 18.28
C LEU C 97 6.06 46.04 18.94
N ARG C 98 5.76 44.95 18.24
CA ARG C 98 4.83 43.89 18.64
C ARG C 98 3.38 44.36 18.70
N GLY C 99 3.09 45.54 18.19
CA GLY C 99 1.75 46.05 18.05
C GLY C 99 1.30 47.06 19.09
N PHE C 100 0.78 48.17 18.62
CA PHE C 100 0.26 49.20 19.50
C PHE C 100 -0.70 50.09 18.75
N TYR C 101 -1.51 50.83 19.44
CA TYR C 101 -2.34 51.79 18.76
C TYR C 101 -1.64 53.11 18.80
N VAL C 102 -1.72 53.83 17.73
CA VAL C 102 -1.06 55.09 17.63
C VAL C 102 -2.03 56.22 17.40
N PHE C 103 -1.86 57.27 18.18
CA PHE C 103 -2.66 58.45 18.01
C PHE C 103 -1.76 59.46 17.39
N GLY C 104 -2.32 60.35 16.61
CA GLY C 104 -1.51 61.35 16.01
C GLY C 104 -1.18 62.48 16.93
N THR C 105 -0.44 63.42 16.38
CA THR C 105 0.06 64.55 17.15
C THR C 105 -1.01 65.54 17.54
N GLY C 106 -2.11 65.51 16.84
CA GLY C 106 -3.22 66.40 17.09
C GLY C 106 -3.17 67.67 16.27
N THR C 107 -4.35 68.20 15.96
CA THR C 107 -4.51 69.46 15.26
C THR C 107 -5.46 70.37 15.99
N LYS C 108 -5.11 71.62 16.19
CA LYS C 108 -6.07 72.53 16.79
C LYS C 108 -6.84 73.25 15.71
N VAL C 109 -8.17 73.25 15.78
CA VAL C 109 -8.94 73.97 14.79
C VAL C 109 -9.45 75.30 15.32
N THR C 110 -9.06 76.38 14.66
CA THR C 110 -9.43 77.73 15.06
C THR C 110 -10.47 78.31 14.13
N VAL C 111 -11.55 78.81 14.73
CA VAL C 111 -12.62 79.39 13.93
C VAL C 111 -12.43 80.92 14.00
N LEU C 112 -12.34 81.57 12.82
CA LEU C 112 -12.04 83.00 12.61
C LEU C 112 -13.32 83.86 12.44
N ASP D 16 33.24 -67.46 1.97
CA ASP D 16 32.08 -67.11 1.16
C ASP D 16 32.04 -65.58 1.01
N GLN D 17 31.04 -65.05 0.28
CA GLN D 17 30.80 -63.63 0.02
C GLN D 17 30.06 -62.79 1.07
N ILE D 18 30.39 -61.50 1.03
CA ILE D 18 29.67 -60.49 1.78
C ILE D 18 29.00 -59.61 0.72
N CYS D 19 27.68 -59.35 0.84
CA CYS D 19 26.91 -58.54 -0.11
C CYS D 19 26.46 -57.26 0.57
N ILE D 20 26.43 -56.18 -0.21
CA ILE D 20 26.00 -54.88 0.27
C ILE D 20 24.76 -54.42 -0.41
N GLY D 21 23.81 -53.91 0.37
CA GLY D 21 22.58 -53.44 -0.23
C GLY D 21 21.69 -52.66 0.68
N TYR D 22 20.39 -52.65 0.38
CA TYR D 22 19.45 -51.80 1.17
C TYR D 22 18.13 -52.52 1.46
N HIS D 23 17.44 -52.12 2.53
CA HIS D 23 16.14 -52.73 2.91
C HIS D 23 15.01 -52.38 1.92
N ALA D 24 14.08 -53.31 1.68
CA ALA D 24 12.88 -53.01 0.85
C ALA D 24 11.66 -53.31 1.73
N ASN D 25 10.42 -53.04 1.27
CA ASN D 25 9.30 -53.32 2.23
C ASN D 25 7.99 -53.60 1.49
N ASN D 26 6.91 -53.81 2.24
CA ASN D 26 5.60 -54.20 1.66
C ASN D 26 4.76 -52.97 1.39
N SER D 27 5.38 -51.83 1.09
CA SER D 27 4.65 -50.54 0.96
C SER D 27 4.12 -50.33 -0.44
N THR D 28 3.12 -49.48 -0.55
CA THR D 28 2.43 -49.13 -1.78
C THR D 28 2.30 -47.62 -1.88
N GLU D 29 3.05 -46.91 -1.05
CA GLU D 29 3.03 -45.46 -1.00
C GLU D 29 3.75 -44.88 -2.20
N LYS D 30 3.08 -44.05 -2.99
CA LYS D 30 3.72 -43.52 -4.20
C LYS D 30 3.95 -42.02 -4.15
N VAL D 31 5.14 -41.62 -4.60
CA VAL D 31 5.62 -40.25 -4.62
C VAL D 31 6.08 -39.75 -6.01
N ASP D 32 5.69 -38.54 -6.38
CA ASP D 32 6.11 -37.97 -7.66
C ASP D 32 7.41 -37.16 -7.54
N THR D 33 8.24 -37.20 -8.59
CA THR D 33 9.47 -36.42 -8.63
C THR D 33 9.51 -35.67 -9.94
N ILE D 34 10.56 -34.89 -10.16
CA ILE D 34 10.70 -34.16 -11.40
C ILE D 34 10.84 -35.07 -12.62
N LEU D 35 11.66 -36.10 -12.52
CA LEU D 35 11.92 -36.99 -13.64
C LEU D 35 10.97 -38.19 -13.81
N GLU D 36 10.34 -38.63 -12.74
CA GLU D 36 9.49 -39.82 -12.80
C GLU D 36 8.26 -39.67 -11.94
N ARG D 37 7.16 -40.30 -12.36
CA ARG D 37 5.88 -40.14 -11.62
C ARG D 37 5.39 -41.48 -11.09
N ASN D 38 4.75 -41.47 -9.93
CA ASN D 38 4.26 -42.73 -9.28
C ASN D 38 5.45 -43.63 -8.97
N VAL D 39 6.30 -43.22 -8.03
CA VAL D 39 7.51 -43.98 -7.68
C VAL D 39 7.28 -44.58 -6.29
N THR D 40 7.14 -45.88 -6.18
CA THR D 40 6.83 -46.47 -4.89
C THR D 40 8.03 -46.27 -4.00
N VAL D 41 7.82 -45.83 -2.78
CA VAL D 41 8.89 -45.63 -1.84
C VAL D 41 8.58 -46.39 -0.57
N THR D 42 9.59 -46.69 0.23
CA THR D 42 9.34 -47.44 1.44
C THR D 42 8.65 -46.60 2.50
N HIS D 43 8.96 -45.30 2.53
CA HIS D 43 8.39 -44.38 3.50
C HIS D 43 8.14 -43.03 2.86
N ALA D 44 7.10 -42.33 3.32
CA ALA D 44 6.85 -40.97 2.87
C ALA D 44 6.06 -40.20 3.90
N LYS D 45 6.12 -38.88 3.82
CA LYS D 45 5.35 -38.02 4.69
C LYS D 45 4.44 -37.08 3.92
N ASP D 46 3.18 -37.09 4.30
CA ASP D 46 2.17 -36.24 3.70
C ASP D 46 2.17 -34.91 4.45
N ILE D 47 2.46 -33.81 3.77
CA ILE D 47 2.57 -32.53 4.47
C ILE D 47 1.38 -31.60 4.20
N LEU D 48 0.34 -32.13 3.55
CA LEU D 48 -0.87 -31.35 3.25
C LEU D 48 -2.07 -31.89 4.03
N GLU D 49 -2.69 -31.04 4.84
CA GLU D 49 -3.84 -31.43 5.62
C GLU D 49 -5.14 -31.33 4.85
N LYS D 50 -5.80 -32.46 4.74
CA LYS D 50 -7.02 -32.52 3.96
C LYS D 50 -8.33 -32.68 4.75
N THR D 51 -8.27 -32.95 6.06
CA THR D 51 -9.51 -33.22 6.80
C THR D 51 -9.87 -32.27 7.93
N HIS D 52 -11.09 -31.77 7.88
CA HIS D 52 -11.65 -30.88 8.89
C HIS D 52 -12.76 -31.59 9.66
N ASN D 53 -13.05 -31.10 10.87
CA ASN D 53 -14.05 -31.68 11.76
C ASN D 53 -15.49 -31.63 11.29
N GLY D 54 -15.84 -30.66 10.47
CA GLY D 54 -17.22 -30.51 10.03
C GLY D 54 -18.02 -29.71 11.04
N LYS D 55 -17.33 -29.24 12.07
CA LYS D 55 -17.97 -28.50 13.14
C LYS D 55 -17.38 -27.14 13.34
N LEU D 56 -18.25 -26.21 13.71
CA LEU D 56 -17.87 -24.86 14.11
C LEU D 56 -17.58 -24.98 15.60
N CYS D 57 -16.35 -24.63 16.03
CA CYS D 57 -15.82 -24.80 17.37
C CYS D 57 -15.56 -23.47 18.08
N LYS D 58 -15.21 -23.58 19.35
CA LYS D 58 -14.87 -22.44 20.17
C LYS D 58 -13.39 -22.19 20.03
N LEU D 59 -13.04 -21.11 19.36
CA LEU D 59 -11.64 -20.85 19.09
C LEU D 59 -11.00 -20.39 20.37
N ASN D 60 -9.94 -21.09 20.77
CA ASN D 60 -9.22 -20.86 22.01
C ASN D 60 -10.13 -21.08 23.23
N GLY D 61 -11.20 -21.85 23.06
CA GLY D 61 -12.11 -22.21 24.15
C GLY D 61 -13.22 -21.17 24.36
N ILE D 62 -13.21 -20.10 23.59
CA ILE D 62 -14.19 -19.04 23.72
C ILE D 62 -15.14 -19.12 22.54
N PRO D 63 -16.45 -19.19 22.74
CA PRO D 63 -17.40 -19.34 21.68
C PRO D 63 -17.47 -18.07 20.85
N PRO D 64 -17.97 -18.16 19.62
CA PRO D 64 -18.28 -17.09 18.72
C PRO D 64 -19.53 -16.36 19.13
N LEU D 65 -19.72 -15.17 18.60
CA LEU D 65 -20.96 -14.47 18.77
C LEU D 65 -21.87 -15.10 17.74
N GLU D 66 -23.00 -15.64 18.14
CA GLU D 66 -23.84 -16.27 17.14
C GLU D 66 -24.99 -15.40 16.75
N LEU D 67 -24.86 -14.70 15.63
CA LEU D 67 -25.87 -13.74 15.26
C LEU D 67 -27.05 -14.46 14.67
N GLY D 68 -26.83 -15.65 14.15
CA GLY D 68 -27.93 -16.35 13.56
C GLY D 68 -28.46 -15.54 12.41
N ASP D 69 -29.74 -15.24 12.45
CA ASP D 69 -30.36 -14.50 11.37
C ASP D 69 -30.16 -12.97 11.35
N CYS D 70 -29.45 -12.39 12.37
CA CYS D 70 -29.20 -10.95 12.52
C CYS D 70 -27.94 -10.50 11.79
N SER D 71 -28.00 -9.29 11.27
CA SER D 71 -26.85 -8.65 10.67
C SER D 71 -26.16 -7.85 11.75
N ILE D 72 -24.99 -7.30 11.44
CA ILE D 72 -24.31 -6.46 12.40
C ILE D 72 -25.13 -5.22 12.71
N ALA D 73 -25.72 -4.58 11.70
CA ALA D 73 -26.52 -3.41 11.98
C ALA D 73 -27.71 -3.78 12.84
N GLY D 74 -28.31 -4.93 12.60
CA GLY D 74 -29.46 -5.35 13.39
C GLY D 74 -29.05 -5.47 14.85
N TRP D 75 -27.94 -6.14 15.09
CA TRP D 75 -27.41 -6.33 16.41
C TRP D 75 -27.12 -5.04 17.16
N LEU D 76 -26.39 -4.12 16.53
CA LEU D 76 -25.97 -2.90 17.20
C LEU D 76 -27.07 -1.86 17.31
N LEU D 77 -28.01 -1.85 16.38
CA LEU D 77 -29.09 -0.88 16.46
C LEU D 77 -30.16 -1.39 17.41
N GLY D 78 -30.29 -2.70 17.54
CA GLY D 78 -31.33 -3.24 18.40
C GLY D 78 -32.59 -3.64 17.66
N ASN D 79 -32.44 -4.26 16.50
CA ASN D 79 -33.60 -4.76 15.77
C ASN D 79 -34.39 -5.60 16.77
N PRO D 80 -35.70 -5.41 16.94
CA PRO D 80 -36.54 -6.14 17.89
C PRO D 80 -36.47 -7.65 17.78
N GLU D 81 -36.07 -8.18 16.64
CA GLU D 81 -35.97 -9.63 16.52
C GLU D 81 -34.60 -10.22 16.97
N CYS D 82 -33.67 -9.34 17.41
CA CYS D 82 -32.30 -9.60 17.82
C CYS D 82 -32.18 -9.37 19.33
N ASP D 83 -33.29 -9.44 20.07
CA ASP D 83 -33.27 -9.19 21.52
C ASP D 83 -32.33 -10.08 22.31
N ARG D 84 -32.13 -11.30 21.87
CA ARG D 84 -31.27 -12.22 22.59
C ARG D 84 -29.80 -11.81 22.55
N LEU D 85 -29.45 -10.91 21.64
CA LEU D 85 -28.08 -10.43 21.49
C LEU D 85 -27.80 -9.19 22.31
N LEU D 86 -28.80 -8.68 23.03
CA LEU D 86 -28.64 -7.45 23.81
C LEU D 86 -27.64 -7.60 24.95
N SER D 87 -27.46 -8.81 25.48
CA SER D 87 -26.53 -9.04 26.57
C SER D 87 -25.05 -8.99 26.16
N VAL D 88 -24.75 -9.08 24.87
CA VAL D 88 -23.37 -9.02 24.38
C VAL D 88 -22.35 -9.90 25.12
N PRO D 89 -22.40 -11.21 24.99
CA PRO D 89 -21.44 -12.12 25.61
C PRO D 89 -20.12 -11.95 24.87
N GLU D 90 -19.00 -12.28 25.52
CA GLU D 90 -17.68 -12.22 24.88
C GLU D 90 -17.55 -13.24 23.78
N TRP D 91 -16.89 -12.86 22.68
CA TRP D 91 -16.72 -13.79 21.59
C TRP D 91 -15.31 -13.91 21.07
N SER D 92 -15.01 -15.07 20.50
CA SER D 92 -13.72 -15.32 19.85
C SER D 92 -13.70 -14.91 18.38
N TYR D 93 -14.85 -14.99 17.75
CA TYR D 93 -15.09 -14.63 16.35
C TYR D 93 -16.57 -14.35 16.21
N ILE D 94 -16.96 -13.72 15.13
CA ILE D 94 -18.38 -13.47 14.92
C ILE D 94 -18.89 -14.35 13.84
N MET D 95 -19.95 -15.05 14.14
CA MET D 95 -20.55 -15.94 13.18
C MET D 95 -21.81 -15.30 12.62
N GLU D 96 -21.80 -15.05 11.32
CA GLU D 96 -22.89 -14.34 10.66
C GLU D 96 -23.36 -15.12 9.45
N LYS D 97 -24.67 -15.17 9.21
CA LYS D 97 -25.15 -15.86 8.01
C LYS D 97 -24.99 -14.98 6.81
N GLU D 98 -24.84 -15.55 5.65
CA GLU D 98 -24.80 -14.72 4.48
C GLU D 98 -26.22 -14.31 4.19
N ASN D 99 -26.44 -13.07 3.80
CA ASN D 99 -27.78 -12.60 3.50
C ASN D 99 -28.72 -12.82 4.69
N PRO D 100 -28.46 -12.20 5.86
CA PRO D 100 -29.21 -12.32 7.09
C PRO D 100 -30.56 -11.68 6.90
N ARG D 101 -31.53 -12.09 7.70
CA ARG D 101 -32.88 -11.59 7.58
C ARG D 101 -33.15 -10.33 8.37
N ASP D 102 -32.61 -10.26 9.59
CA ASP D 102 -32.90 -9.16 10.48
C ASP D 102 -31.79 -8.12 10.46
N GLY D 103 -32.04 -7.07 9.69
CA GLY D 103 -31.08 -6.02 9.48
C GLY D 103 -31.70 -4.74 9.96
N LEU D 104 -32.02 -3.88 9.03
CA LEU D 104 -32.68 -2.66 9.41
C LEU D 104 -34.16 -2.92 9.18
N CYS D 105 -34.96 -3.04 10.28
CA CYS D 105 -36.40 -3.32 10.21
C CYS D 105 -37.15 -2.14 9.62
N TYR D 106 -36.60 -0.97 9.83
CA TYR D 106 -37.13 0.21 9.26
C TYR D 106 -36.18 0.35 8.10
N PRO D 107 -36.60 0.46 6.86
CA PRO D 107 -35.72 0.46 5.73
C PRO D 107 -34.81 1.63 5.80
N GLY D 108 -33.62 1.47 5.28
CA GLY D 108 -32.67 2.53 5.36
C GLY D 108 -31.34 2.11 4.84
N SER D 109 -30.32 2.82 5.26
CA SER D 109 -28.96 2.55 4.85
C SER D 109 -28.05 2.81 6.01
N PHE D 110 -26.85 2.26 5.97
CA PHE D 110 -25.91 2.46 7.04
C PHE D 110 -24.60 2.91 6.38
N ASN D 111 -24.11 4.07 6.74
CA ASN D 111 -22.90 4.62 6.15
C ASN D 111 -21.68 3.96 6.70
N ASP D 112 -20.68 3.75 5.86
CA ASP D 112 -19.44 3.16 6.31
C ASP D 112 -19.69 1.87 7.05
N TYR D 113 -20.59 1.07 6.52
CA TYR D 113 -20.96 -0.16 7.15
C TYR D 113 -19.88 -1.19 7.05
N GLU D 114 -19.24 -1.28 5.90
CA GLU D 114 -18.19 -2.24 5.71
C GLU D 114 -17.02 -1.89 6.60
N GLU D 115 -16.79 -0.61 6.79
CA GLU D 115 -15.72 -0.11 7.63
C GLU D 115 -16.02 -0.49 9.07
N LEU D 116 -17.29 -0.42 9.49
CA LEU D 116 -17.64 -0.83 10.82
C LEU D 116 -17.45 -2.34 10.99
N LYS D 117 -17.86 -3.12 10.01
CA LYS D 117 -17.66 -4.56 10.12
C LYS D 117 -16.19 -4.87 10.24
N HIS D 118 -15.36 -4.12 9.54
CA HIS D 118 -13.92 -4.28 9.63
C HIS D 118 -13.45 -3.95 11.04
N LEU D 119 -13.95 -2.86 11.62
CA LEU D 119 -13.56 -2.50 12.99
C LEU D 119 -13.81 -3.65 13.93
N LEU D 120 -14.92 -4.34 13.73
CA LEU D 120 -15.30 -5.43 14.61
C LEU D 120 -14.41 -6.66 14.50
N SER D 121 -13.54 -6.72 13.50
CA SER D 121 -12.65 -7.86 13.38
C SER D 121 -11.58 -7.79 14.47
N SER D 122 -11.48 -6.64 15.15
CA SER D 122 -10.54 -6.40 16.22
C SER D 122 -11.25 -6.27 17.57
N VAL D 123 -12.52 -6.63 17.64
CA VAL D 123 -13.25 -6.49 18.88
C VAL D 123 -13.79 -7.82 19.31
N LYS D 124 -13.58 -8.14 20.58
CA LYS D 124 -14.08 -9.38 21.19
C LYS D 124 -15.21 -9.15 22.19
N HIS D 125 -15.39 -7.92 22.68
CA HIS D 125 -16.44 -7.64 23.62
C HIS D 125 -16.73 -6.16 23.67
N PHE D 126 -18.01 -5.81 23.87
CA PHE D 126 -18.41 -4.44 24.09
C PHE D 126 -19.18 -4.30 25.37
N GLU D 127 -19.03 -3.15 26.00
CA GLU D 127 -19.84 -2.83 27.16
C GLU D 127 -20.88 -1.84 26.72
N LYS D 128 -22.14 -2.16 26.88
CA LYS D 128 -23.13 -1.21 26.41
C LYS D 128 -23.41 -0.18 27.52
N VAL D 129 -23.23 1.09 27.18
CA VAL D 129 -23.33 2.20 28.12
C VAL D 129 -24.47 3.14 27.80
N LYS D 130 -25.30 3.43 28.79
CA LYS D 130 -26.43 4.32 28.52
C LYS D 130 -26.03 5.78 28.58
N ILE D 131 -25.53 6.27 27.45
CA ILE D 131 -25.01 7.62 27.31
C ILE D 131 -26.07 8.72 27.29
N LEU D 132 -27.25 8.45 26.75
CA LEU D 132 -28.30 9.46 26.67
C LEU D 132 -29.66 8.89 27.02
N PRO D 133 -29.97 8.66 28.30
CA PRO D 133 -31.16 7.95 28.73
C PRO D 133 -32.34 8.57 28.06
N LYS D 134 -33.26 7.77 27.55
CA LYS D 134 -34.35 8.37 26.80
C LYS D 134 -35.27 9.27 27.60
N ASP D 135 -35.28 9.14 28.91
CA ASP D 135 -36.17 9.97 29.70
C ASP D 135 -35.59 11.36 29.95
N ARG D 136 -34.43 11.66 29.36
CA ARG D 136 -33.85 12.98 29.48
C ARG D 136 -34.52 13.91 28.48
N TRP D 137 -35.18 13.34 27.47
CA TRP D 137 -35.72 14.20 26.43
C TRP D 137 -37.10 14.63 26.88
N THR D 138 -37.15 15.52 27.85
CA THR D 138 -38.38 15.89 28.53
C THR D 138 -39.30 16.76 27.71
N GLN D 139 -38.76 17.30 26.64
CA GLN D 139 -39.49 18.16 25.75
C GLN D 139 -39.88 17.49 24.43
N HIS D 140 -39.65 16.18 24.30
CA HIS D 140 -39.92 15.49 23.05
C HIS D 140 -40.64 14.18 23.26
N THR D 141 -41.31 13.68 22.25
CA THR D 141 -41.93 12.38 22.39
C THR D 141 -40.87 11.32 22.08
N THR D 142 -40.73 10.36 22.99
CA THR D 142 -39.75 9.29 22.92
C THR D 142 -40.37 7.90 22.79
N THR D 143 -41.67 7.89 22.46
CA THR D 143 -42.48 6.69 22.39
C THR D 143 -42.97 6.35 21.00
N GLY D 144 -42.29 6.85 19.97
CA GLY D 144 -42.74 6.60 18.61
C GLY D 144 -42.30 5.22 18.15
N GLY D 145 -42.67 4.87 16.93
CA GLY D 145 -42.34 3.57 16.35
C GLY D 145 -43.15 3.39 15.09
N SER D 146 -43.00 2.24 14.47
CA SER D 146 -43.71 1.96 13.22
C SER D 146 -44.02 0.49 13.07
N ARG D 147 -44.94 0.20 12.15
CA ARG D 147 -45.33 -1.19 11.89
C ARG D 147 -44.18 -2.03 11.37
N ALA D 148 -43.24 -1.41 10.69
CA ALA D 148 -42.10 -2.12 10.13
C ALA D 148 -41.25 -2.90 11.16
N CYS D 149 -41.13 -2.38 12.41
CA CYS D 149 -40.33 -2.94 13.48
C CYS D 149 -41.26 -3.54 14.54
N ALA D 150 -42.52 -3.72 14.19
CA ALA D 150 -43.49 -4.17 15.18
C ALA D 150 -43.19 -5.50 15.79
N VAL D 151 -43.54 -5.60 17.06
CA VAL D 151 -43.37 -6.83 17.81
C VAL D 151 -44.74 -7.37 18.13
N SER D 152 -45.05 -8.55 17.62
CA SER D 152 -46.34 -9.18 17.83
C SER D 152 -47.50 -8.26 17.46
N GLY D 153 -47.33 -7.51 16.37
CA GLY D 153 -48.34 -6.60 15.86
C GLY D 153 -48.29 -5.18 16.43
N ASN D 154 -47.50 -4.94 17.47
CA ASN D 154 -47.42 -3.64 18.09
C ASN D 154 -46.27 -2.80 17.51
N PRO D 155 -46.52 -1.64 16.89
CA PRO D 155 -45.51 -0.82 16.28
C PRO D 155 -44.42 -0.58 17.27
N SER D 156 -43.18 -0.59 16.80
CA SER D 156 -42.06 -0.45 17.68
C SER D 156 -40.87 0.14 16.97
N PHE D 157 -39.71 0.04 17.59
CA PHE D 157 -38.51 0.63 17.01
C PHE D 157 -37.28 -0.08 17.54
N PHE D 158 -36.14 0.34 17.07
CA PHE D 158 -34.89 -0.25 17.47
C PHE D 158 -34.66 -0.01 18.96
N ARG D 159 -34.21 -1.02 19.65
CA ARG D 159 -34.01 -0.96 21.09
C ARG D 159 -32.91 -0.06 21.60
N ASN D 160 -31.88 0.23 20.81
CA ASN D 160 -30.83 1.05 21.35
C ASN D 160 -30.93 2.52 20.95
N MET D 161 -32.08 2.92 20.35
CA MET D 161 -32.24 4.29 19.88
C MET D 161 -33.57 4.94 20.19
N VAL D 162 -33.56 6.27 20.21
CA VAL D 162 -34.75 7.04 20.50
C VAL D 162 -35.19 7.85 19.30
N TRP D 163 -36.40 7.62 18.86
CA TRP D 163 -36.91 8.38 17.73
C TRP D 163 -37.58 9.60 18.29
N LEU D 164 -36.99 10.77 18.12
CA LEU D 164 -37.57 11.96 18.75
C LEU D 164 -38.51 12.66 17.82
N THR D 165 -39.76 12.81 18.26
CA THR D 165 -40.80 13.47 17.48
C THR D 165 -41.39 14.60 18.31
N LYS D 166 -42.33 15.32 17.70
CA LYS D 166 -42.91 16.52 18.36
C LYS D 166 -43.70 16.15 19.60
N LYS D 167 -43.69 17.02 20.60
CA LYS D 167 -44.46 16.85 21.83
C LYS D 167 -45.56 17.87 21.80
N GLY D 168 -46.80 17.47 21.99
CA GLY D 168 -47.81 18.48 21.84
C GLY D 168 -47.75 18.88 20.37
N SER D 169 -47.55 20.16 20.09
CA SER D 169 -47.47 20.65 18.72
C SER D 169 -46.12 21.30 18.43
N ASN D 170 -45.11 21.06 19.28
CA ASN D 170 -43.82 21.69 19.06
C ASN D 170 -42.61 20.77 19.12
N TYR D 171 -41.55 21.20 18.45
CA TYR D 171 -40.29 20.47 18.47
C TYR D 171 -39.15 21.43 18.80
N PRO D 172 -38.87 21.65 20.09
CA PRO D 172 -37.84 22.51 20.60
C PRO D 172 -36.54 21.96 20.12
N VAL D 173 -35.52 22.77 20.01
CA VAL D 173 -34.28 22.20 19.54
C VAL D 173 -33.85 21.16 20.57
N ALA D 174 -33.55 19.97 20.06
CA ALA D 174 -33.16 18.86 20.87
C ALA D 174 -31.68 18.89 21.04
N LYS D 175 -31.22 18.84 22.27
CA LYS D 175 -29.79 18.85 22.50
C LYS D 175 -29.40 17.83 23.52
N GLY D 176 -28.17 17.36 23.40
CA GLY D 176 -27.60 16.48 24.40
C GLY D 176 -26.16 16.19 24.07
N SER D 177 -25.43 15.67 25.04
CA SER D 177 -24.04 15.40 24.81
C SER D 177 -23.52 14.35 25.71
N TYR D 178 -22.27 13.96 25.48
CA TYR D 178 -21.64 12.95 26.34
C TYR D 178 -20.12 13.16 26.38
N ASN D 179 -19.51 13.13 27.55
CA ASN D 179 -18.04 13.22 27.68
C ASN D 179 -17.57 11.78 27.87
N ASN D 180 -16.76 11.24 26.96
CA ASN D 180 -16.43 9.80 27.07
C ASN D 180 -15.55 9.57 28.28
N THR D 181 -16.19 9.26 29.40
CA THR D 181 -15.52 9.02 30.66
C THR D 181 -15.67 7.55 31.01
N SER D 182 -16.05 6.73 30.02
CA SER D 182 -16.27 5.30 30.21
C SER D 182 -14.98 4.53 30.42
N GLY D 183 -13.86 5.16 30.10
CA GLY D 183 -12.55 4.57 30.25
C GLY D 183 -11.93 4.03 28.97
N GLU D 184 -12.67 3.94 27.88
CA GLU D 184 -12.13 3.44 26.62
C GLU D 184 -12.90 3.99 25.42
N GLN D 185 -12.28 3.98 24.25
CA GLN D 185 -12.87 4.45 23.01
C GLN D 185 -14.25 3.84 22.81
N MET D 186 -15.22 4.70 22.46
CA MET D 186 -16.60 4.26 22.31
C MET D 186 -17.22 4.43 20.94
N LEU D 187 -18.01 3.45 20.55
CA LEU D 187 -18.76 3.46 19.31
C LEU D 187 -20.17 4.00 19.46
N ILE D 188 -20.44 5.07 18.75
CA ILE D 188 -21.74 5.71 18.82
C ILE D 188 -22.41 5.71 17.46
N ILE D 189 -23.65 5.22 17.43
CA ILE D 189 -24.42 5.11 16.20
C ILE D 189 -25.68 5.96 16.30
N TRP D 190 -25.97 6.77 15.30
CA TRP D 190 -27.15 7.62 15.36
C TRP D 190 -27.69 7.77 13.97
N GLY D 191 -28.86 8.37 13.81
CA GLY D 191 -29.30 8.52 12.43
C GLY D 191 -30.28 9.62 12.14
N VAL D 192 -30.62 9.71 10.87
CA VAL D 192 -31.52 10.71 10.33
C VAL D 192 -32.71 10.12 9.61
N HIS D 193 -33.89 10.62 9.94
CA HIS D 193 -35.08 10.15 9.27
C HIS D 193 -35.38 10.95 8.02
N HIS D 194 -35.71 10.25 6.95
CA HIS D 194 -36.05 10.83 5.65
C HIS D 194 -37.49 10.48 5.24
N PRO D 195 -38.47 11.36 5.47
CA PRO D 195 -39.89 11.23 5.19
C PRO D 195 -40.16 11.12 3.71
N ASN D 196 -41.28 10.53 3.33
CA ASN D 196 -41.57 10.49 1.90
C ASN D 196 -42.56 11.56 1.48
N ASP D 197 -42.81 12.50 2.37
CA ASP D 197 -43.73 13.59 2.09
C ASP D 197 -43.48 14.77 3.00
N GLU D 198 -44.17 15.86 2.77
CA GLU D 198 -44.01 16.99 3.65
C GLU D 198 -45.06 16.89 4.68
N THR D 199 -46.12 16.16 4.36
CA THR D 199 -47.16 15.96 5.33
C THR D 199 -46.54 15.20 6.47
N GLU D 200 -45.76 14.16 6.15
CA GLU D 200 -45.09 13.37 7.16
C GLU D 200 -44.08 14.21 7.91
N GLN D 201 -43.30 15.04 7.21
CA GLN D 201 -42.35 15.85 7.94
C GLN D 201 -43.06 16.70 8.97
N ARG D 202 -44.18 17.28 8.61
CA ARG D 202 -44.89 18.10 9.58
C ARG D 202 -45.57 17.30 10.67
N THR D 203 -46.17 16.14 10.38
CA THR D 203 -46.84 15.44 11.47
C THR D 203 -45.87 14.81 12.45
N LEU D 204 -44.65 14.54 12.03
CA LEU D 204 -43.70 14.01 12.98
C LEU D 204 -42.90 15.08 13.70
N TYR D 205 -42.46 16.13 13.02
CA TYR D 205 -41.57 17.07 13.67
C TYR D 205 -42.03 18.51 13.75
N GLN D 206 -43.14 18.88 13.08
CA GLN D 206 -43.66 20.26 12.96
C GLN D 206 -42.78 21.17 12.08
N ASN D 207 -41.52 21.28 12.45
CA ASN D 207 -40.56 22.10 11.74
C ASN D 207 -40.28 21.44 10.41
N VAL D 208 -40.16 22.22 9.35
CA VAL D 208 -39.85 21.61 8.04
C VAL D 208 -38.42 21.80 7.60
N GLY D 209 -37.86 23.00 7.73
CA GLY D 209 -36.48 23.24 7.30
C GLY D 209 -35.49 22.77 8.36
N THR D 210 -35.51 21.48 8.64
CA THR D 210 -34.76 20.89 9.72
C THR D 210 -33.37 20.42 9.36
N TYR D 211 -32.60 20.16 10.40
CA TYR D 211 -31.26 19.61 10.29
C TYR D 211 -30.90 18.82 11.51
N VAL D 212 -29.89 17.97 11.34
CA VAL D 212 -29.26 17.23 12.40
C VAL D 212 -27.77 17.53 12.40
N SER D 213 -27.24 17.98 13.52
CA SER D 213 -25.84 18.35 13.64
C SER D 213 -25.13 17.59 14.73
N VAL D 214 -24.05 16.93 14.36
CA VAL D 214 -23.29 16.14 15.29
C VAL D 214 -21.81 16.44 15.22
N GLY D 215 -21.16 16.57 16.38
CA GLY D 215 -19.73 16.74 16.31
C GLY D 215 -18.98 16.42 17.59
N THR D 216 -17.68 16.21 17.40
CA THR D 216 -16.68 15.85 18.40
C THR D 216 -15.47 16.69 18.06
N SER D 217 -14.31 16.42 18.67
CA SER D 217 -13.15 17.23 18.32
C SER D 217 -12.64 16.93 16.90
N THR D 218 -13.05 15.78 16.32
CA THR D 218 -12.63 15.39 14.98
C THR D 218 -13.79 15.32 13.98
N LEU D 219 -14.99 15.16 14.49
CA LEU D 219 -16.19 15.02 13.67
C LEU D 219 -16.92 16.33 13.57
N ASN D 220 -17.25 16.70 12.37
CA ASN D 220 -18.02 17.90 12.14
C ASN D 220 -18.98 17.60 11.03
N LYS D 221 -20.19 17.16 11.37
CA LYS D 221 -21.12 16.75 10.34
C LYS D 221 -22.50 17.33 10.52
N ARG D 222 -23.05 17.86 9.46
CA ARG D 222 -24.40 18.38 9.49
C ARG D 222 -25.13 17.89 8.29
N SER D 223 -26.36 17.48 8.47
CA SER D 223 -27.15 17.02 7.35
C SER D 223 -28.60 17.38 7.51
N THR D 224 -29.30 17.35 6.39
CA THR D 224 -30.72 17.64 6.38
C THR D 224 -31.39 16.44 5.76
N PRO D 225 -32.66 16.16 6.06
CA PRO D 225 -33.43 15.10 5.47
C PRO D 225 -33.77 15.42 4.03
N ASP D 226 -33.88 14.40 3.20
CA ASP D 226 -34.34 14.54 1.83
C ASP D 226 -35.74 13.98 1.68
N ILE D 227 -36.70 14.86 1.57
CA ILE D 227 -38.07 14.42 1.46
C ILE D 227 -38.33 14.03 0.01
N ALA D 228 -38.77 12.81 -0.21
CA ALA D 228 -39.00 12.35 -1.57
C ALA D 228 -39.86 11.10 -1.64
N THR D 229 -40.53 10.91 -2.76
CA THR D 229 -41.21 9.64 -2.98
C THR D 229 -40.18 8.58 -3.33
N ARG D 230 -40.28 7.45 -2.65
CA ARG D 230 -39.38 6.33 -2.83
C ARG D 230 -40.23 5.06 -2.92
N PRO D 231 -39.76 3.96 -3.53
CA PRO D 231 -40.43 2.69 -3.54
C PRO D 231 -40.57 2.21 -2.12
N LYS D 232 -41.63 1.49 -1.81
CA LYS D 232 -41.76 0.99 -0.45
C LYS D 232 -40.92 -0.23 -0.17
N VAL D 233 -40.32 -0.23 1.01
CA VAL D 233 -39.57 -1.36 1.53
C VAL D 233 -40.13 -1.68 2.91
N ASN D 234 -40.52 -2.92 3.11
CA ASN D 234 -41.14 -3.34 4.38
C ASN D 234 -42.36 -2.48 4.69
N GLY D 235 -43.08 -2.07 3.65
CA GLY D 235 -44.29 -1.27 3.81
C GLY D 235 -44.07 0.23 3.90
N GLN D 236 -42.82 0.68 3.99
CA GLN D 236 -42.59 2.12 4.15
C GLN D 236 -41.86 2.78 3.00
N GLY D 237 -42.31 3.97 2.63
CA GLY D 237 -41.68 4.73 1.55
C GLY D 237 -40.63 5.67 2.07
N GLY D 238 -40.42 5.64 3.36
CA GLY D 238 -39.47 6.47 4.06
C GLY D 238 -38.19 5.70 4.29
N ARG D 239 -37.13 6.40 4.68
CA ARG D 239 -35.86 5.73 4.97
C ARG D 239 -35.15 6.30 6.19
N MET D 240 -34.39 5.46 6.89
CA MET D 240 -33.51 5.99 7.94
C MET D 240 -32.05 5.80 7.58
N GLU D 241 -31.27 6.84 7.77
CA GLU D 241 -29.85 6.80 7.50
C GLU D 241 -29.04 6.72 8.76
N PHE D 242 -28.22 5.69 8.91
CA PHE D 242 -27.44 5.59 10.13
C PHE D 242 -25.98 5.87 9.87
N SER D 243 -25.35 6.54 10.83
CA SER D 243 -23.94 6.87 10.77
C SER D 243 -23.27 6.53 12.07
N TRP D 244 -21.96 6.42 12.07
CA TRP D 244 -21.31 6.11 13.32
C TRP D 244 -19.98 6.79 13.47
N THR D 245 -19.56 6.93 14.70
CA THR D 245 -18.26 7.49 14.97
C THR D 245 -17.63 6.85 16.16
N LEU D 246 -16.33 7.01 16.29
CA LEU D 246 -15.67 6.58 17.49
C LEU D 246 -15.29 7.80 18.27
N LEU D 247 -15.80 7.87 19.47
CA LEU D 247 -15.56 8.97 20.35
C LEU D 247 -14.36 8.57 21.18
N ASP D 248 -13.31 9.37 21.13
CA ASP D 248 -12.12 8.96 21.83
C ASP D 248 -12.28 9.28 23.29
N MET D 249 -11.29 8.95 24.07
CA MET D 249 -11.43 9.16 25.48
C MET D 249 -11.38 10.62 25.82
N TRP D 250 -12.25 10.97 26.73
CA TRP D 250 -12.43 12.28 27.31
C TRP D 250 -12.93 13.29 26.29
N ASP D 251 -13.29 12.83 25.09
CA ASP D 251 -13.84 13.73 24.11
C ASP D 251 -15.32 13.84 24.31
N THR D 252 -15.91 14.90 23.83
CA THR D 252 -17.35 15.10 23.96
C THR D 252 -18.09 15.14 22.66
N ILE D 253 -19.15 14.36 22.58
CA ILE D 253 -19.98 14.36 21.40
C ILE D 253 -21.19 15.20 21.67
N ASN D 254 -21.48 16.09 20.75
CA ASN D 254 -22.59 16.99 20.88
C ASN D 254 -23.61 16.80 19.79
N PHE D 255 -24.84 16.54 20.19
CA PHE D 255 -25.94 16.36 19.26
C PHE D 255 -26.85 17.56 19.34
N GLU D 256 -27.29 18.04 18.18
CA GLU D 256 -28.26 19.11 18.08
C GLU D 256 -29.24 18.86 16.95
N SER D 257 -30.53 19.01 17.22
CA SER D 257 -31.48 18.79 16.16
C SER D 257 -32.76 19.59 16.21
N THR D 258 -33.25 19.93 15.04
CA THR D 258 -34.52 20.63 14.88
C THR D 258 -35.58 19.71 14.33
N GLY D 259 -35.21 18.45 14.22
CA GLY D 259 -36.09 17.42 13.72
C GLY D 259 -35.29 16.37 13.02
N ASN D 260 -35.92 15.22 12.81
CA ASN D 260 -35.38 14.08 12.10
C ASN D 260 -34.20 13.40 12.78
N LEU D 261 -34.02 13.62 14.07
CA LEU D 261 -32.97 12.94 14.83
C LEU D 261 -33.42 11.70 15.55
N ILE D 262 -32.64 10.65 15.33
CA ILE D 262 -32.76 9.40 16.01
C ILE D 262 -31.55 9.35 16.89
N ALA D 263 -31.74 9.56 18.18
CA ALA D 263 -30.64 9.69 19.09
C ALA D 263 -30.22 8.33 19.54
N PRO D 264 -28.98 8.07 19.85
CA PRO D 264 -28.58 6.85 20.47
C PRO D 264 -29.04 6.92 21.87
N GLU D 265 -29.40 5.79 22.46
CA GLU D 265 -29.60 5.79 23.88
C GLU D 265 -28.34 5.20 24.47
N TYR D 266 -27.77 4.24 23.73
CA TYR D 266 -26.58 3.56 24.20
C TYR D 266 -25.39 3.70 23.28
N GLY D 267 -24.19 3.68 23.86
CA GLY D 267 -22.96 3.63 23.09
C GLY D 267 -22.29 2.31 23.41
N PHE D 268 -21.31 1.91 22.62
CA PHE D 268 -20.64 0.66 22.90
C PHE D 268 -19.16 0.82 23.19
N LYS D 269 -18.76 0.57 24.41
CA LYS D 269 -17.37 0.75 24.75
C LYS D 269 -16.61 -0.44 24.23
N ILE D 270 -15.48 -0.24 23.57
CA ILE D 270 -14.72 -1.39 23.08
C ILE D 270 -13.91 -1.90 24.24
N SER D 271 -14.18 -3.12 24.72
CA SER D 271 -13.50 -3.57 25.94
C SER D 271 -12.26 -4.47 25.80
N LYS D 272 -12.06 -5.11 24.65
CA LYS D 272 -10.92 -6.05 24.53
C LYS D 272 -9.85 -5.64 23.53
N ARG D 273 -10.30 -5.24 22.36
CA ARG D 273 -9.44 -4.85 21.23
C ARG D 273 -8.45 -5.94 20.78
N GLY D 274 -8.84 -7.21 20.83
CA GLY D 274 -7.95 -8.29 20.40
C GLY D 274 -8.20 -8.66 18.95
N SER D 275 -7.41 -9.58 18.41
CA SER D 275 -7.61 -9.99 17.02
C SER D 275 -8.65 -11.08 16.89
N SER D 276 -9.63 -10.84 16.04
CA SER D 276 -10.74 -11.73 15.75
C SER D 276 -11.07 -11.71 14.26
N GLY D 277 -12.33 -11.89 13.90
CA GLY D 277 -12.77 -11.89 12.51
C GLY D 277 -14.23 -12.26 12.36
N ILE D 278 -14.79 -12.02 11.18
CA ILE D 278 -16.19 -12.35 10.93
C ILE D 278 -16.26 -13.45 9.90
N MET D 279 -16.89 -14.54 10.27
CA MET D 279 -17.01 -15.69 9.39
C MET D 279 -18.40 -15.82 8.85
N LYS D 280 -18.50 -16.05 7.55
CA LYS D 280 -19.81 -16.26 6.95
C LYS D 280 -20.13 -17.72 6.86
N THR D 281 -21.17 -18.13 7.54
CA THR D 281 -21.58 -19.52 7.58
C THR D 281 -23.01 -19.67 7.99
N GLU D 282 -23.63 -20.73 7.51
CA GLU D 282 -25.03 -20.97 7.79
C GLU D 282 -25.24 -21.91 8.96
N GLY D 283 -24.15 -22.35 9.58
CA GLY D 283 -24.24 -23.30 10.66
C GLY D 283 -24.36 -22.67 12.04
N THR D 284 -24.20 -23.50 13.06
CA THR D 284 -24.30 -23.10 14.45
C THR D 284 -23.14 -23.64 15.24
N LEU D 285 -22.90 -23.12 16.43
CA LEU D 285 -21.82 -23.62 17.25
C LEU D 285 -22.05 -25.01 17.82
N GLU D 286 -21.02 -25.86 17.72
CA GLU D 286 -21.00 -27.20 18.26
C GLU D 286 -20.12 -27.23 19.51
N ASN D 287 -20.30 -28.22 20.36
CA ASN D 287 -19.47 -28.26 21.56
C ASN D 287 -18.09 -28.92 21.35
N CYS D 288 -17.15 -28.14 20.77
CA CYS D 288 -15.79 -28.53 20.41
C CYS D 288 -14.87 -27.32 20.53
N GLU D 289 -13.56 -27.55 20.49
CA GLU D 289 -12.59 -26.45 20.59
C GLU D 289 -11.52 -26.54 19.52
N THR D 290 -11.05 -25.37 19.05
CA THR D 290 -9.97 -25.35 18.07
C THR D 290 -8.94 -24.24 18.20
N LYS D 291 -7.91 -24.37 17.37
CA LYS D 291 -6.84 -23.37 17.17
C LYS D 291 -6.84 -22.69 15.77
N CYS D 292 -7.63 -23.27 14.83
CA CYS D 292 -7.83 -22.95 13.42
C CYS D 292 -9.23 -23.36 13.02
N GLN D 293 -10.06 -22.38 12.71
CA GLN D 293 -11.45 -22.61 12.33
C GLN D 293 -11.71 -22.22 10.88
N THR D 294 -12.27 -23.11 10.06
CA THR D 294 -12.59 -22.66 8.72
C THR D 294 -14.12 -22.70 8.69
N PRO D 295 -14.81 -22.13 7.70
CA PRO D 295 -16.25 -22.20 7.52
C PRO D 295 -16.78 -23.61 7.35
N LEU D 296 -15.92 -24.57 7.00
CA LEU D 296 -16.36 -25.93 6.81
C LEU D 296 -16.13 -26.75 8.05
N GLY D 297 -15.54 -26.14 9.06
CA GLY D 297 -15.19 -26.81 10.28
C GLY D 297 -13.74 -26.61 10.69
N ALA D 298 -13.44 -26.92 11.93
CA ALA D 298 -12.10 -26.77 12.50
C ALA D 298 -11.05 -27.73 11.95
N ILE D 299 -9.81 -27.27 11.81
CA ILE D 299 -8.69 -28.10 11.29
C ILE D 299 -7.73 -28.41 12.45
N ASN D 300 -7.90 -29.56 13.10
CA ASN D 300 -7.01 -29.99 14.21
C ASN D 300 -5.78 -30.66 13.61
N THR D 301 -4.62 -29.99 13.58
CA THR D 301 -3.47 -30.60 12.86
C THR D 301 -2.12 -29.92 13.09
N THR D 302 -1.05 -30.42 12.45
CA THR D 302 0.32 -29.99 12.64
C THR D 302 1.08 -29.79 11.32
N LEU D 303 0.44 -30.06 10.20
CA LEU D 303 1.13 -30.00 8.92
C LEU D 303 1.23 -28.56 8.45
N PRO D 304 2.25 -28.18 7.67
CA PRO D 304 2.46 -26.84 7.11
C PRO D 304 1.46 -26.34 6.09
N PHE D 305 0.76 -27.23 5.41
CA PHE D 305 -0.20 -26.79 4.41
C PHE D 305 -1.53 -27.45 4.62
N HIS D 306 -2.58 -26.84 4.09
CA HIS D 306 -3.90 -27.47 4.09
C HIS D 306 -4.60 -27.09 2.81
N ASN D 307 -5.60 -27.87 2.44
CA ASN D 307 -6.40 -27.52 1.27
C ASN D 307 -7.89 -27.51 1.58
N VAL D 308 -8.26 -27.13 2.81
CA VAL D 308 -9.65 -27.20 3.19
C VAL D 308 -10.51 -26.04 2.70
N HIS D 309 -10.08 -24.81 2.97
CA HIS D 309 -10.87 -23.67 2.55
C HIS D 309 -9.99 -22.42 2.53
N PRO D 310 -10.09 -21.52 1.55
CA PRO D 310 -9.35 -20.28 1.49
C PRO D 310 -9.53 -19.28 2.63
N LEU D 311 -10.65 -19.30 3.35
CA LEU D 311 -10.85 -18.30 4.39
C LEU D 311 -10.87 -18.91 5.75
N THR D 312 -9.94 -18.54 6.60
CA THR D 312 -9.89 -19.15 7.91
C THR D 312 -9.70 -18.11 9.00
N ILE D 313 -10.06 -18.45 10.23
CA ILE D 313 -9.75 -17.60 11.38
C ILE D 313 -8.91 -18.40 12.37
N GLY D 314 -7.76 -17.86 12.72
CA GLY D 314 -6.87 -18.55 13.64
C GLY D 314 -5.46 -18.54 13.10
N GLU D 315 -4.63 -19.42 13.65
CA GLU D 315 -3.25 -19.54 13.20
C GLU D 315 -3.19 -20.88 12.47
N CYS D 316 -3.36 -20.83 11.14
CA CYS D 316 -3.60 -21.96 10.26
C CYS D 316 -2.41 -22.28 9.35
N PRO D 317 -2.33 -23.52 8.85
CA PRO D 317 -1.38 -23.99 7.86
C PRO D 317 -1.63 -23.15 6.64
N LYS D 318 -0.70 -23.06 5.74
CA LYS D 318 -0.97 -22.25 4.58
C LYS D 318 -1.87 -22.96 3.58
N TYR D 319 -2.88 -22.25 3.11
CA TYR D 319 -3.77 -22.84 2.13
C TYR D 319 -3.13 -22.86 0.76
N VAL D 320 -3.20 -24.02 0.10
CA VAL D 320 -2.69 -24.18 -1.26
C VAL D 320 -3.69 -24.86 -2.18
N LYS D 321 -3.60 -24.56 -3.46
CA LYS D 321 -4.46 -25.22 -4.44
C LYS D 321 -3.85 -26.49 -4.96
N SER D 322 -3.79 -27.48 -4.11
CA SER D 322 -3.20 -28.74 -4.49
C SER D 322 -3.89 -29.87 -3.79
N GLU D 323 -3.79 -31.04 -4.37
CA GLU D 323 -4.37 -32.25 -3.81
C GLU D 323 -3.40 -33.08 -3.00
N LYS D 324 -2.13 -33.02 -3.36
CA LYS D 324 -1.16 -33.88 -2.71
C LYS D 324 0.26 -33.34 -2.65
N LEU D 325 0.78 -33.20 -1.44
CA LEU D 325 2.16 -32.78 -1.26
C LEU D 325 2.86 -33.83 -0.43
N VAL D 326 3.58 -34.73 -1.07
CA VAL D 326 4.20 -35.81 -0.32
C VAL D 326 5.68 -35.86 -0.53
N LEU D 327 6.40 -35.89 0.57
CA LEU D 327 7.85 -35.98 0.56
C LEU D 327 8.28 -37.42 0.73
N ALA D 328 9.14 -37.90 -0.14
CA ALA D 328 9.64 -39.25 0.07
C ALA D 328 10.56 -39.15 1.25
N THR D 329 10.58 -40.14 2.13
CA THR D 329 11.51 -40.11 3.22
C THR D 329 12.35 -41.37 3.21
N GLY D 330 11.85 -42.39 2.53
CA GLY D 330 12.50 -43.68 2.48
C GLY D 330 13.24 -43.92 1.19
N LEU D 331 13.41 -45.19 0.86
CA LEU D 331 14.19 -45.62 -0.28
C LEU D 331 13.27 -45.93 -1.43
N ARG D 332 13.78 -45.94 -2.65
CA ARG D 332 12.87 -46.36 -3.71
C ARG D 332 12.52 -47.80 -3.34
N ASN D 333 11.25 -48.17 -3.37
CA ASN D 333 10.92 -49.50 -2.92
C ASN D 333 11.02 -50.48 -4.04
N VAL D 334 12.18 -51.11 -4.14
CA VAL D 334 12.38 -52.08 -5.19
C VAL D 334 12.51 -53.47 -4.58
N PRO D 335 11.43 -54.28 -4.54
CA PRO D 335 11.34 -55.57 -3.91
C PRO D 335 11.94 -56.62 -4.81
N ALA D 347 23.11 -62.47 -4.59
CA ALA D 347 23.25 -61.15 -5.22
C ALA D 347 22.51 -60.09 -4.47
N GLY D 348 22.81 -58.81 -4.72
CA GLY D 348 21.98 -57.75 -4.13
C GLY D 348 22.40 -56.34 -4.53
N PHE D 349 21.58 -55.32 -4.16
CA PHE D 349 21.89 -53.90 -4.47
C PHE D 349 21.68 -53.52 -5.91
N ILE D 350 22.43 -54.13 -6.76
CA ILE D 350 22.27 -53.98 -8.18
C ILE D 350 20.96 -54.63 -8.60
N GLU D 351 20.69 -55.78 -7.99
CA GLU D 351 19.55 -56.60 -8.29
C GLU D 351 18.29 -56.27 -7.46
N GLY D 352 18.38 -55.28 -6.57
CA GLY D 352 17.25 -54.92 -5.69
C GLY D 352 17.58 -55.16 -4.23
N GLY D 353 17.43 -54.15 -3.38
CA GLY D 353 17.75 -54.28 -1.96
C GLY D 353 16.83 -55.29 -1.28
N TRP D 354 17.36 -56.10 -0.36
CA TRP D 354 16.52 -57.18 0.24
C TRP D 354 15.36 -56.59 1.03
N GLN D 355 14.17 -57.16 0.88
CA GLN D 355 12.98 -56.75 1.67
C GLN D 355 13.19 -57.01 3.16
N GLY D 356 13.82 -58.15 3.51
CA GLY D 356 13.89 -58.57 4.93
C GLY D 356 14.64 -57.62 5.86
N MET D 357 15.77 -57.04 5.47
CA MET D 357 16.55 -56.23 6.44
C MET D 357 15.58 -55.34 7.24
N VAL D 358 15.45 -55.59 8.56
CA VAL D 358 14.52 -54.81 9.38
C VAL D 358 15.13 -53.74 10.28
N ASP D 359 16.43 -53.68 10.39
CA ASP D 359 17.10 -52.80 11.33
C ASP D 359 17.79 -51.55 10.74
N GLY D 360 17.47 -51.19 9.52
CA GLY D 360 18.10 -50.02 8.92
C GLY D 360 17.79 -49.90 7.45
N TRP D 361 18.50 -49.01 6.77
CA TRP D 361 18.28 -48.77 5.35
C TRP D 361 19.34 -49.39 4.50
N TYR D 362 20.57 -49.39 4.98
CA TYR D 362 21.64 -49.94 4.17
C TYR D 362 22.27 -50.99 5.06
N GLY D 363 22.82 -52.05 4.47
CA GLY D 363 23.40 -53.13 5.28
C GLY D 363 24.11 -54.25 4.50
N TYR D 364 24.42 -55.32 5.24
CA TYR D 364 25.21 -56.46 4.76
C TYR D 364 24.55 -57.85 4.88
N HIS D 365 24.97 -58.77 3.99
CA HIS D 365 24.58 -60.21 4.00
C HIS D 365 25.43 -61.19 4.87
N HIS D 366 26.72 -60.93 5.00
CA HIS D 366 27.61 -61.77 5.81
C HIS D 366 27.62 -63.28 5.60
N SER D 367 27.76 -63.84 4.39
CA SER D 367 27.77 -65.31 4.39
C SER D 367 29.11 -65.84 4.89
N ASN D 368 29.11 -66.86 5.71
CA ASN D 368 30.33 -67.44 6.26
C ASN D 368 30.07 -68.88 6.64
N ASP D 369 31.05 -69.55 7.27
CA ASP D 369 30.88 -70.96 7.60
C ASP D 369 30.06 -71.24 8.87
N GLN D 370 29.71 -70.21 9.63
CA GLN D 370 28.86 -70.43 10.81
C GLN D 370 27.44 -70.24 10.35
N GLY D 371 27.30 -69.39 9.35
CA GLY D 371 26.02 -69.08 8.71
C GLY D 371 25.81 -67.61 8.42
N SER D 372 24.98 -67.36 7.41
CA SER D 372 24.60 -66.05 6.92
C SER D 372 23.54 -65.37 7.76
N GLY D 373 23.32 -64.08 7.52
CA GLY D 373 22.30 -63.33 8.23
C GLY D 373 22.32 -61.92 7.74
N TYR D 374 21.44 -61.06 8.25
CA TYR D 374 21.38 -59.69 7.68
C TYR D 374 21.53 -58.65 8.80
N ALA D 375 22.44 -57.69 8.59
CA ALA D 375 22.60 -56.65 9.58
C ALA D 375 22.71 -55.31 8.94
N ALA D 376 22.13 -54.33 9.58
CA ALA D 376 22.22 -52.99 9.07
C ALA D 376 23.54 -52.35 9.37
N ASP D 377 23.90 -51.44 8.49
CA ASP D 377 25.04 -50.58 8.66
C ASP D 377 24.53 -49.37 9.40
N LYS D 378 24.76 -49.33 10.70
CA LYS D 378 24.17 -48.30 11.52
C LYS D 378 24.78 -46.95 11.25
N GLU D 379 26.06 -46.91 10.92
CA GLU D 379 26.66 -45.61 10.69
C GLU D 379 26.05 -44.98 9.45
N SER D 380 25.93 -45.76 8.38
CA SER D 380 25.40 -45.21 7.15
C SER D 380 23.93 -44.86 7.28
N THR D 381 23.15 -45.75 7.91
CA THR D 381 21.73 -45.50 8.05
C THR D 381 21.49 -44.31 8.92
N GLN D 382 22.19 -44.18 10.03
CA GLN D 382 21.91 -43.07 10.90
C GLN D 382 22.25 -41.75 10.25
N LYS D 383 23.34 -41.68 9.49
CA LYS D 383 23.62 -40.40 8.88
C LYS D 383 22.58 -40.07 7.84
N ALA D 384 22.15 -41.06 7.06
CA ALA D 384 21.16 -40.80 6.04
C ALA D 384 19.85 -40.41 6.66
N PHE D 385 19.52 -41.04 7.76
CA PHE D 385 18.29 -40.81 8.48
C PHE D 385 18.20 -39.39 8.94
N ASP D 386 19.26 -38.90 9.57
CA ASP D 386 19.25 -37.55 10.07
C ASP D 386 19.25 -36.56 8.94
N GLY D 387 19.89 -36.89 7.82
CA GLY D 387 19.85 -35.98 6.69
C GLY D 387 18.40 -35.83 6.25
N ILE D 388 17.66 -36.92 6.17
CA ILE D 388 16.28 -36.84 5.79
C ILE D 388 15.41 -36.11 6.81
N THR D 389 15.60 -36.34 8.11
CA THR D 389 14.73 -35.62 9.02
C THR D 389 15.04 -34.13 8.99
N ASN D 390 16.31 -33.75 8.75
CA ASN D 390 16.62 -32.34 8.64
C ASN D 390 15.99 -31.78 7.38
N LYS D 391 15.93 -32.57 6.31
CA LYS D 391 15.32 -32.12 5.08
C LYS D 391 13.87 -31.82 5.29
N VAL D 392 13.17 -32.70 5.99
CA VAL D 392 11.76 -32.48 6.21
C VAL D 392 11.56 -31.24 7.03
N ASN D 393 12.35 -31.07 8.07
CA ASN D 393 12.17 -29.89 8.90
C ASN D 393 12.54 -28.61 8.15
N SER D 394 13.52 -28.63 7.27
CA SER D 394 13.83 -27.43 6.53
C SER D 394 12.65 -27.03 5.65
N VAL D 395 11.95 -28.02 5.11
CA VAL D 395 10.79 -27.76 4.29
C VAL D 395 9.58 -27.25 5.08
N ILE D 396 9.28 -27.87 6.22
CA ILE D 396 8.07 -27.48 6.94
C ILE D 396 8.27 -26.34 7.96
N GLU D 397 9.43 -26.21 8.59
CA GLU D 397 9.66 -25.22 9.63
C GLU D 397 9.97 -23.85 9.07
N LYS D 398 10.09 -23.75 7.76
CA LYS D 398 10.33 -22.47 7.14
C LYS D 398 9.03 -21.79 6.78
N MET D 399 7.91 -22.45 7.04
CA MET D 399 6.65 -21.81 6.77
C MET D 399 6.24 -21.03 7.99
N ASN D 400 5.87 -19.78 7.79
CA ASN D 400 5.45 -18.95 8.90
C ASN D 400 3.95 -18.98 9.06
N THR D 401 3.51 -18.79 10.30
CA THR D 401 2.11 -18.67 10.60
C THR D 401 1.90 -17.39 11.39
N GLN D 402 0.66 -16.95 11.44
CA GLN D 402 0.28 -15.77 12.19
C GLN D 402 -1.21 -15.81 12.34
N PHE D 403 -1.76 -15.00 13.23
CA PHE D 403 -3.20 -14.94 13.27
C PHE D 403 -3.69 -14.02 12.19
N GLU D 404 -4.58 -14.51 11.36
CA GLU D 404 -5.10 -13.67 10.30
C GLU D 404 -6.55 -14.06 9.96
N ALA D 405 -7.43 -13.07 9.78
CA ALA D 405 -8.85 -13.35 9.44
C ALA D 405 -9.13 -13.41 7.94
N VAL D 406 -8.10 -13.17 7.15
CA VAL D 406 -8.11 -13.18 5.69
C VAL D 406 -9.42 -12.82 4.96
N GLY D 407 -10.04 -11.69 5.26
CA GLY D 407 -11.22 -11.33 4.49
C GLY D 407 -11.71 -9.94 4.82
N LYS D 408 -12.36 -9.33 3.84
CA LYS D 408 -12.89 -7.97 3.93
C LYS D 408 -14.20 -7.84 3.24
N GLU D 409 -15.03 -6.96 3.75
CA GLU D 409 -16.30 -6.65 3.13
C GLU D 409 -16.10 -5.43 2.26
N PHE D 410 -16.80 -5.38 1.14
CA PHE D 410 -16.75 -4.21 0.25
C PHE D 410 -18.16 -3.84 -0.17
N SER D 411 -18.39 -2.56 -0.40
CA SER D 411 -19.71 -2.10 -0.84
C SER D 411 -19.83 -2.34 -2.32
N ASN D 412 -21.00 -2.15 -2.87
CA ASN D 412 -21.19 -2.40 -4.29
C ASN D 412 -20.65 -1.30 -5.18
N LEU D 413 -20.10 -0.24 -4.59
CA LEU D 413 -19.53 0.85 -5.33
C LEU D 413 -18.02 0.82 -5.25
N GLU D 414 -17.48 -0.27 -4.71
CA GLU D 414 -16.06 -0.44 -4.56
C GLU D 414 -15.57 -1.66 -5.29
N ARG D 415 -16.10 -1.94 -6.46
CA ARG D 415 -15.74 -3.14 -7.16
C ARG D 415 -14.30 -3.09 -7.60
N ARG D 416 -13.77 -1.92 -7.95
CA ARG D 416 -12.37 -1.96 -8.35
C ARG D 416 -11.51 -2.41 -7.18
N LEU D 417 -11.86 -1.99 -5.95
CA LEU D 417 -11.06 -2.34 -4.79
C LEU D 417 -11.27 -3.79 -4.39
N GLU D 418 -12.51 -4.26 -4.47
CA GLU D 418 -12.80 -5.63 -4.14
C GLU D 418 -12.05 -6.54 -5.07
N ASN D 419 -12.00 -6.18 -6.35
CA ASN D 419 -11.33 -6.99 -7.33
C ASN D 419 -9.84 -6.93 -7.11
N LEU D 420 -9.32 -5.80 -6.68
CA LEU D 420 -7.90 -5.69 -6.41
C LEU D 420 -7.57 -6.63 -5.28
N ASN D 421 -8.38 -6.63 -4.23
CA ASN D 421 -8.14 -7.52 -3.10
C ASN D 421 -8.18 -8.96 -3.55
N LYS D 422 -9.13 -9.32 -4.39
CA LYS D 422 -9.22 -10.68 -4.84
C LYS D 422 -8.00 -11.06 -5.64
N LYS D 423 -7.56 -10.18 -6.53
CA LYS D 423 -6.41 -10.48 -7.36
C LYS D 423 -5.20 -10.70 -6.49
N MET D 424 -5.04 -9.89 -5.45
CA MET D 424 -3.92 -10.03 -4.55
C MET D 424 -3.89 -11.37 -3.88
N GLU D 425 -5.05 -11.78 -3.34
CA GLU D 425 -5.12 -13.03 -2.63
C GLU D 425 -4.88 -14.21 -3.55
N ASP D 426 -5.41 -14.14 -4.78
CA ASP D 426 -5.22 -15.23 -5.70
C ASP D 426 -3.77 -15.28 -6.14
N GLY D 427 -3.15 -14.12 -6.29
CA GLY D 427 -1.77 -14.02 -6.69
C GLY D 427 -0.88 -14.69 -5.67
N PHE D 428 -1.08 -14.42 -4.39
CA PHE D 428 -0.22 -15.03 -3.40
C PHE D 428 -0.49 -16.50 -3.31
N LEU D 429 -1.73 -16.91 -3.53
CA LEU D 429 -2.02 -18.32 -3.48
C LEU D 429 -1.29 -19.02 -4.61
N ASP D 430 -1.27 -18.47 -5.82
CA ASP D 430 -0.56 -19.15 -6.90
C ASP D 430 0.92 -19.22 -6.63
N VAL D 431 1.49 -18.19 -6.02
CA VAL D 431 2.91 -18.23 -5.72
C VAL D 431 3.22 -19.32 -4.73
N TRP D 432 2.43 -19.41 -3.66
CA TRP D 432 2.71 -20.41 -2.67
C TRP D 432 2.36 -21.81 -3.09
N THR D 433 1.34 -21.98 -3.92
CA THR D 433 0.98 -23.30 -4.35
C THR D 433 2.08 -23.82 -5.22
N TYR D 434 2.55 -22.98 -6.13
CA TYR D 434 3.61 -23.31 -7.04
C TYR D 434 4.86 -23.66 -6.29
N ASN D 435 5.24 -22.83 -5.32
CA ASN D 435 6.44 -23.12 -4.59
C ASN D 435 6.33 -24.40 -3.81
N ALA D 436 5.17 -24.67 -3.21
CA ALA D 436 5.05 -25.90 -2.44
C ALA D 436 5.21 -27.11 -3.33
N GLU D 437 4.62 -27.07 -4.52
CA GLU D 437 4.71 -28.22 -5.40
C GLU D 437 6.09 -28.39 -5.99
N LEU D 438 6.77 -27.31 -6.35
CA LEU D 438 8.08 -27.49 -6.94
C LEU D 438 9.08 -27.87 -5.88
N LEU D 439 8.94 -27.38 -4.67
CA LEU D 439 9.89 -27.77 -3.66
C LEU D 439 9.72 -29.24 -3.38
N VAL D 440 8.49 -29.73 -3.30
CA VAL D 440 8.31 -31.15 -3.05
C VAL D 440 8.87 -31.99 -4.18
N LEU D 441 8.62 -31.62 -5.43
CA LEU D 441 9.15 -32.44 -6.51
C LEU D 441 10.66 -32.41 -6.56
N MET D 442 11.27 -31.26 -6.36
CA MET D 442 12.72 -31.20 -6.43
C MET D 442 13.35 -31.94 -5.26
N GLU D 443 12.74 -31.86 -4.09
CA GLU D 443 13.30 -32.56 -2.97
C GLU D 443 13.11 -34.05 -3.09
N ASN D 444 12.02 -34.52 -3.67
CA ASN D 444 11.88 -35.94 -3.80
C ASN D 444 12.92 -36.49 -4.74
N GLU D 445 13.26 -35.74 -5.79
CA GLU D 445 14.30 -36.21 -6.69
C GLU D 445 15.61 -36.33 -5.94
N ARG D 446 15.95 -35.30 -5.17
CA ARG D 446 17.20 -35.34 -4.44
C ARG D 446 17.21 -36.44 -3.40
N THR D 447 16.08 -36.69 -2.75
CA THR D 447 16.00 -37.74 -1.75
C THR D 447 16.30 -39.07 -2.36
N LEU D 448 15.72 -39.37 -3.49
CA LEU D 448 16.00 -40.67 -4.04
C LEU D 448 17.43 -40.77 -4.53
N ASP D 449 18.00 -39.69 -5.09
CA ASP D 449 19.38 -39.79 -5.54
C ASP D 449 20.31 -39.95 -4.34
N PHE D 450 19.96 -39.30 -3.24
CA PHE D 450 20.73 -39.35 -2.01
C PHE D 450 20.85 -40.77 -1.55
N HIS D 451 19.75 -41.48 -1.52
CA HIS D 451 19.77 -42.85 -1.08
C HIS D 451 20.57 -43.74 -2.01
N ASP D 452 20.47 -43.52 -3.32
CA ASP D 452 21.23 -44.35 -4.23
C ASP D 452 22.72 -44.08 -4.08
N SER D 453 23.10 -42.83 -3.84
CA SER D 453 24.50 -42.51 -3.65
C SER D 453 25.02 -43.09 -2.35
N ASN D 454 24.21 -43.11 -1.29
CA ASN D 454 24.70 -43.64 -0.03
C ASN D 454 25.00 -45.12 -0.11
N VAL D 455 24.19 -45.88 -0.83
CA VAL D 455 24.50 -47.30 -0.93
C VAL D 455 25.70 -47.52 -1.83
N LYS D 456 25.84 -46.74 -2.91
CA LYS D 456 27.02 -46.90 -3.76
C LYS D 456 28.28 -46.55 -2.99
N ASN D 457 28.21 -45.53 -2.14
CA ASN D 457 29.37 -45.13 -1.39
C ASN D 457 29.74 -46.21 -0.39
N LEU D 458 28.75 -46.92 0.15
CA LEU D 458 29.03 -47.99 1.08
C LEU D 458 29.76 -49.11 0.37
N TYR D 459 29.32 -49.44 -0.84
CA TYR D 459 29.96 -50.48 -1.62
C TYR D 459 31.43 -50.13 -1.81
N ASP D 460 31.72 -48.89 -2.20
CA ASP D 460 33.11 -48.48 -2.41
C ASP D 460 33.92 -48.36 -1.14
N LYS D 461 33.32 -47.94 -0.03
CA LYS D 461 34.07 -47.87 1.21
C LYS D 461 34.64 -49.24 1.50
N VAL D 462 33.79 -50.25 1.33
CA VAL D 462 34.16 -51.61 1.57
C VAL D 462 35.12 -52.13 0.51
N ARG D 463 34.88 -51.85 -0.75
CA ARG D 463 35.77 -52.32 -1.80
C ARG D 463 37.19 -51.88 -1.59
N MET D 464 37.38 -50.61 -1.22
CA MET D 464 38.71 -50.08 -1.02
C MET D 464 39.45 -50.74 0.11
N GLN D 465 38.74 -51.10 1.18
CA GLN D 465 39.37 -51.77 2.31
C GLN D 465 39.75 -53.21 1.97
N LEU D 466 38.85 -53.92 1.28
CA LEU D 466 39.09 -55.34 0.93
C LEU D 466 40.25 -55.44 -0.06
N ARG D 467 40.33 -54.51 -1.01
CA ARG D 467 41.45 -54.51 -1.99
C ARG D 467 41.47 -55.79 -2.82
N ASP D 468 42.58 -56.54 -2.75
CA ASP D 468 42.76 -57.72 -3.58
C ASP D 468 42.44 -59.01 -2.85
N ASN D 469 41.87 -58.91 -1.67
CA ASN D 469 41.58 -60.12 -0.92
C ASN D 469 40.24 -60.69 -1.31
N VAL D 470 39.52 -59.94 -2.14
CA VAL D 470 38.15 -60.36 -2.56
C VAL D 470 37.96 -60.00 -4.02
N LYS D 471 37.12 -60.75 -4.73
CA LYS D 471 36.81 -60.45 -6.11
C LYS D 471 35.41 -59.91 -6.20
N GLU D 472 35.22 -58.92 -7.04
CA GLU D 472 33.90 -58.37 -7.23
C GLU D 472 33.16 -59.27 -8.16
N LEU D 473 31.90 -59.59 -7.82
CA LEU D 473 31.10 -60.53 -8.64
C LEU D 473 30.17 -59.76 -9.60
N GLY D 474 30.24 -58.42 -9.58
CA GLY D 474 29.45 -57.59 -10.48
C GLY D 474 27.96 -57.52 -10.14
N ASN D 475 27.57 -58.11 -9.03
CA ASN D 475 26.19 -58.16 -8.60
C ASN D 475 26.05 -57.61 -7.20
N GLY D 476 26.94 -56.71 -6.81
CA GLY D 476 26.92 -56.07 -5.50
C GLY D 476 27.56 -56.84 -4.31
N CYS D 477 28.28 -57.94 -4.60
CA CYS D 477 28.92 -58.83 -3.63
C CYS D 477 30.42 -58.95 -3.86
N PHE D 478 31.13 -59.19 -2.76
CA PHE D 478 32.56 -59.43 -2.75
C PHE D 478 32.88 -60.82 -2.22
N GLU D 479 33.45 -61.66 -3.05
CA GLU D 479 33.76 -63.02 -2.64
C GLU D 479 35.17 -63.08 -2.10
N PHE D 480 35.37 -63.65 -0.92
CA PHE D 480 36.70 -63.69 -0.36
C PHE D 480 37.56 -64.80 -0.93
N TYR D 481 38.85 -64.50 -1.09
CA TYR D 481 39.81 -65.51 -1.55
C TYR D 481 40.40 -66.30 -0.41
N HIS D 482 40.03 -65.95 0.79
CA HIS D 482 40.54 -66.60 1.97
C HIS D 482 39.38 -66.84 2.89
N LYS D 483 39.52 -67.81 3.78
CA LYS D 483 38.42 -68.04 4.68
C LYS D 483 38.21 -66.79 5.55
N CYS D 484 36.93 -66.37 5.67
CA CYS D 484 36.48 -65.21 6.44
C CYS D 484 35.23 -65.61 7.22
N ASP D 485 35.39 -65.85 8.53
CA ASP D 485 34.25 -66.35 9.34
C ASP D 485 33.47 -65.17 9.92
N ASP D 486 32.69 -65.42 10.98
CA ASP D 486 31.88 -64.34 11.53
C ASP D 486 32.69 -63.21 12.17
N GLU D 487 33.78 -63.52 12.88
CA GLU D 487 34.56 -62.43 13.47
C GLU D 487 35.22 -61.57 12.38
N CYS D 488 35.65 -62.23 11.30
CA CYS D 488 36.24 -61.53 10.13
C CYS D 488 35.18 -60.63 9.50
N MET D 489 33.96 -61.14 9.31
CA MET D 489 32.95 -60.32 8.69
C MET D 489 32.63 -59.11 9.55
N ASN D 490 32.75 -59.24 10.87
CA ASN D 490 32.48 -58.09 11.72
C ASN D 490 33.59 -57.06 11.57
N SER D 491 34.84 -57.49 11.38
CA SER D 491 35.92 -56.52 11.22
C SER D 491 35.79 -55.85 9.86
N VAL D 492 35.20 -56.56 8.90
CA VAL D 492 34.96 -56.00 7.57
C VAL D 492 33.92 -54.92 7.65
N LYS D 493 32.85 -55.18 8.39
CA LYS D 493 31.80 -54.19 8.57
C LYS D 493 32.33 -52.92 9.22
N ASN D 494 33.21 -52.97 10.19
CA ASN D 494 33.63 -51.63 10.72
C ASN D 494 34.92 -51.16 10.05
N GLY D 495 35.56 -52.00 9.22
CA GLY D 495 36.66 -51.45 8.45
C GLY D 495 37.98 -51.50 9.20
N THR D 496 38.14 -52.49 10.07
CA THR D 496 39.32 -52.63 10.87
C THR D 496 40.00 -53.99 10.68
N TYR D 497 40.63 -54.22 9.52
CA TYR D 497 41.22 -55.53 9.26
C TYR D 497 42.31 -55.55 8.21
N ASP D 498 43.10 -56.64 8.21
CA ASP D 498 44.09 -56.93 7.18
C ASP D 498 44.34 -58.45 7.20
N TYR D 499 44.07 -59.17 6.10
CA TYR D 499 44.22 -60.63 6.06
C TYR D 499 45.18 -61.10 4.96
N PRO D 500 46.50 -60.94 5.13
CA PRO D 500 47.54 -61.28 4.16
C PRO D 500 47.65 -62.80 3.91
N LYS D 501 47.05 -63.60 4.80
CA LYS D 501 47.12 -65.05 4.66
C LYS D 501 46.42 -65.44 3.36
N TYR D 502 47.18 -66.05 2.48
CA TYR D 502 46.72 -66.39 1.15
C TYR D 502 46.10 -65.16 0.49
N GLU D 503 46.76 -64.02 0.60
CA GLU D 503 46.23 -62.88 -0.12
C GLU D 503 46.33 -63.10 -1.62
N GLU D 504 47.23 -63.99 -2.05
CA GLU D 504 47.41 -64.32 -3.45
C GLU D 504 46.15 -64.98 -3.99
N GLU D 505 45.67 -64.54 -5.16
CA GLU D 505 44.45 -65.13 -5.73
C GLU D 505 44.56 -66.63 -6.10
N SER D 506 45.75 -67.07 -6.60
CA SER D 506 46.07 -68.42 -7.07
C SER D 506 47.39 -68.86 -6.46
N ASP E 16 37.08 -57.41 -30.54
CA ASP E 16 38.26 -56.87 -29.92
C ASP E 16 37.95 -55.86 -28.82
N GLN E 17 37.19 -54.75 -29.10
CA GLN E 17 36.83 -53.77 -28.04
C GLN E 17 35.50 -53.06 -28.16
N ILE E 18 34.95 -52.74 -27.00
CA ILE E 18 33.76 -51.93 -26.93
C ILE E 18 34.03 -50.61 -26.25
N CYS E 19 33.84 -49.50 -26.98
CA CYS E 19 33.99 -48.15 -26.47
C CYS E 19 32.61 -47.64 -26.09
N ILE E 20 32.53 -46.94 -24.99
CA ILE E 20 31.27 -46.37 -24.55
C ILE E 20 31.32 -44.88 -24.66
N GLY E 21 30.28 -44.33 -25.22
CA GLY E 21 30.24 -42.90 -25.40
C GLY E 21 28.84 -42.36 -25.47
N TYR E 22 28.76 -41.14 -25.93
CA TYR E 22 27.53 -40.39 -26.01
C TYR E 22 27.52 -39.57 -27.26
N HIS E 23 26.35 -39.18 -27.68
CA HIS E 23 26.07 -38.41 -28.88
C HIS E 23 26.65 -37.00 -28.93
N ALA E 24 27.14 -36.61 -30.10
CA ALA E 24 27.64 -35.26 -30.33
C ALA E 24 26.93 -34.74 -31.57
N ASN E 25 26.88 -33.43 -31.79
CA ASN E 25 26.07 -32.91 -32.92
C ASN E 25 26.66 -31.64 -33.56
N ASN E 26 25.98 -31.09 -34.54
CA ASN E 26 26.43 -29.84 -35.17
C ASN E 26 25.66 -28.65 -34.60
N SER E 27 25.16 -28.75 -33.36
CA SER E 27 24.35 -27.69 -32.71
C SER E 27 25.18 -26.56 -32.14
N THR E 28 24.71 -25.33 -32.27
CA THR E 28 25.30 -24.10 -31.76
C THR E 28 24.35 -23.46 -30.75
N GLU E 29 23.40 -24.25 -30.27
CA GLU E 29 22.41 -23.78 -29.31
C GLU E 29 23.04 -23.67 -27.94
N LYS E 30 23.00 -22.48 -27.33
CA LYS E 30 23.64 -22.30 -26.04
C LYS E 30 22.67 -22.04 -24.90
N VAL E 31 22.89 -22.74 -23.79
CA VAL E 31 22.07 -22.67 -22.60
C VAL E 31 22.88 -22.35 -21.33
N ASP E 32 22.43 -21.38 -20.54
CA ASP E 32 23.12 -21.02 -19.28
C ASP E 32 22.71 -21.92 -18.12
N THR E 33 23.62 -22.10 -17.16
CA THR E 33 23.36 -22.85 -15.94
C THR E 33 23.86 -22.03 -14.77
N ILE E 34 23.68 -22.52 -13.56
CA ILE E 34 24.18 -21.82 -12.38
C ILE E 34 25.71 -21.70 -12.37
N LEU E 35 26.41 -22.78 -12.69
CA LEU E 35 27.87 -22.77 -12.65
C LEU E 35 28.60 -22.27 -13.89
N GLU E 36 27.98 -22.37 -15.05
CA GLU E 36 28.64 -22.01 -16.30
C GLU E 36 27.70 -21.32 -17.27
N ARG E 37 28.24 -20.40 -18.08
CA ARG E 37 27.38 -19.60 -18.99
C ARG E 37 27.80 -19.86 -20.42
N ASN E 38 26.85 -19.82 -21.36
CA ASN E 38 27.15 -20.11 -22.78
C ASN E 38 27.67 -21.55 -22.90
N VAL E 39 26.81 -22.54 -22.61
CA VAL E 39 27.22 -23.97 -22.71
C VAL E 39 26.48 -24.59 -23.89
N THR E 40 27.19 -24.99 -24.96
CA THR E 40 26.52 -25.49 -26.13
C THR E 40 25.91 -26.83 -25.79
N VAL E 41 24.66 -27.07 -26.19
CA VAL E 41 23.99 -28.34 -25.95
C VAL E 41 23.47 -28.89 -27.26
N THR E 42 23.21 -30.20 -27.31
CA THR E 42 22.73 -30.81 -28.54
C THR E 42 21.26 -30.52 -28.79
N HIS E 43 20.49 -30.34 -27.73
CA HIS E 43 19.06 -30.07 -27.84
C HIS E 43 18.63 -29.10 -26.74
N ALA E 44 17.67 -28.23 -27.05
CA ALA E 44 17.12 -27.33 -26.04
C ALA E 44 15.72 -26.90 -26.41
N LYS E 45 14.96 -26.49 -25.41
CA LYS E 45 13.63 -25.97 -25.62
C LYS E 45 13.48 -24.55 -25.09
N ASP E 46 13.03 -23.67 -25.96
CA ASP E 46 12.80 -22.27 -25.61
C ASP E 46 11.41 -22.19 -25.02
N ILE E 47 11.29 -21.76 -23.77
CA ILE E 47 9.97 -21.75 -23.12
C ILE E 47 9.38 -20.35 -22.96
N LEU E 48 10.02 -19.36 -23.58
CA LEU E 48 9.55 -17.98 -23.53
C LEU E 48 9.09 -17.49 -24.90
N GLU E 49 7.84 -17.06 -24.99
CA GLU E 49 7.29 -16.57 -26.23
C GLU E 49 7.61 -15.11 -26.46
N LYS E 50 8.30 -14.85 -27.55
CA LYS E 50 8.73 -13.51 -27.86
C LYS E 50 8.03 -12.82 -29.02
N THR E 51 7.19 -13.51 -29.80
CA THR E 51 6.61 -12.87 -30.98
C THR E 51 5.09 -12.79 -31.05
N HIS E 52 4.61 -11.60 -31.33
CA HIS E 52 3.19 -11.31 -31.51
C HIS E 52 2.90 -10.96 -32.97
N ASN E 53 1.64 -11.13 -33.39
CA ASN E 53 1.20 -10.88 -34.76
C ASN E 53 1.28 -9.45 -35.25
N GLY E 54 1.19 -8.50 -34.34
CA GLY E 54 1.19 -7.09 -34.72
C GLY E 54 -0.21 -6.60 -35.05
N LYS E 55 -1.18 -7.48 -34.91
CA LYS E 55 -2.54 -7.17 -35.24
C LYS E 55 -3.49 -7.33 -34.08
N LEU E 56 -4.50 -6.47 -34.09
CA LEU E 56 -5.61 -6.55 -33.16
C LEU E 56 -6.59 -7.50 -33.84
N CYS E 57 -6.93 -8.62 -33.17
CA CYS E 57 -7.72 -9.73 -33.68
C CYS E 57 -9.03 -9.90 -32.91
N LYS E 58 -9.86 -10.80 -33.41
CA LYS E 58 -11.13 -11.12 -32.78
C LYS E 58 -10.89 -12.20 -31.74
N LEU E 59 -11.01 -11.84 -30.48
CA LEU E 59 -10.72 -12.77 -29.42
C LEU E 59 -11.86 -13.76 -29.33
N ASN E 60 -11.51 -15.02 -29.44
CA ASN E 60 -12.42 -16.15 -29.46
C ASN E 60 -13.39 -16.05 -30.63
N GLY E 61 -13.00 -15.34 -31.69
CA GLY E 61 -13.77 -15.21 -32.91
C GLY E 61 -14.80 -14.08 -32.87
N ILE E 62 -14.91 -13.40 -31.74
CA ILE E 62 -15.86 -12.34 -31.57
C ILE E 62 -15.11 -11.02 -31.61
N PRO E 63 -15.47 -10.07 -32.47
CA PRO E 63 -14.77 -8.84 -32.60
C PRO E 63 -14.97 -7.96 -31.38
N PRO E 64 -14.09 -7.02 -31.14
CA PRO E 64 -14.13 -5.98 -30.14
C PRO E 64 -15.10 -4.90 -30.50
N LEU E 65 -15.41 -4.07 -29.51
CA LEU E 65 -16.19 -2.87 -29.74
C LEU E 65 -15.21 -1.79 -30.08
N GLU E 66 -15.31 -1.23 -31.25
CA GLU E 66 -14.32 -0.23 -31.63
C GLU E 66 -14.79 1.17 -31.40
N LEU E 67 -14.38 1.77 -30.29
CA LEU E 67 -14.87 3.08 -29.96
C LEU E 67 -14.07 4.09 -30.73
N GLY E 68 -12.85 3.73 -31.07
CA GLY E 68 -12.04 4.67 -31.80
C GLY E 68 -11.83 5.91 -30.97
N ASP E 69 -12.27 7.02 -31.53
CA ASP E 69 -12.14 8.33 -30.92
C ASP E 69 -13.08 8.64 -29.75
N CYS E 70 -14.11 7.76 -29.48
CA CYS E 70 -15.11 7.93 -28.42
C CYS E 70 -14.65 7.36 -27.08
N SER E 71 -14.99 8.06 -26.03
CA SER E 71 -14.76 7.58 -24.68
C SER E 71 -15.97 6.77 -24.29
N ILE E 72 -15.89 6.09 -23.17
CA ILE E 72 -17.05 5.36 -22.68
C ILE E 72 -18.18 6.30 -22.37
N ALA E 73 -17.90 7.44 -21.74
CA ALA E 73 -18.98 8.35 -21.45
C ALA E 73 -19.61 8.86 -22.73
N GLY E 74 -18.81 9.14 -23.75
CA GLY E 74 -19.36 9.65 -25.00
C GLY E 74 -20.28 8.60 -25.60
N TRP E 75 -19.86 7.36 -25.56
CA TRP E 75 -20.64 6.27 -26.07
C TRP E 75 -21.98 6.10 -25.37
N LEU E 76 -21.97 6.02 -24.06
CA LEU E 76 -23.18 5.75 -23.31
C LEU E 76 -24.12 6.95 -23.22
N LEU E 77 -23.57 8.16 -23.24
CA LEU E 77 -24.43 9.34 -23.20
C LEU E 77 -24.97 9.65 -24.57
N GLY E 78 -24.27 9.26 -25.63
CA GLY E 78 -24.73 9.56 -26.96
C GLY E 78 -24.12 10.82 -27.53
N ASN E 79 -22.83 11.00 -27.36
CA ASN E 79 -22.16 12.13 -27.94
C ASN E 79 -22.59 12.15 -29.39
N PRO E 80 -22.98 13.27 -29.97
CA PRO E 80 -23.43 13.38 -31.34
C PRO E 80 -22.49 12.77 -32.36
N GLU E 81 -21.19 12.69 -32.06
CA GLU E 81 -20.19 12.11 -32.96
C GLU E 81 -19.92 10.59 -32.78
N CYS E 82 -20.65 9.93 -31.86
CA CYS E 82 -20.57 8.52 -31.47
C CYS E 82 -21.87 7.88 -31.92
N ASP E 83 -22.39 8.34 -33.05
CA ASP E 83 -23.69 7.91 -33.55
C ASP E 83 -23.64 6.60 -34.31
N ARG E 84 -22.47 6.04 -34.43
CA ARG E 84 -22.25 4.77 -35.06
C ARG E 84 -22.14 3.70 -33.97
N LEU E 85 -22.27 4.10 -32.72
CA LEU E 85 -22.19 3.23 -31.56
C LEU E 85 -23.55 3.05 -30.91
N LEU E 86 -24.60 3.33 -31.70
CA LEU E 86 -25.98 3.23 -31.24
C LEU E 86 -26.58 1.87 -31.56
N SER E 87 -25.76 1.02 -32.17
CA SER E 87 -26.07 -0.34 -32.59
C SER E 87 -25.45 -1.31 -31.58
N VAL E 88 -24.13 -1.50 -31.68
CA VAL E 88 -23.32 -2.32 -30.78
C VAL E 88 -23.62 -3.82 -30.71
N PRO E 89 -23.08 -4.60 -31.63
CA PRO E 89 -23.07 -6.04 -31.62
C PRO E 89 -22.25 -6.49 -30.44
N GLU E 90 -22.48 -7.72 -30.00
CA GLU E 90 -21.74 -8.31 -28.89
C GLU E 90 -20.25 -8.19 -29.12
N TRP E 91 -19.52 -7.76 -28.08
CA TRP E 91 -18.09 -7.60 -28.20
C TRP E 91 -17.29 -8.53 -27.32
N SER E 92 -16.07 -8.84 -27.76
CA SER E 92 -15.15 -9.66 -26.97
C SER E 92 -14.26 -8.85 -26.04
N TYR E 93 -13.98 -7.62 -26.41
CA TYR E 93 -13.21 -6.65 -25.63
C TYR E 93 -13.58 -5.27 -26.13
N ILE E 94 -13.30 -4.25 -25.35
CA ILE E 94 -13.54 -2.90 -25.79
C ILE E 94 -12.24 -2.26 -26.17
N MET E 95 -12.20 -1.73 -27.36
CA MET E 95 -11.01 -1.10 -27.86
C MET E 95 -11.20 0.41 -27.81
N GLU E 96 -10.35 1.08 -27.05
CA GLU E 96 -10.47 2.52 -26.84
C GLU E 96 -9.14 3.25 -27.03
N LYS E 97 -9.12 4.39 -27.72
CA LYS E 97 -7.86 5.12 -27.83
C LYS E 97 -7.57 5.78 -26.52
N GLU E 98 -6.30 5.93 -26.17
CA GLU E 98 -6.04 6.64 -24.94
C GLU E 98 -6.23 8.11 -25.23
N ASN E 99 -6.82 8.84 -24.29
CA ASN E 99 -7.09 10.26 -24.47
C ASN E 99 -7.95 10.51 -25.72
N PRO E 100 -9.19 9.98 -25.74
CA PRO E 100 -10.14 10.05 -26.83
C PRO E 100 -10.61 11.48 -26.99
N ARG E 101 -11.11 11.80 -28.17
CA ARG E 101 -11.58 13.13 -28.49
C ARG E 101 -13.03 13.38 -28.14
N ASP E 102 -13.88 12.39 -28.38
CA ASP E 102 -15.31 12.55 -28.22
C ASP E 102 -15.76 11.95 -26.89
N GLY E 103 -15.94 12.83 -25.92
CA GLY E 103 -16.30 12.44 -24.57
C GLY E 103 -17.54 13.18 -24.20
N LEU E 104 -17.39 14.13 -23.31
CA LEU E 104 -18.53 14.92 -22.94
C LEU E 104 -18.43 16.20 -23.78
N CYS E 105 -19.31 16.34 -24.80
CA CYS E 105 -19.35 17.46 -25.73
C CYS E 105 -19.78 18.73 -25.00
N TYR E 106 -20.58 18.52 -23.98
CA TYR E 106 -20.99 19.60 -23.16
C TYR E 106 -20.04 19.38 -22.01
N PRO E 107 -19.25 20.35 -21.60
CA PRO E 107 -18.23 20.16 -20.60
C PRO E 107 -18.88 19.72 -19.34
N GLY E 108 -18.17 18.92 -18.60
CA GLY E 108 -18.74 18.40 -17.40
C GLY E 108 -17.87 17.33 -16.83
N SER E 109 -18.46 16.50 -16.01
CA SER E 109 -17.76 15.43 -15.34
C SER E 109 -18.69 14.24 -15.20
N PHE E 110 -18.12 13.08 -14.96
CA PHE E 110 -18.94 11.90 -14.82
C PHE E 110 -18.52 11.26 -13.52
N ASN E 111 -19.45 11.09 -12.60
CA ASN E 111 -19.17 10.53 -11.29
C ASN E 111 -18.96 9.06 -11.36
N ASP E 112 -18.03 8.56 -10.57
CA ASP E 112 -17.79 7.13 -10.50
C ASP E 112 -17.57 6.58 -11.90
N TYR E 113 -16.82 7.31 -12.68
CA TYR E 113 -16.56 6.94 -14.04
C TYR E 113 -15.65 5.76 -14.16
N GLU E 114 -14.62 5.73 -13.34
CA GLU E 114 -13.68 4.63 -13.39
C GLU E 114 -14.38 3.35 -12.95
N GLU E 115 -15.28 3.49 -12.00
CA GLU E 115 -16.04 2.37 -11.47
C GLU E 115 -16.98 1.84 -12.56
N LEU E 116 -17.56 2.74 -13.36
CA LEU E 116 -18.39 2.31 -14.48
C LEU E 116 -17.56 1.57 -15.52
N LYS E 117 -16.39 2.10 -15.84
CA LYS E 117 -15.56 1.41 -16.82
C LYS E 117 -15.18 0.04 -16.31
N HIS E 118 -14.98 -0.10 -15.00
CA HIS E 118 -14.71 -1.40 -14.41
C HIS E 118 -15.92 -2.30 -14.63
N LEU E 119 -17.13 -1.80 -14.41
CA LEU E 119 -18.33 -2.60 -14.64
C LEU E 119 -18.35 -3.17 -16.03
N LEU E 120 -17.92 -2.40 -17.01
CA LEU E 120 -17.97 -2.85 -18.38
C LEU E 120 -17.01 -3.97 -18.70
N SER E 121 -16.07 -4.29 -17.81
CA SER E 121 -15.14 -5.37 -18.06
C SER E 121 -15.86 -6.72 -17.96
N SER E 122 -17.08 -6.74 -17.41
CA SER E 122 -17.87 -7.95 -17.30
C SER E 122 -19.08 -7.90 -18.22
N VAL E 123 -19.11 -6.98 -19.16
CA VAL E 123 -20.25 -6.87 -20.04
C VAL E 123 -19.82 -7.09 -21.47
N LYS E 124 -20.55 -7.94 -22.18
CA LYS E 124 -20.25 -8.17 -23.59
C LYS E 124 -21.33 -7.61 -24.50
N HIS E 125 -22.49 -7.31 -23.96
CA HIS E 125 -23.55 -6.77 -24.79
C HIS E 125 -24.57 -6.06 -23.94
N PHE E 126 -25.12 -4.97 -24.48
CA PHE E 126 -26.22 -4.27 -23.84
C PHE E 126 -27.39 -4.17 -24.77
N GLU E 127 -28.57 -4.22 -24.21
CA GLU E 127 -29.77 -3.97 -24.98
C GLU E 127 -30.25 -2.59 -24.63
N LYS E 128 -30.36 -1.72 -25.60
CA LYS E 128 -30.78 -0.37 -25.24
C LYS E 128 -32.32 -0.31 -25.19
N VAL E 129 -32.84 0.12 -24.04
CA VAL E 129 -34.26 0.15 -23.78
C VAL E 129 -34.79 1.54 -23.54
N LYS E 130 -35.83 1.93 -24.26
CA LYS E 130 -36.36 3.26 -24.07
C LYS E 130 -37.29 3.35 -22.88
N ILE E 131 -36.70 3.56 -21.71
CA ILE E 131 -37.41 3.58 -20.44
C ILE E 131 -38.27 4.83 -20.21
N LEU E 132 -37.85 5.98 -20.71
CA LEU E 132 -38.59 7.22 -20.51
C LEU E 132 -38.66 8.04 -21.78
N PRO E 133 -39.53 7.70 -22.74
CA PRO E 133 -39.59 8.28 -24.05
C PRO E 133 -39.65 9.78 -23.91
N LYS E 134 -38.92 10.49 -24.74
CA LYS E 134 -38.85 11.94 -24.59
C LYS E 134 -40.14 12.69 -24.77
N ASP E 135 -41.14 12.07 -25.37
CA ASP E 135 -42.40 12.74 -25.57
C ASP E 135 -43.36 12.60 -24.39
N ARG E 136 -42.90 12.01 -23.28
CA ARG E 136 -43.78 11.90 -22.13
C ARG E 136 -43.81 13.20 -21.32
N TRP E 137 -42.77 14.03 -21.43
CA TRP E 137 -42.75 15.25 -20.65
C TRP E 137 -43.45 16.34 -21.41
N THR E 138 -44.78 16.26 -21.42
CA THR E 138 -45.63 17.12 -22.22
C THR E 138 -45.73 18.52 -21.65
N GLN E 139 -45.27 18.65 -20.42
CA GLN E 139 -45.28 19.88 -19.67
C GLN E 139 -43.94 20.62 -19.72
N HIS E 140 -42.96 20.09 -20.46
CA HIS E 140 -41.62 20.69 -20.48
C HIS E 140 -41.09 20.78 -21.90
N THR E 141 -40.12 21.64 -22.12
CA THR E 141 -39.52 21.66 -23.43
C THR E 141 -38.47 20.57 -23.48
N THR E 142 -38.56 19.72 -24.51
CA THR E 142 -37.66 18.56 -24.69
C THR E 142 -36.80 18.69 -25.95
N THR E 143 -36.73 19.90 -26.47
CA THR E 143 -36.05 20.21 -27.71
C THR E 143 -34.86 21.14 -27.59
N GLY E 144 -34.23 21.21 -26.42
CA GLY E 144 -33.10 22.11 -26.26
C GLY E 144 -31.81 21.52 -26.80
N GLY E 145 -30.74 22.29 -26.71
CA GLY E 145 -29.42 21.87 -27.20
C GLY E 145 -28.47 23.04 -27.12
N SER E 146 -27.23 22.82 -27.51
CA SER E 146 -26.21 23.87 -27.45
C SER E 146 -25.19 23.74 -28.56
N ARG E 147 -24.46 24.83 -28.79
CA ARG E 147 -23.42 24.84 -29.81
C ARG E 147 -22.30 23.87 -29.52
N ALA E 148 -22.04 23.61 -28.24
CA ALA E 148 -20.98 22.69 -27.84
C ALA E 148 -21.12 21.25 -28.40
N CYS E 149 -22.37 20.77 -28.57
CA CYS E 149 -22.70 19.42 -29.03
C CYS E 149 -23.30 19.52 -30.43
N ALA E 150 -23.06 20.64 -31.11
CA ALA E 150 -23.68 20.84 -32.41
C ALA E 150 -23.26 19.84 -33.44
N VAL E 151 -24.19 19.53 -34.32
CA VAL E 151 -23.95 18.65 -35.43
C VAL E 151 -23.99 19.45 -36.70
N SER E 152 -22.86 19.52 -37.37
CA SER E 152 -22.75 20.30 -38.61
C SER E 152 -23.28 21.72 -38.45
N GLY E 153 -22.97 22.35 -37.31
CA GLY E 153 -23.36 23.72 -37.02
C GLY E 153 -24.71 23.88 -36.32
N ASN E 154 -25.49 22.81 -36.23
CA ASN E 154 -26.79 22.86 -35.61
C ASN E 154 -26.73 22.47 -34.14
N PRO E 155 -27.06 23.34 -33.18
CA PRO E 155 -26.98 23.08 -31.76
C PRO E 155 -27.70 21.79 -31.48
N SER E 156 -27.13 20.98 -30.60
CA SER E 156 -27.70 19.68 -30.30
C SER E 156 -27.33 19.22 -28.92
N PHE E 157 -27.53 17.95 -28.64
CA PHE E 157 -27.29 17.43 -27.31
C PHE E 157 -27.03 15.94 -27.34
N PHE E 158 -26.76 15.36 -26.19
CA PHE E 158 -26.51 13.95 -26.09
C PHE E 158 -27.75 13.22 -26.58
N ARG E 159 -27.54 12.23 -27.44
CA ARG E 159 -28.61 11.50 -28.07
C ARG E 159 -29.42 10.60 -27.16
N ASN E 160 -28.88 10.13 -26.04
CA ASN E 160 -29.65 9.22 -25.22
C ASN E 160 -30.32 9.92 -24.04
N MET E 161 -30.32 11.27 -24.03
CA MET E 161 -30.86 12.00 -22.89
C MET E 161 -31.72 13.20 -23.29
N VAL E 162 -32.57 13.63 -22.37
CA VAL E 162 -33.46 14.75 -22.60
C VAL E 162 -33.16 15.94 -21.71
N TRP E 163 -32.89 17.07 -22.31
CA TRP E 163 -32.60 18.26 -21.54
C TRP E 163 -33.92 18.93 -21.26
N LEU E 164 -34.42 18.88 -20.03
CA LEU E 164 -35.73 19.44 -19.78
C LEU E 164 -35.66 20.86 -19.30
N THR E 165 -36.23 21.76 -20.09
CA THR E 165 -36.22 23.18 -19.80
C THR E 165 -37.64 23.69 -19.67
N LYS E 166 -37.74 24.98 -19.34
CA LYS E 166 -39.08 25.58 -19.07
C LYS E 166 -39.91 25.65 -20.34
N LYS E 167 -41.23 25.51 -20.20
CA LYS E 167 -42.17 25.58 -21.30
C LYS E 167 -42.97 26.84 -21.07
N GLY E 168 -43.10 27.69 -22.07
CA GLY E 168 -43.85 28.90 -21.79
C GLY E 168 -43.09 29.67 -20.71
N SER E 169 -43.76 29.97 -19.62
CA SER E 169 -43.19 30.71 -18.50
C SER E 169 -43.21 29.91 -17.19
N ASN E 170 -43.22 28.59 -17.29
CA ASN E 170 -43.24 27.77 -16.09
C ASN E 170 -42.45 26.47 -16.21
N TYR E 171 -42.06 25.94 -15.06
CA TYR E 171 -41.36 24.68 -14.98
C TYR E 171 -42.01 23.82 -13.89
N PRO E 172 -43.05 23.05 -14.24
CA PRO E 172 -43.81 22.19 -13.37
C PRO E 172 -42.89 21.14 -12.83
N VAL E 173 -43.24 20.53 -11.71
CA VAL E 173 -42.32 19.52 -11.23
C VAL E 173 -42.40 18.36 -12.21
N ALA E 174 -41.24 17.92 -12.66
CA ALA E 174 -41.12 16.84 -13.60
C ALA E 174 -41.06 15.55 -12.83
N LYS E 175 -41.86 14.58 -13.21
CA LYS E 175 -41.82 13.31 -12.53
C LYS E 175 -41.90 12.17 -13.51
N GLY E 176 -41.33 11.04 -13.12
CA GLY E 176 -41.46 9.83 -13.91
C GLY E 176 -40.76 8.66 -13.28
N SER E 177 -41.02 7.49 -13.81
CA SER E 177 -40.41 6.31 -13.24
C SER E 177 -40.33 5.17 -14.20
N TYR E 178 -39.60 4.10 -13.84
CA TYR E 178 -39.54 2.86 -14.67
C TYR E 178 -39.59 1.65 -13.73
N ASN E 179 -40.11 0.47 -14.14
CA ASN E 179 -40.29 -0.69 -13.20
C ASN E 179 -39.20 -1.77 -13.30
N ASN E 180 -38.31 -1.78 -14.27
CA ASN E 180 -37.28 -2.85 -14.47
C ASN E 180 -37.96 -4.20 -14.59
N THR E 181 -38.70 -4.35 -15.66
CA THR E 181 -39.36 -5.56 -16.08
C THR E 181 -38.68 -6.05 -17.35
N SER E 182 -37.48 -5.52 -17.64
CA SER E 182 -36.70 -5.82 -18.86
C SER E 182 -36.10 -7.22 -18.92
N GLY E 183 -36.05 -7.87 -17.78
CA GLY E 183 -35.51 -9.21 -17.61
C GLY E 183 -34.15 -9.29 -16.96
N GLU E 184 -33.43 -8.18 -16.85
CA GLU E 184 -32.11 -8.18 -16.22
C GLU E 184 -31.74 -6.80 -15.68
N GLN E 185 -30.79 -6.77 -14.75
CA GLN E 185 -30.27 -5.56 -14.14
C GLN E 185 -29.90 -4.54 -15.22
N MET E 186 -30.36 -3.31 -15.03
CA MET E 186 -30.19 -2.24 -16.01
C MET E 186 -29.35 -1.03 -15.58
N LEU E 187 -28.56 -0.51 -16.50
CA LEU E 187 -27.75 0.68 -16.28
C LEU E 187 -28.45 1.95 -16.67
N ILE E 188 -28.62 2.84 -15.70
CA ILE E 188 -29.31 4.09 -15.92
C ILE E 188 -28.41 5.28 -15.60
N ILE E 189 -28.34 6.21 -16.52
CA ILE E 189 -27.53 7.41 -16.41
C ILE E 189 -28.40 8.65 -16.39
N TRP E 190 -28.10 9.61 -15.54
CA TRP E 190 -28.88 10.86 -15.51
C TRP E 190 -27.96 11.97 -15.11
N GLY E 191 -28.37 13.22 -15.26
CA GLY E 191 -27.45 14.25 -14.81
C GLY E 191 -28.09 15.55 -14.37
N VAL E 192 -27.22 16.46 -13.94
CA VAL E 192 -27.58 17.76 -13.41
C VAL E 192 -26.84 18.89 -14.10
N HIS E 193 -27.58 19.89 -14.51
CA HIS E 193 -26.98 21.04 -15.16
C HIS E 193 -26.65 22.14 -14.18
N HIS E 194 -25.42 22.59 -14.20
CA HIS E 194 -24.91 23.66 -13.36
C HIS E 194 -24.61 24.92 -14.21
N PRO E 195 -25.51 25.93 -14.20
CA PRO E 195 -25.44 27.18 -14.94
C PRO E 195 -24.29 28.01 -14.48
N ASN E 196 -23.81 28.91 -15.32
CA ASN E 196 -22.73 29.78 -14.84
C ASN E 196 -23.20 31.16 -14.43
N ASP E 197 -24.50 31.33 -14.32
CA ASP E 197 -25.13 32.57 -13.91
C ASP E 197 -26.53 32.32 -13.39
N GLU E 198 -27.16 33.36 -12.86
CA GLU E 198 -28.52 33.20 -12.43
C GLU E 198 -29.39 33.61 -13.56
N THR E 199 -28.82 34.42 -14.46
CA THR E 199 -29.59 34.81 -15.60
C THR E 199 -29.90 33.53 -16.36
N GLU E 200 -28.89 32.68 -16.53
CA GLU E 200 -29.06 31.41 -17.22
C GLU E 200 -30.03 30.52 -16.44
N GLN E 201 -29.90 30.44 -15.12
CA GLN E 201 -30.84 29.60 -14.41
C GLN E 201 -32.26 30.01 -14.69
N ARG E 202 -32.53 31.31 -14.70
CA ARG E 202 -33.88 31.73 -14.96
C ARG E 202 -34.31 31.54 -16.41
N THR E 203 -33.45 31.80 -17.39
CA THR E 203 -33.91 31.67 -18.77
C THR E 203 -34.06 30.22 -19.19
N LEU E 204 -33.40 29.29 -18.50
CA LEU E 204 -33.62 27.90 -18.85
C LEU E 204 -34.65 27.21 -18.01
N TYR E 205 -34.74 27.49 -16.71
CA TYR E 205 -35.63 26.71 -15.88
C TYR E 205 -36.73 27.46 -15.16
N GLN E 206 -36.78 28.80 -15.21
CA GLN E 206 -37.76 29.64 -14.47
C GLN E 206 -37.58 29.67 -12.95
N ASN E 207 -37.59 28.50 -12.33
CA ASN E 207 -37.42 28.33 -10.91
C ASN E 207 -35.95 28.48 -10.62
N VAL E 208 -35.58 29.09 -9.49
CA VAL E 208 -34.17 29.20 -9.16
C VAL E 208 -33.71 28.23 -8.06
N GLY E 209 -34.45 28.11 -6.98
CA GLY E 209 -34.04 27.22 -5.88
C GLY E 209 -34.42 25.77 -6.19
N THR E 210 -33.83 25.23 -7.25
CA THR E 210 -34.18 23.93 -7.77
C THR E 210 -33.40 22.79 -7.19
N TYR E 211 -33.91 21.58 -7.44
CA TYR E 211 -33.26 20.34 -7.05
C TYR E 211 -33.64 19.22 -8.00
N VAL E 212 -32.80 18.20 -8.00
CA VAL E 212 -33.01 16.96 -8.70
C VAL E 212 -32.98 15.80 -7.71
N SER E 213 -34.01 14.97 -7.72
CA SER E 213 -34.13 13.85 -6.80
C SER E 213 -34.37 12.52 -7.49
N VAL E 214 -33.49 11.57 -7.19
CA VAL E 214 -33.58 10.24 -7.77
C VAL E 214 -33.57 9.17 -6.70
N GLY E 215 -34.49 8.22 -6.77
CA GLY E 215 -34.45 7.14 -5.79
C GLY E 215 -34.86 5.77 -6.34
N THR E 216 -34.30 4.75 -5.72
CA THR E 216 -34.54 3.33 -6.02
C THR E 216 -34.66 2.69 -4.66
N SER E 217 -34.78 1.37 -4.57
CA SER E 217 -34.89 0.77 -3.24
C SER E 217 -33.59 0.93 -2.43
N THR E 218 -32.47 1.21 -3.10
CA THR E 218 -31.18 1.37 -2.43
C THR E 218 -30.54 2.76 -2.60
N LEU E 219 -30.93 3.48 -3.64
CA LEU E 219 -30.32 4.77 -3.93
C LEU E 219 -31.21 5.90 -3.46
N ASN E 220 -30.60 6.87 -2.80
CA ASN E 220 -31.31 8.02 -2.30
C ASN E 220 -30.51 9.27 -2.55
N LYS E 221 -30.70 9.93 -3.68
CA LYS E 221 -29.87 11.08 -3.93
C LYS E 221 -30.64 12.31 -4.27
N ARG E 222 -30.25 13.41 -3.67
CA ARG E 222 -30.87 14.67 -3.99
C ARG E 222 -29.76 15.67 -4.11
N SER E 223 -29.81 16.47 -5.14
CA SER E 223 -28.79 17.48 -5.30
C SER E 223 -29.33 18.73 -5.93
N THR E 224 -28.62 19.82 -5.73
CA THR E 224 -29.01 21.08 -6.28
C THR E 224 -27.90 21.54 -7.18
N PRO E 225 -28.17 22.35 -8.19
CA PRO E 225 -27.18 22.91 -9.05
C PRO E 225 -26.39 23.97 -8.33
N ASP E 226 -25.13 24.11 -8.69
CA ASP E 226 -24.25 25.17 -8.22
C ASP E 226 -24.08 26.20 -9.29
N ILE E 227 -24.54 27.39 -9.02
CA ILE E 227 -24.42 28.43 -10.02
C ILE E 227 -23.18 29.24 -9.73
N ALA E 228 -22.25 29.22 -10.67
CA ALA E 228 -20.98 29.90 -10.44
C ALA E 228 -20.20 30.15 -11.72
N THR E 229 -19.31 31.12 -11.69
CA THR E 229 -18.42 31.34 -12.83
C THR E 229 -17.27 30.34 -12.87
N ARG E 230 -17.11 29.73 -14.04
CA ARG E 230 -16.08 28.75 -14.29
C ARG E 230 -15.40 29.15 -15.59
N PRO E 231 -14.14 28.74 -15.85
CA PRO E 231 -13.44 28.96 -17.10
C PRO E 231 -14.22 28.31 -18.21
N LYS E 232 -14.18 28.87 -19.41
CA LYS E 232 -14.93 28.21 -20.47
C LYS E 232 -14.23 27.01 -21.05
N VAL E 233 -15.00 25.96 -21.28
CA VAL E 233 -14.56 24.75 -21.93
C VAL E 233 -15.51 24.49 -23.09
N ASN E 234 -14.96 24.33 -24.27
CA ASN E 234 -15.76 24.14 -25.48
C ASN E 234 -16.75 25.29 -25.66
N GLY E 235 -16.33 26.49 -25.27
CA GLY E 235 -17.15 27.69 -25.41
C GLY E 235 -18.15 27.94 -24.28
N GLN E 236 -18.28 27.00 -23.34
CA GLN E 236 -19.26 27.18 -22.28
C GLN E 236 -18.69 27.27 -20.90
N GLY E 237 -19.25 28.17 -20.08
CA GLY E 237 -18.79 28.30 -18.69
C GLY E 237 -19.61 27.45 -17.75
N GLY E 238 -20.56 26.74 -18.32
CA GLY E 238 -21.47 25.89 -17.56
C GLY E 238 -20.95 24.47 -17.53
N ARG E 239 -21.49 23.64 -16.64
CA ARG E 239 -21.06 22.25 -16.58
C ARG E 239 -22.21 21.27 -16.37
N MET E 240 -22.11 20.07 -16.91
CA MET E 240 -23.07 19.04 -16.55
C MET E 240 -22.43 17.89 -15.82
N GLU E 241 -23.07 17.41 -14.78
CA GLU E 241 -22.57 16.25 -14.10
C GLU E 241 -23.42 15.05 -14.39
N PHE E 242 -22.78 13.93 -14.61
CA PHE E 242 -23.54 12.72 -14.84
C PHE E 242 -23.29 11.72 -13.75
N SER E 243 -24.32 10.98 -13.40
CA SER E 243 -24.27 9.95 -12.39
C SER E 243 -24.92 8.72 -12.92
N TRP E 244 -24.63 7.57 -12.33
CA TRP E 244 -25.28 6.38 -12.82
C TRP E 244 -25.57 5.40 -11.74
N THR E 245 -26.53 4.54 -11.99
CA THR E 245 -26.83 3.47 -11.07
C THR E 245 -27.22 2.22 -11.80
N LEU E 246 -27.30 1.14 -11.07
CA LEU E 246 -27.84 -0.08 -11.62
C LEU E 246 -29.15 -0.32 -10.94
N LEU E 247 -30.17 -0.48 -11.73
CA LEU E 247 -31.47 -0.73 -11.22
C LEU E 247 -31.69 -2.21 -11.19
N ASP E 248 -31.86 -2.73 -10.01
CA ASP E 248 -32.01 -4.15 -9.82
C ASP E 248 -33.25 -4.63 -10.48
N MET E 249 -33.26 -5.88 -10.85
CA MET E 249 -34.42 -6.40 -11.51
C MET E 249 -35.61 -6.31 -10.58
N TRP E 250 -36.74 -5.90 -11.14
CA TRP E 250 -38.03 -5.68 -10.50
C TRP E 250 -38.06 -4.47 -9.58
N ASP E 251 -37.00 -3.69 -9.54
CA ASP E 251 -36.99 -2.47 -8.75
C ASP E 251 -37.49 -1.32 -9.61
N THR E 252 -37.95 -0.26 -8.96
CA THR E 252 -38.43 0.92 -9.67
C THR E 252 -37.63 2.16 -9.37
N ILE E 253 -37.25 2.87 -10.42
CA ILE E 253 -36.52 4.11 -10.25
C ILE E 253 -37.46 5.27 -10.41
N ASN E 254 -37.43 6.18 -9.44
CA ASN E 254 -38.25 7.37 -9.43
C ASN E 254 -37.45 8.64 -9.60
N PHE E 255 -37.85 9.45 -10.56
CA PHE E 255 -37.20 10.74 -10.78
C PHE E 255 -38.17 11.86 -10.44
N GLU E 256 -37.64 12.93 -9.85
CA GLU E 256 -38.39 14.14 -9.57
C GLU E 256 -37.52 15.39 -9.72
N SER E 257 -38.02 16.41 -10.40
CA SER E 257 -37.22 17.63 -10.53
C SER E 257 -37.96 18.93 -10.68
N THR E 258 -37.37 19.98 -10.14
CA THR E 258 -37.91 21.33 -10.24
C THR E 258 -37.07 22.16 -11.18
N GLY E 259 -36.10 21.50 -11.79
CA GLY E 259 -35.21 22.13 -12.73
C GLY E 259 -33.85 21.48 -12.71
N ASN E 260 -33.09 21.77 -13.75
CA ASN E 260 -31.74 21.33 -13.96
C ASN E 260 -31.58 19.83 -14.14
N LEU E 261 -32.64 19.16 -14.56
CA LEU E 261 -32.58 17.73 -14.84
C LEU E 261 -32.39 17.38 -16.29
N ILE E 262 -31.39 16.53 -16.51
CA ILE E 262 -31.12 15.93 -17.78
C ILE E 262 -31.57 14.49 -17.58
N ALA E 263 -32.67 14.12 -18.20
CA ALA E 263 -33.25 12.83 -17.91
C ALA E 263 -32.75 11.81 -18.89
N PRO E 264 -32.62 10.56 -18.56
CA PRO E 264 -32.33 9.55 -19.52
C PRO E 264 -33.53 9.31 -20.35
N GLU E 265 -33.32 8.96 -21.61
CA GLU E 265 -34.40 8.46 -22.41
C GLU E 265 -34.24 6.96 -22.43
N TYR E 266 -32.97 6.52 -22.44
CA TYR E 266 -32.68 5.10 -22.53
C TYR E 266 -31.89 4.55 -21.36
N GLY E 267 -32.12 3.29 -21.04
CA GLY E 267 -31.33 2.55 -20.07
C GLY E 267 -30.64 1.43 -20.83
N PHE E 268 -29.64 0.81 -20.24
CA PHE E 268 -28.97 -0.28 -20.93
C PHE E 268 -29.06 -1.58 -20.18
N LYS E 269 -29.76 -2.55 -20.72
CA LYS E 269 -29.90 -3.82 -20.01
C LYS E 269 -28.62 -4.58 -20.18
N ILE E 270 -28.08 -5.16 -19.12
CA ILE E 270 -26.87 -5.94 -19.27
C ILE E 270 -27.28 -7.31 -19.75
N SER E 271 -26.93 -7.70 -20.98
CA SER E 271 -27.45 -8.95 -21.52
C SER E 271 -26.58 -10.20 -21.43
N LYS E 272 -25.27 -10.07 -21.23
CA LYS E 272 -24.41 -11.27 -21.23
C LYS E 272 -23.73 -11.56 -19.90
N ARG E 273 -23.17 -10.53 -19.31
CA ARG E 273 -22.44 -10.60 -18.04
C ARG E 273 -21.26 -11.58 -18.06
N GLY E 274 -20.53 -11.67 -19.17
CA GLY E 274 -19.37 -12.57 -19.25
C GLY E 274 -18.07 -11.82 -19.01
N SER E 275 -16.94 -12.50 -19.06
CA SER E 275 -15.66 -11.83 -18.83
C SER E 275 -15.04 -11.24 -20.08
N SER E 276 -14.74 -9.95 -20.02
CA SER E 276 -14.15 -9.14 -21.09
C SER E 276 -13.11 -8.20 -20.51
N GLY E 277 -12.92 -7.05 -21.14
CA GLY E 277 -11.94 -6.06 -20.64
C GLY E 277 -11.81 -4.87 -21.58
N ILE E 278 -11.15 -3.81 -21.11
CA ILE E 278 -10.96 -2.61 -21.92
C ILE E 278 -9.49 -2.43 -22.23
N MET E 279 -9.17 -2.40 -23.51
CA MET E 279 -7.81 -2.26 -23.97
C MET E 279 -7.52 -0.88 -24.49
N LYS E 280 -6.36 -0.36 -24.13
CA LYS E 280 -5.94 0.93 -24.67
C LYS E 280 -4.99 0.73 -25.81
N THR E 281 -5.41 1.14 -26.97
CA THR E 281 -4.62 0.99 -28.18
C THR E 281 -5.04 1.98 -29.22
N GLU E 282 -4.10 2.36 -30.05
CA GLU E 282 -4.39 3.35 -31.05
C GLU E 282 -4.73 2.74 -32.39
N GLY E 283 -4.76 1.41 -32.46
CA GLY E 283 -5.02 0.72 -33.70
C GLY E 283 -6.49 0.41 -33.95
N THR E 284 -6.73 -0.43 -34.96
CA THR E 284 -8.06 -0.84 -35.37
C THR E 284 -8.09 -2.34 -35.56
N LEU E 285 -9.27 -2.92 -35.63
CA LEU E 285 -9.40 -4.35 -35.83
C LEU E 285 -9.01 -4.81 -37.22
N GLU E 286 -8.21 -5.88 -37.26
CA GLU E 286 -7.76 -6.53 -38.47
C GLU E 286 -8.52 -7.83 -38.68
N ASN E 287 -8.53 -8.35 -39.88
CA ASN E 287 -9.25 -9.60 -40.11
C ASN E 287 -8.44 -10.85 -39.73
N CYS E 288 -8.40 -11.15 -38.42
CA CYS E 288 -7.66 -12.25 -37.78
C CYS E 288 -8.35 -12.70 -36.50
N GLU E 289 -7.94 -13.85 -35.96
CA GLU E 289 -8.51 -14.39 -34.72
C GLU E 289 -7.46 -14.83 -33.73
N THR E 290 -7.77 -14.68 -32.45
CA THR E 290 -6.87 -15.14 -31.41
C THR E 290 -7.52 -15.72 -30.17
N LYS E 291 -6.68 -16.23 -29.29
CA LYS E 291 -7.05 -16.71 -27.93
C LYS E 291 -6.46 -15.87 -26.75
N CYS E 292 -5.51 -14.96 -27.10
CA CYS E 292 -4.73 -14.06 -26.27
C CYS E 292 -4.42 -12.82 -27.11
N GLN E 293 -4.75 -11.66 -26.58
CA GLN E 293 -4.53 -10.40 -27.29
C GLN E 293 -3.90 -9.35 -26.41
N THR E 294 -2.84 -8.72 -26.87
CA THR E 294 -2.31 -7.64 -26.06
C THR E 294 -2.33 -6.40 -26.97
N PRO E 295 -2.06 -5.14 -26.53
CA PRO E 295 -2.10 -3.95 -27.35
C PRO E 295 -1.16 -3.97 -28.53
N LEU E 296 -0.15 -4.81 -28.47
CA LEU E 296 0.82 -4.88 -29.54
C LEU E 296 0.43 -5.91 -30.58
N GLY E 297 -0.60 -6.67 -30.32
CA GLY E 297 -1.02 -7.71 -31.23
C GLY E 297 -1.25 -9.06 -30.55
N ALA E 298 -1.90 -9.96 -31.26
CA ALA E 298 -2.22 -11.29 -30.77
C ALA E 298 -1.01 -12.18 -30.52
N ILE E 299 -1.04 -13.01 -29.47
CA ILE E 299 0.13 -13.88 -29.11
C ILE E 299 -0.22 -15.36 -29.33
N ASN E 300 -0.11 -15.87 -30.55
CA ASN E 300 -0.35 -17.31 -30.90
C ASN E 300 0.73 -18.22 -30.33
N THR E 301 0.42 -19.01 -29.33
CA THR E 301 1.51 -19.77 -28.69
C THR E 301 1.04 -20.86 -27.72
N THR E 302 1.98 -21.64 -27.20
CA THR E 302 1.76 -22.75 -26.27
C THR E 302 2.76 -22.74 -25.10
N LEU E 303 3.69 -21.81 -25.11
CA LEU E 303 4.74 -21.79 -24.11
C LEU E 303 4.21 -21.20 -22.81
N PRO E 304 4.75 -21.57 -21.63
CA PRO E 304 4.36 -21.07 -20.32
C PRO E 304 4.65 -19.63 -20.01
N PHE E 305 5.61 -19.01 -20.70
CA PHE E 305 5.92 -17.62 -20.41
C PHE E 305 5.99 -16.83 -21.68
N HIS E 306 5.77 -15.53 -21.60
CA HIS E 306 5.96 -14.63 -22.73
C HIS E 306 6.53 -13.33 -22.22
N ASN E 307 7.14 -12.57 -23.10
CA ASN E 307 7.65 -11.26 -22.72
C ASN E 307 7.14 -10.18 -23.66
N VAL E 308 5.92 -10.32 -24.17
CA VAL E 308 5.48 -9.36 -25.15
C VAL E 308 4.98 -8.05 -24.56
N HIS E 309 4.07 -8.11 -23.61
CA HIS E 309 3.54 -6.90 -23.01
C HIS E 309 2.88 -7.23 -21.69
N PRO E 310 3.05 -6.43 -20.63
CA PRO E 310 2.43 -6.61 -19.33
C PRO E 310 0.93 -6.74 -19.26
N LEU E 311 0.18 -6.15 -20.20
CA LEU E 311 -1.26 -6.22 -20.09
C LEU E 311 -1.91 -7.01 -21.20
N THR E 312 -2.37 -8.20 -20.90
CA THR E 312 -2.97 -8.99 -21.94
C THR E 312 -4.39 -9.33 -21.58
N ILE E 313 -5.26 -9.44 -22.57
CA ILE E 313 -6.62 -9.85 -22.32
C ILE E 313 -6.84 -11.19 -22.96
N GLY E 314 -7.28 -12.14 -22.16
CA GLY E 314 -7.47 -13.49 -22.68
C GLY E 314 -6.81 -14.45 -21.73
N GLU E 315 -6.64 -15.69 -22.17
CA GLU E 315 -5.97 -16.65 -21.31
C GLU E 315 -4.59 -16.79 -21.92
N CYS E 316 -3.59 -16.16 -21.28
CA CYS E 316 -2.24 -15.95 -21.78
C CYS E 316 -1.19 -16.64 -20.91
N PRO E 317 0.02 -16.90 -21.44
CA PRO E 317 1.18 -17.38 -20.74
C PRO E 317 1.52 -16.33 -19.74
N LYS E 318 2.30 -16.66 -18.75
CA LYS E 318 2.61 -15.64 -17.77
C LYS E 318 3.61 -14.65 -18.34
N TYR E 319 3.45 -13.38 -18.04
CA TYR E 319 4.39 -12.37 -18.49
C TYR E 319 5.56 -12.27 -17.53
N VAL E 320 6.77 -12.28 -18.06
CA VAL E 320 7.98 -12.10 -17.26
C VAL E 320 8.92 -11.08 -17.85
N LYS E 321 9.70 -10.45 -16.99
CA LYS E 321 10.71 -9.51 -17.46
C LYS E 321 11.99 -10.23 -17.75
N SER E 322 11.99 -10.99 -18.81
CA SER E 322 13.12 -11.82 -19.17
C SER E 322 13.24 -11.89 -20.66
N GLU E 323 14.46 -11.96 -21.14
CA GLU E 323 14.71 -12.07 -22.57
C GLU E 323 14.90 -13.51 -23.04
N LYS E 324 15.35 -14.39 -22.15
CA LYS E 324 15.62 -15.74 -22.56
C LYS E 324 15.47 -16.78 -21.46
N LEU E 325 14.57 -17.74 -21.68
CA LEU E 325 14.38 -18.83 -20.76
C LEU E 325 14.50 -20.12 -21.54
N VAL E 326 15.66 -20.76 -21.48
CA VAL E 326 15.84 -21.96 -22.27
C VAL E 326 16.25 -23.13 -21.42
N LEU E 327 15.54 -24.23 -21.60
CA LEU E 327 15.82 -25.45 -20.90
C LEU E 327 16.68 -26.35 -21.75
N ALA E 328 17.80 -26.79 -21.24
CA ALA E 328 18.60 -27.73 -21.99
C ALA E 328 17.82 -29.01 -21.94
N THR E 329 17.80 -29.79 -23.01
CA THR E 329 17.13 -31.06 -22.93
C THR E 329 18.09 -32.15 -23.31
N GLY E 330 19.11 -31.76 -24.06
CA GLY E 330 20.10 -32.69 -24.61
C GLY E 330 21.38 -32.73 -23.83
N LEU E 331 22.42 -33.21 -24.49
CA LEU E 331 23.71 -33.45 -23.89
C LEU E 331 24.59 -32.24 -24.05
N ARG E 332 25.59 -32.10 -23.21
CA ARG E 332 26.49 -31.00 -23.48
C ARG E 332 27.08 -31.32 -24.84
N ASN E 333 27.11 -30.38 -25.75
CA ASN E 333 27.60 -30.72 -27.06
C ASN E 333 29.08 -30.58 -27.07
N VAL E 334 29.74 -31.69 -26.91
CA VAL E 334 31.17 -31.68 -26.88
C VAL E 334 31.74 -32.58 -27.96
N PRO E 335 31.81 -32.12 -29.22
CA PRO E 335 32.30 -32.85 -30.36
C PRO E 335 33.80 -32.82 -30.32
N ALA E 345 37.17 -44.88 -33.14
CA ALA E 345 36.91 -46.30 -32.93
C ALA E 345 37.71 -46.81 -31.75
N ILE E 346 38.60 -45.94 -31.32
CA ILE E 346 39.48 -46.14 -30.23
C ILE E 346 39.24 -45.19 -29.05
N ALA E 347 38.12 -44.43 -29.04
CA ALA E 347 37.87 -43.55 -27.88
C ALA E 347 36.41 -43.06 -27.74
N GLY E 348 36.00 -42.79 -26.52
CA GLY E 348 34.70 -42.14 -26.30
C GLY E 348 34.45 -41.87 -24.84
N PHE E 349 33.35 -41.18 -24.50
CA PHE E 349 32.98 -40.88 -23.10
C PHE E 349 33.87 -39.89 -22.38
N ILE E 350 35.13 -40.22 -22.26
CA ILE E 350 36.12 -39.41 -21.61
C ILE E 350 36.68 -38.33 -22.50
N GLU E 351 36.96 -38.67 -23.74
CA GLU E 351 37.57 -37.71 -24.66
C GLU E 351 36.57 -36.77 -25.34
N GLY E 352 35.33 -37.20 -25.53
CA GLY E 352 34.34 -36.39 -26.22
C GLY E 352 33.20 -37.23 -26.76
N GLY E 353 32.15 -36.59 -27.27
CA GLY E 353 31.03 -37.33 -27.81
C GLY E 353 31.29 -37.75 -29.24
N TRP E 354 30.42 -38.59 -29.75
CA TRP E 354 30.46 -39.16 -31.06
C TRP E 354 29.51 -38.54 -32.05
N GLN E 355 30.05 -37.91 -33.08
CA GLN E 355 29.18 -37.30 -34.08
C GLN E 355 28.77 -38.35 -35.09
N GLY E 356 29.33 -39.54 -34.94
CA GLY E 356 29.04 -40.67 -35.78
C GLY E 356 27.88 -41.48 -35.25
N MET E 357 27.34 -41.13 -34.08
CA MET E 357 26.25 -41.92 -33.54
C MET E 357 25.00 -41.12 -33.73
N VAL E 358 23.93 -41.72 -34.27
CA VAL E 358 22.73 -40.89 -34.60
C VAL E 358 21.41 -41.54 -34.13
N ASP E 359 21.46 -42.71 -33.48
CA ASP E 359 20.25 -43.40 -33.07
C ASP E 359 19.90 -43.34 -31.57
N GLY E 360 20.54 -42.46 -30.83
CA GLY E 360 20.28 -42.33 -29.41
C GLY E 360 21.29 -41.42 -28.75
N TRP E 361 21.20 -41.27 -27.44
CA TRP E 361 22.11 -40.41 -26.72
C TRP E 361 23.30 -41.14 -26.19
N TYR E 362 23.11 -42.38 -25.86
CA TYR E 362 24.18 -43.16 -25.26
C TYR E 362 24.37 -44.39 -26.07
N GLY E 363 25.59 -44.92 -26.14
CA GLY E 363 25.79 -46.13 -26.93
C GLY E 363 27.19 -46.72 -26.89
N TYR E 364 27.38 -47.69 -27.78
CA TYR E 364 28.58 -48.50 -27.89
C TYR E 364 29.20 -48.48 -29.29
N HIS E 365 30.52 -48.67 -29.38
CA HIS E 365 31.20 -48.77 -30.69
C HIS E 365 31.28 -50.22 -31.29
N HIS E 366 31.42 -51.25 -30.45
CA HIS E 366 31.50 -52.65 -30.91
C HIS E 366 32.48 -53.00 -32.03
N SER E 367 33.77 -52.75 -31.87
CA SER E 367 34.74 -53.05 -32.94
C SER E 367 35.44 -54.39 -32.81
N ASN E 368 35.31 -55.21 -33.83
CA ASN E 368 35.90 -56.55 -33.89
C ASN E 368 36.37 -56.82 -35.32
N ASP E 369 36.67 -58.07 -35.65
CA ASP E 369 37.19 -58.37 -36.98
C ASP E 369 36.11 -58.67 -38.02
N GLN E 370 34.85 -58.54 -37.64
CA GLN E 370 33.73 -58.74 -38.52
C GLN E 370 33.21 -57.37 -38.97
N GLY E 371 33.39 -56.37 -38.13
CA GLY E 371 32.94 -55.01 -38.40
C GLY E 371 33.03 -54.09 -37.19
N SER E 372 32.57 -52.85 -37.35
CA SER E 372 32.56 -51.85 -36.28
C SER E 372 31.51 -50.83 -36.62
N GLY E 373 31.12 -50.00 -35.66
CA GLY E 373 30.16 -48.96 -35.99
C GLY E 373 29.64 -48.35 -34.74
N TYR E 374 28.40 -47.94 -34.75
CA TYR E 374 27.85 -47.36 -33.58
C TYR E 374 26.51 -47.96 -33.35
N ALA E 375 26.15 -48.14 -32.10
CA ALA E 375 24.82 -48.58 -31.78
C ALA E 375 24.37 -47.93 -30.51
N ALA E 376 23.17 -47.41 -30.51
CA ALA E 376 22.68 -46.82 -29.30
C ALA E 376 22.27 -47.86 -28.30
N ASP E 377 22.40 -47.47 -27.06
CA ASP E 377 21.90 -48.19 -25.93
C ASP E 377 20.50 -47.71 -25.76
N LYS E 378 19.56 -48.51 -26.25
CA LYS E 378 18.18 -48.06 -26.28
C LYS E 378 17.59 -48.01 -24.89
N GLU E 379 18.00 -48.90 -24.01
CA GLU E 379 17.44 -48.86 -22.67
C GLU E 379 17.83 -47.58 -21.98
N SER E 380 19.11 -47.24 -22.06
CA SER E 380 19.59 -46.05 -21.39
C SER E 380 19.03 -44.78 -21.99
N THR E 381 19.02 -44.70 -23.32
CA THR E 381 18.50 -43.49 -23.94
C THR E 381 17.04 -43.34 -23.64
N GLN E 382 16.26 -44.40 -23.71
CA GLN E 382 14.85 -44.23 -23.48
C GLN E 382 14.55 -43.81 -22.06
N LYS E 383 15.27 -44.34 -21.08
CA LYS E 383 14.97 -43.89 -19.73
C LYS E 383 15.33 -42.43 -19.57
N ALA E 384 16.48 -42.03 -20.13
CA ALA E 384 16.89 -40.66 -20.01
C ALA E 384 15.95 -39.73 -20.71
N PHE E 385 15.45 -40.15 -21.86
CA PHE E 385 14.57 -39.37 -22.69
C PHE E 385 13.29 -39.09 -21.97
N ASP E 386 12.69 -40.11 -21.37
CA ASP E 386 11.45 -39.91 -20.67
C ASP E 386 11.66 -39.07 -19.42
N GLY E 387 12.81 -39.22 -18.76
CA GLY E 387 13.04 -38.38 -17.60
C GLY E 387 13.05 -36.93 -18.02
N ILE E 388 13.71 -36.63 -19.13
CA ILE E 388 13.74 -35.25 -19.60
C ILE E 388 12.37 -34.74 -20.02
N THR E 389 11.57 -35.53 -20.72
CA THR E 389 10.28 -34.97 -21.10
C THR E 389 9.40 -34.78 -19.87
N ASN E 390 9.52 -35.64 -18.86
CA ASN E 390 8.72 -35.43 -17.67
C ASN E 390 9.15 -34.17 -16.98
N LYS E 391 10.45 -33.90 -16.97
CA LYS E 391 10.98 -32.71 -16.37
C LYS E 391 10.46 -31.46 -17.02
N VAL E 392 10.44 -31.45 -18.35
CA VAL E 392 9.95 -30.28 -19.04
C VAL E 392 8.50 -30.07 -18.69
N ASN E 393 7.71 -31.13 -18.68
CA ASN E 393 6.32 -30.98 -18.36
C ASN E 393 6.12 -30.53 -16.92
N SER E 394 6.96 -30.97 -15.99
CA SER E 394 6.80 -30.48 -14.63
C SER E 394 7.03 -28.98 -14.58
N VAL E 395 7.94 -28.47 -15.39
CA VAL E 395 8.21 -27.05 -15.43
C VAL E 395 7.12 -26.25 -16.11
N ILE E 396 6.63 -26.71 -17.26
CA ILE E 396 5.68 -25.90 -18.00
C ILE E 396 4.19 -26.12 -17.62
N GLU E 397 3.82 -27.30 -17.12
CA GLU E 397 2.44 -27.61 -16.79
C GLU E 397 2.02 -27.21 -15.39
N LYS E 398 2.94 -26.67 -14.61
CA LYS E 398 2.62 -26.26 -13.24
C LYS E 398 2.27 -24.80 -13.16
N MET E 399 2.21 -24.15 -14.32
CA MET E 399 1.84 -22.75 -14.35
C MET E 399 0.32 -22.67 -14.43
N ASN E 400 -0.24 -21.84 -13.57
CA ASN E 400 -1.69 -21.65 -13.52
C ASN E 400 -2.14 -20.43 -14.30
N THR E 401 -2.85 -20.68 -15.39
CA THR E 401 -3.34 -19.60 -16.24
C THR E 401 -4.84 -19.48 -16.05
N GLN E 402 -5.37 -18.34 -16.45
CA GLN E 402 -6.79 -18.07 -16.36
C GLN E 402 -7.11 -16.86 -17.21
N PHE E 403 -8.38 -16.62 -17.51
CA PHE E 403 -8.71 -15.37 -18.19
C PHE E 403 -8.53 -14.18 -17.29
N GLU E 404 -7.87 -13.14 -17.80
CA GLU E 404 -7.74 -11.92 -17.04
C GLU E 404 -8.04 -10.70 -17.91
N ALA E 405 -8.64 -9.68 -17.27
CA ALA E 405 -8.94 -8.38 -17.89
C ALA E 405 -7.83 -7.36 -17.64
N VAL E 406 -6.83 -7.81 -16.90
CA VAL E 406 -5.61 -7.12 -16.49
C VAL E 406 -5.57 -5.61 -16.28
N GLY E 407 -6.52 -5.00 -15.62
CA GLY E 407 -6.28 -3.58 -15.41
C GLY E 407 -7.44 -2.82 -14.81
N LYS E 408 -7.10 -1.65 -14.28
CA LYS E 408 -8.02 -0.76 -13.61
C LYS E 408 -7.65 0.66 -13.87
N GLU E 409 -8.63 1.54 -13.86
CA GLU E 409 -8.34 2.94 -13.95
C GLU E 409 -8.64 3.59 -12.63
N PHE E 410 -7.91 4.66 -12.36
CA PHE E 410 -8.07 5.41 -11.13
C PHE E 410 -8.21 6.88 -11.45
N SER E 411 -8.90 7.62 -10.59
CA SER E 411 -9.09 9.06 -10.78
C SER E 411 -7.86 9.75 -10.28
N ASN E 412 -7.78 11.06 -10.47
CA ASN E 412 -6.60 11.80 -10.05
C ASN E 412 -6.52 12.02 -8.55
N LEU E 413 -7.54 11.60 -7.81
CA LEU E 413 -7.53 11.70 -6.36
C LEU E 413 -7.38 10.35 -5.73
N GLU E 414 -7.03 9.36 -6.54
CA GLU E 414 -6.85 8.01 -6.09
C GLU E 414 -5.44 7.54 -6.35
N ARG E 415 -4.46 8.44 -6.30
CA ARG E 415 -3.09 8.09 -6.60
C ARG E 415 -2.56 7.10 -5.59
N ARG E 416 -3.02 7.15 -4.35
CA ARG E 416 -2.53 6.18 -3.39
C ARG E 416 -3.07 4.79 -3.68
N LEU E 417 -4.15 4.67 -4.45
CA LEU E 417 -4.69 3.37 -4.75
C LEU E 417 -4.08 2.90 -6.06
N GLU E 418 -3.86 3.82 -6.98
CA GLU E 418 -3.27 3.49 -8.25
C GLU E 418 -1.89 2.95 -8.04
N ASN E 419 -1.15 3.58 -7.13
CA ASN E 419 0.19 3.16 -6.84
C ASN E 419 0.20 1.84 -6.12
N LEU E 420 -0.83 1.55 -5.33
CA LEU E 420 -0.90 0.30 -4.62
C LEU E 420 -1.07 -0.77 -5.67
N ASN E 421 -1.98 -0.55 -6.61
CA ASN E 421 -2.25 -1.52 -7.65
C ASN E 421 -1.02 -1.76 -8.46
N LYS E 422 -0.29 -0.70 -8.80
CA LYS E 422 0.92 -0.86 -9.58
C LYS E 422 1.94 -1.66 -8.81
N LYS E 423 2.13 -1.35 -7.52
CA LYS E 423 3.10 -2.08 -6.74
C LYS E 423 2.74 -3.54 -6.69
N MET E 424 1.48 -3.87 -6.51
CA MET E 424 1.06 -5.24 -6.45
C MET E 424 1.44 -5.97 -7.70
N GLU E 425 1.12 -5.39 -8.85
CA GLU E 425 1.41 -6.05 -10.11
C GLU E 425 2.90 -6.18 -10.36
N ASP E 426 3.68 -5.17 -10.00
CA ASP E 426 5.12 -5.23 -10.22
C ASP E 426 5.72 -6.25 -9.29
N GLY E 427 5.20 -6.33 -8.07
CA GLY E 427 5.68 -7.26 -7.09
C GLY E 427 5.51 -8.68 -7.58
N PHE E 428 4.32 -9.02 -8.09
CA PHE E 428 4.13 -10.37 -8.55
C PHE E 428 4.96 -10.64 -9.76
N LEU E 429 5.16 -9.65 -10.60
CA LEU E 429 5.99 -9.85 -11.77
C LEU E 429 7.41 -10.16 -11.36
N ASP E 430 7.96 -9.45 -10.38
CA ASP E 430 9.32 -9.75 -9.96
C ASP E 430 9.43 -11.13 -9.37
N VAL E 431 8.42 -11.57 -8.63
CA VAL E 431 8.47 -12.90 -8.05
C VAL E 431 8.47 -13.96 -9.12
N TRP E 432 7.59 -13.83 -10.10
CA TRP E 432 7.53 -14.83 -11.14
C TRP E 432 8.68 -14.78 -12.11
N THR E 433 9.23 -13.60 -12.37
CA THR E 433 10.35 -13.50 -13.28
C THR E 433 11.52 -14.19 -12.64
N TYR E 434 11.74 -13.89 -11.37
CA TYR E 434 12.82 -14.46 -10.60
C TYR E 434 12.70 -15.96 -10.54
N ASN E 435 11.51 -16.46 -10.22
CA ASN E 435 11.36 -17.89 -10.13
C ASN E 435 11.58 -18.53 -11.48
N ALA E 436 11.12 -17.93 -12.57
CA ALA E 436 11.32 -18.55 -13.85
C ALA E 436 12.79 -18.65 -14.21
N GLU E 437 13.56 -17.61 -13.93
CA GLU E 437 14.97 -17.67 -14.27
C GLU E 437 15.75 -18.60 -13.38
N LEU E 438 15.44 -18.65 -12.09
CA LEU E 438 16.19 -19.52 -11.23
C LEU E 438 15.81 -20.96 -11.47
N LEU E 439 14.56 -21.23 -11.80
CA LEU E 439 14.22 -22.60 -12.04
C LEU E 439 14.91 -23.06 -13.29
N VAL E 440 14.95 -22.24 -14.33
CA VAL E 440 15.62 -22.68 -15.54
C VAL E 440 17.10 -22.90 -15.28
N LEU E 441 17.78 -22.02 -14.57
CA LEU E 441 19.19 -22.24 -14.35
C LEU E 441 19.45 -23.47 -13.49
N MET E 442 18.65 -23.69 -12.46
CA MET E 442 18.87 -24.85 -11.62
C MET E 442 18.57 -26.13 -12.35
N GLU E 443 17.55 -26.12 -13.19
CA GLU E 443 17.21 -27.30 -13.94
C GLU E 443 18.23 -27.58 -15.01
N ASN E 444 18.83 -26.57 -15.63
CA ASN E 444 19.80 -26.86 -16.64
C ASN E 444 21.04 -27.47 -16.02
N GLU E 445 21.40 -27.06 -14.81
CA GLU E 445 22.53 -27.68 -14.16
C GLU E 445 22.24 -29.14 -13.92
N ARG E 446 21.04 -29.42 -13.42
CA ARG E 446 20.68 -30.80 -13.14
C ARG E 446 20.63 -31.63 -14.40
N THR E 447 20.15 -31.05 -15.49
CA THR E 447 20.04 -31.76 -16.75
C THR E 447 21.37 -32.21 -17.24
N LEU E 448 22.35 -31.32 -17.20
CA LEU E 448 23.62 -31.74 -17.70
C LEU E 448 24.28 -32.75 -16.77
N ASP E 449 24.12 -32.62 -15.44
CA ASP E 449 24.74 -33.60 -14.57
C ASP E 449 24.09 -34.97 -14.75
N PHE E 450 22.79 -34.98 -14.98
CA PHE E 450 22.02 -36.18 -15.23
C PHE E 450 22.55 -36.86 -16.46
N HIS E 451 22.69 -36.10 -17.52
CA HIS E 451 23.13 -36.70 -18.74
C HIS E 451 24.50 -37.27 -18.67
N ASP E 452 25.41 -36.62 -17.93
CA ASP E 452 26.75 -37.12 -17.80
C ASP E 452 26.83 -38.33 -16.88
N SER E 453 26.05 -38.35 -15.78
CA SER E 453 26.15 -39.47 -14.86
C SER E 453 25.62 -40.72 -15.52
N ASN E 454 24.72 -40.56 -16.49
CA ASN E 454 24.19 -41.68 -17.22
C ASN E 454 25.26 -42.35 -18.08
N VAL E 455 26.28 -41.62 -18.53
CA VAL E 455 27.27 -42.23 -19.38
C VAL E 455 28.14 -43.05 -18.46
N LYS E 456 28.51 -42.46 -17.34
CA LYS E 456 29.34 -43.17 -16.41
C LYS E 456 28.62 -44.41 -15.89
N ASN E 457 27.31 -44.33 -15.67
CA ASN E 457 26.60 -45.49 -15.17
C ASN E 457 26.62 -46.60 -16.20
N LEU E 458 26.55 -46.25 -17.48
CA LEU E 458 26.60 -47.25 -18.52
C LEU E 458 27.97 -47.91 -18.54
N TYR E 459 29.01 -47.11 -18.39
CA TYR E 459 30.36 -47.62 -18.37
C TYR E 459 30.50 -48.65 -17.27
N ASP E 460 30.02 -48.34 -16.07
CA ASP E 460 30.09 -49.29 -14.96
C ASP E 460 29.23 -50.53 -15.17
N LYS E 461 28.06 -50.40 -15.77
CA LYS E 461 27.25 -51.58 -16.01
C LYS E 461 28.06 -52.59 -16.83
N VAL E 462 28.80 -52.07 -17.81
CA VAL E 462 29.63 -52.93 -18.71
C VAL E 462 30.85 -53.47 -17.95
N ARG E 463 31.50 -52.65 -17.11
CA ARG E 463 32.69 -53.14 -16.42
C ARG E 463 32.27 -54.14 -15.40
N MET E 464 31.08 -54.05 -14.84
CA MET E 464 30.76 -55.02 -13.75
C MET E 464 30.56 -56.38 -14.40
N GLN E 465 29.79 -56.49 -15.45
CA GLN E 465 29.80 -57.72 -16.27
C GLN E 465 31.13 -57.54 -16.99
N LEU E 466 31.70 -58.58 -17.60
CA LEU E 466 33.06 -58.45 -18.20
C LEU E 466 34.09 -58.06 -17.12
N ARG E 467 33.92 -58.55 -15.90
CA ARG E 467 34.76 -58.11 -14.77
C ARG E 467 36.21 -58.19 -15.15
N ASP E 468 36.67 -59.36 -15.53
CA ASP E 468 38.06 -59.67 -15.90
C ASP E 468 37.80 -60.25 -17.29
N ASN E 469 38.75 -60.41 -18.19
CA ASN E 469 38.45 -60.80 -19.60
C ASN E 469 38.33 -59.50 -20.35
N VAL E 470 38.43 -58.37 -19.63
CA VAL E 470 38.41 -57.05 -20.32
C VAL E 470 39.49 -56.13 -19.70
N LYS E 471 40.28 -55.46 -20.53
CA LYS E 471 41.32 -54.53 -20.05
C LYS E 471 40.74 -53.13 -20.25
N GLU E 472 40.79 -52.25 -19.26
CA GLU E 472 40.19 -50.92 -19.48
C GLU E 472 41.29 -49.96 -19.87
N LEU E 473 41.14 -49.26 -20.98
CA LEU E 473 42.24 -48.46 -21.51
C LEU E 473 42.14 -47.02 -21.03
N GLY E 474 41.19 -46.67 -20.17
CA GLY E 474 41.17 -45.31 -19.58
C GLY E 474 40.59 -44.21 -20.47
N ASN E 475 40.12 -44.58 -21.65
CA ASN E 475 39.56 -43.65 -22.62
C ASN E 475 38.16 -44.06 -22.96
N GLY E 476 37.54 -44.80 -22.04
CA GLY E 476 36.18 -45.29 -22.24
C GLY E 476 36.04 -46.63 -22.99
N CYS E 477 37.17 -47.27 -23.40
CA CYS E 477 37.19 -48.51 -24.18
C CYS E 477 37.65 -49.72 -23.37
N PHE E 478 36.90 -50.80 -23.57
CA PHE E 478 37.13 -52.10 -22.98
C PHE E 478 37.67 -53.11 -23.98
N GLU E 479 38.89 -53.59 -23.76
CA GLU E 479 39.54 -54.54 -24.67
C GLU E 479 39.44 -55.99 -24.18
N PHE E 480 39.18 -56.92 -25.08
CA PHE E 480 38.84 -58.28 -24.60
C PHE E 480 39.94 -59.32 -24.78
N TYR E 481 40.33 -60.02 -23.72
CA TYR E 481 41.20 -61.22 -23.86
C TYR E 481 40.44 -62.33 -24.63
N HIS E 482 39.16 -62.53 -24.35
CA HIS E 482 38.25 -63.48 -25.01
C HIS E 482 37.79 -62.88 -26.30
N LYS E 483 38.15 -63.41 -27.46
CA LYS E 483 37.76 -62.69 -28.70
C LYS E 483 36.23 -62.62 -28.79
N CYS E 484 35.67 -61.49 -29.24
CA CYS E 484 34.19 -61.41 -29.21
C CYS E 484 33.57 -61.42 -30.60
N ASP E 485 32.69 -62.38 -30.85
CA ASP E 485 31.92 -62.49 -32.10
C ASP E 485 30.81 -61.47 -31.99
N ASP E 486 30.18 -61.13 -33.08
CA ASP E 486 29.17 -60.07 -32.99
C ASP E 486 28.14 -60.61 -32.03
N GLU E 487 27.84 -61.88 -32.02
CA GLU E 487 26.84 -62.30 -31.02
C GLU E 487 27.40 -61.97 -29.65
N CYS E 488 28.69 -62.18 -29.38
CA CYS E 488 29.27 -61.79 -28.07
C CYS E 488 28.93 -60.33 -27.85
N MET E 489 29.58 -59.48 -28.61
CA MET E 489 29.36 -58.02 -28.47
C MET E 489 27.89 -57.80 -28.10
N ASN E 490 26.97 -58.26 -28.96
CA ASN E 490 25.52 -58.20 -28.65
C ASN E 490 25.30 -58.50 -27.17
N SER E 491 25.94 -59.56 -26.66
CA SER E 491 25.68 -60.05 -25.31
C SER E 491 26.09 -59.01 -24.28
N VAL E 492 27.10 -58.21 -24.62
CA VAL E 492 27.56 -57.13 -23.76
C VAL E 492 26.57 -55.98 -23.84
N LYS E 493 26.09 -55.67 -25.04
CA LYS E 493 25.09 -54.63 -25.24
C LYS E 493 23.88 -54.93 -24.37
N ASN E 494 23.41 -56.18 -24.44
CA ASN E 494 22.31 -56.62 -23.55
C ASN E 494 22.92 -57.06 -22.22
N GLY E 495 22.10 -57.53 -21.29
CA GLY E 495 22.59 -58.00 -20.01
C GLY E 495 22.86 -59.50 -20.02
N THR E 496 23.55 -60.00 -21.05
CA THR E 496 23.69 -61.47 -21.21
C THR E 496 25.14 -61.82 -21.55
N TYR E 497 26.10 -61.12 -20.93
CA TYR E 497 27.49 -61.51 -21.15
C TYR E 497 28.12 -62.43 -20.08
N ASP E 498 28.91 -63.45 -20.54
CA ASP E 498 29.77 -64.36 -19.77
C ASP E 498 30.45 -65.27 -20.79
C1 NAG F . -3.63 32.51 -19.45
C2 NAG F . -4.81 32.58 -20.38
C3 NAG F . -4.43 31.81 -21.63
C4 NAG F . -3.19 32.42 -22.22
C5 NAG F . -2.07 32.38 -21.22
C6 NAG F . -0.79 33.03 -21.76
C7 NAG F . -7.20 32.55 -19.90
C8 NAG F . -8.32 31.56 -19.91
N2 NAG F . -5.99 32.04 -19.74
O3 NAG F . -5.48 31.92 -22.56
O4 NAG F . -2.77 31.55 -23.26
O5 NAG F . -2.49 33.08 -20.07
O6 NAG F . -0.95 34.39 -22.17
O7 NAG F . -7.42 33.73 -20.03
C1 NAG F . -2.62 32.15 -24.56
C2 NAG F . -2.60 30.94 -25.45
C3 NAG F . -2.75 31.32 -26.90
C4 NAG F . -3.98 32.18 -27.11
C5 NAG F . -3.95 33.37 -26.17
C6 NAG F . -5.23 34.20 -26.22
C7 NAG F . -1.15 29.15 -24.65
C8 NAG F . 0.26 28.71 -24.48
N2 NAG F . -1.31 30.32 -25.25
O3 NAG F . -2.97 30.15 -27.68
O4 NAG F . -4.01 32.58 -28.48
O5 NAG F . -3.78 32.94 -24.83
O6 NAG F . -5.07 35.33 -25.34
O7 NAG F . -2.07 28.47 -24.27
C1 NAG G . -14.45 15.21 30.45
C2 NAG G . -13.99 16.66 30.40
C3 NAG G . -12.47 16.65 30.56
C4 NAG G . -12.10 15.94 31.83
C5 NAG G . -12.65 14.53 31.83
C6 NAG G . -12.38 13.79 33.15
C7 NAG G . -15.39 18.12 29.10
C8 NAG G . -15.34 19.16 28.02
N2 NAG G . -14.36 17.28 29.15
O3 NAG G . -12.02 18.00 30.60
O4 NAG G . -10.68 15.86 31.87
O5 NAG G . -14.06 14.58 31.66
O6 NAG G . -13.15 14.33 34.23
O7 NAG G . -16.32 18.05 29.88
C1 NAG G . -10.12 16.51 33.03
C2 NAG G . -8.61 16.52 32.86
C3 NAG G . -7.98 17.30 33.99
C4 NAG G . -8.59 18.69 34.12
C5 NAG G . -10.10 18.59 34.24
C6 NAG G . -10.75 19.98 34.24
C7 NAG G . -8.11 14.27 31.93
C8 NAG G . -8.33 12.86 32.37
N2 NAG G . -8.10 15.16 32.91
O3 NAG G . -6.57 17.45 33.71
O4 NAG G . -8.07 19.34 35.29
O5 NAG G . -10.64 17.83 33.17
O6 NAG G . -10.51 20.64 33.01
O7 NAG G . -7.98 14.56 30.76
C1 NAG H . -43.47 -3.53 -11.03
C2 NAG H . -44.16 -3.53 -9.71
C3 NAG H . -43.75 -4.81 -9.02
C4 NAG H . -44.02 -6.03 -9.86
C5 NAG H . -43.34 -5.89 -11.20
C6 NAG H . -43.65 -7.03 -12.16
C7 NAG H . -44.17 -1.88 -7.90
C8 NAG H . -44.90 -0.58 -7.95
N2 NAG H . -43.74 -2.32 -9.05
O3 NAG H . -44.51 -4.92 -7.82
O4 NAG H . -43.46 -7.15 -9.20
O5 NAG H . -43.74 -4.68 -11.81
O6 NAG H . -45.03 -7.07 -12.52
O7 NAG H . -43.98 -2.47 -6.85
C1 NAG H . -44.36 -8.27 -9.12
C2 NAG H . -43.76 -9.39 -8.26
C3 NAG H . -44.70 -10.59 -8.25
C4 NAG H . -46.06 -10.14 -7.77
C5 NAG H . -46.58 -9.01 -8.62
C6 NAG H . -47.85 -8.52 -7.97
C7 NAG H . -42.19 -10.46 -9.81
C8 NAG H . -41.30 -11.65 -9.61
N2 NAG H . -42.42 -9.77 -8.70
O3 NAG H . -44.21 -11.62 -7.38
O4 NAG H . -46.99 -11.22 -7.87
O5 NAG H . -45.66 -7.94 -8.63
O6 NAG H . -47.54 -8.23 -6.61
O7 NAG H . -42.67 -10.17 -10.88
C1 NAG I . 44.55 -18.70 9.98
C2 NAG I . 44.70 -17.62 11.01
C3 NAG I . 44.99 -16.32 10.29
C4 NAG I . 46.21 -16.48 9.41
C5 NAG I . 45.98 -17.62 8.44
C6 NAG I . 47.16 -17.84 7.49
C7 NAG I . 43.10 -18.16 12.82
C8 NAG I . 41.68 -17.98 13.22
N2 NAG I . 43.48 -17.43 11.77
O3 NAG I . 45.17 -15.31 11.29
O4 NAG I . 46.43 -15.30 8.65
O5 NAG I . 45.70 -18.83 9.17
O6 NAG I . 48.13 -18.73 8.03
O7 NAG I . 43.85 -18.92 13.39
C1 NAG J . 24.88 -25.90 15.88
C2 NAG J . 24.22 -24.55 15.57
C3 NAG J . 22.94 -24.31 16.35
C4 NAG J . 21.99 -25.48 16.18
C5 NAG J . 22.69 -26.80 16.49
C6 NAG J . 21.81 -27.99 16.15
C7 NAG J . 25.02 -22.25 16.12
C8 NAG J . 26.03 -21.60 17.02
N2 NAG J . 25.22 -23.54 15.89
O3 NAG J . 22.30 -23.16 15.82
O4 NAG J . 20.88 -25.31 17.07
O5 NAG J . 23.89 -26.92 15.76
O6 NAG J . 21.99 -28.36 14.77
O7 NAG J . 24.09 -21.62 15.65
C1 NAG K . 30.91 3.55 1.31
C2 NAG K . 31.58 4.64 2.13
C3 NAG K . 33.04 4.83 1.72
C4 NAG K . 33.78 3.51 1.78
C5 NAG K . 33.05 2.45 0.97
C6 NAG K . 33.70 1.09 1.20
C7 NAG K . 30.36 6.53 0.97
C8 NAG K . 28.87 6.53 0.78
N2 NAG K . 30.83 5.91 2.06
O3 NAG K . 33.66 5.75 2.63
O4 NAG K . 35.12 3.65 1.30
O5 NAG K . 31.69 2.36 1.37
O6 NAG K . 33.62 0.71 2.58
O7 NAG K . 31.08 7.11 0.18
C1 NAG L . 52.73 -30.54 -18.56
C2 NAG L . 54.05 -30.97 -17.97
C3 NAG L . 55.16 -31.09 -19.00
C4 NAG L . 54.72 -31.81 -20.24
C5 NAG L . 53.36 -31.34 -20.77
C6 NAG L . 52.86 -32.24 -21.89
C7 NAG L . 54.00 -29.54 -15.90
C8 NAG L . 54.43 -28.20 -15.40
N2 NAG L . 54.49 -29.91 -17.09
O3 NAG L . 56.19 -31.88 -18.41
O4 NAG L . 55.70 -31.58 -21.25
O5 NAG L . 52.37 -31.23 -19.75
O6 NAG L . 51.90 -31.48 -22.65
O7 NAG L . 53.24 -30.23 -15.23
C1 NAG M . 4.17 -55.00 6.33
C2 NAG M . 2.69 -54.90 6.70
C3 NAG M . 2.56 -54.36 8.11
C4 NAG M . 3.32 -55.26 9.05
C5 NAG M . 4.78 -55.35 8.61
C6 NAG M . 5.58 -56.32 9.46
C7 NAG M . 1.35 -54.58 4.73
C8 NAG M . 1.01 -53.61 3.64
N2 NAG M . 1.95 -54.06 5.78
O3 NAG M . 1.18 -54.31 8.49
O4 NAG M . 3.21 -54.74 10.38
O5 NAG M . 4.84 -55.84 7.26
O6 NAG M . 5.54 -55.96 10.84
O7 NAG M . 1.09 -55.77 4.65
C1 NAG N . 0.05 -41.98 -11.78
C2 NAG N . -0.01 -41.86 -13.30
C3 NAG N . -1.32 -41.29 -13.78
C4 NAG N . -2.49 -42.06 -13.20
C5 NAG N . -2.37 -42.17 -11.69
C6 NAG N . -3.45 -43.10 -11.16
C7 NAG N . 1.87 -41.40 -14.74
C8 NAG N . 2.29 -40.33 -15.71
N2 NAG N . 1.06 -41.01 -13.76
O3 NAG N . -1.38 -41.39 -15.20
O4 NAG N . -3.71 -41.39 -13.54
O5 NAG N . -1.10 -42.69 -11.30
O6 NAG N . -3.30 -44.40 -11.72
O7 NAG N . 2.28 -42.55 -14.85
C1 NAG O . -6.50 -31.40 18.69
C2 NAG O . -7.47 -32.35 19.39
C3 NAG O . -6.85 -32.98 20.63
C4 NAG O . -5.51 -33.59 20.31
C5 NAG O . -4.60 -32.60 19.59
C6 NAG O . -3.34 -33.29 19.08
C7 NAG O . -9.90 -32.12 19.46
C8 NAG O . -11.04 -31.35 20.07
N2 NAG O . -8.69 -31.65 19.75
O3 NAG O . -7.74 -33.98 21.13
O4 NAG O . -4.88 -34.00 21.53
O5 NAG O . -5.25 -32.03 18.46
O6 NAG O . -3.68 -34.17 17.99
O7 NAG O . -10.09 -33.10 18.76
C1 NAG P . 34.37 -53.89 15.12
C2 NAG P . 33.64 -53.94 16.46
C3 NAG P . 34.21 -55.02 17.37
C4 NAG P . 34.37 -56.33 16.62
C5 NAG P . 35.10 -56.11 15.31
C6 NAG P . 35.27 -57.43 14.56
C7 NAG P . 32.89 -51.69 16.85
C8 NAG P . 31.47 -51.96 17.25
N2 NAG P . 33.75 -52.65 17.12
O3 NAG P . 33.33 -55.21 18.48
O4 NAG P . 35.10 -57.27 17.42
O5 NAG P . 34.37 -55.19 14.53
O6 NAG P . 36.62 -57.89 14.68
O7 NAG P . 33.23 -50.64 16.31
C1 NAG Q . 23.28 -30.03 -38.98
C2 NAG Q . 23.04 -29.05 -40.11
C3 NAG Q . 21.56 -29.07 -40.43
C4 NAG Q . 21.14 -30.49 -40.75
C5 NAG Q . 21.49 -31.42 -39.59
C6 NAG Q . 21.15 -32.84 -39.96
C7 NAG Q . 24.67 -27.23 -39.88
C8 NAG Q . 24.84 -25.78 -39.60
N2 NAG Q . 23.43 -27.70 -39.76
O3 NAG Q . 21.32 -28.22 -41.55
O4 NAG Q . 19.73 -30.50 -40.96
O5 NAG Q . 22.87 -31.36 -39.31
O6 NAG Q . 21.92 -33.17 -41.12
O7 NAG Q . 25.61 -27.95 -40.19
C1 NAG R . 27.91 -15.46 -24.17
C2 NAG R . 28.30 -14.38 -23.18
C3 NAG R . 27.67 -13.06 -23.61
C4 NAG R . 28.12 -12.76 -25.02
C5 NAG R . 27.74 -13.90 -25.95
C6 NAG R . 28.23 -13.65 -27.36
C7 NAG R . 28.77 -14.83 -20.86
C8 NAG R . 28.32 -14.32 -19.53
N2 NAG R . 27.89 -14.72 -21.83
O3 NAG R . 28.07 -12.02 -22.71
O4 NAG R . 27.52 -11.54 -25.48
O5 NAG R . 28.33 -15.11 -25.48
O6 NAG R . 29.66 -13.74 -27.40
O7 NAG R . 29.89 -15.31 -21.03
C1 NAG S . -0.87 -20.42 -34.80
C2 NAG S . -2.23 -20.26 -35.48
C3 NAG S . -2.53 -21.36 -36.46
C4 NAG S . -1.39 -21.58 -37.45
C5 NAG S . -0.05 -21.70 -36.72
C6 NAG S . 1.11 -21.64 -37.71
C7 NAG S . -4.11 -19.28 -34.28
C8 NAG S . -5.12 -19.48 -33.19
N2 NAG S . -3.28 -20.30 -34.48
O3 NAG S . -3.69 -20.96 -37.17
O4 NAG S . -1.61 -22.75 -38.24
O5 NAG S . 0.14 -20.64 -35.78
O6 NAG S . 0.93 -22.56 -38.80
O7 NAG S . -4.05 -18.26 -34.93
C1 NAG T . 20.81 -59.28 -26.64
C2 NAG T . 20.80 -60.32 -27.75
C3 NAG T . 19.79 -59.91 -28.81
C4 NAG T . 18.44 -59.75 -28.16
C5 NAG T . 18.53 -58.72 -27.03
C6 NAG T . 17.19 -58.56 -26.34
C7 NAG T . 22.95 -61.41 -27.88
C8 NAG T . 23.47 -62.35 -28.92
N2 NAG T . 22.12 -60.47 -28.31
O3 NAG T . 19.73 -60.92 -29.83
O4 NAG T . 17.48 -59.31 -29.13
O5 NAG T . 19.51 -59.14 -26.07
O6 NAG T . 16.71 -59.85 -25.91
O7 NAG T . 23.27 -61.51 -26.70
#